data_2KKQ
#
_entry.id   2KKQ
#
_entity_poly.entity_id   1
_entity_poly.type   'polypeptide(L)'
_entity_poly.pdbx_seq_one_letter_code
;MGHHHHHHSHEHKRAPMFIYKPQSKKVLEGDSVKLECQISAIPPPKLFWKRNNEMVQFNTDRISLYQDNTGRVTLLIKDV
NKKDAGWYTVSAVNEAGVTTCNTRLDVTARPNQTLP
;
_entity_poly.pdbx_strand_id   A
#
# COMPACT_ATOMS: atom_id res chain seq x y z
N MET A 1 -16.46 -50.60 -3.74
CA MET A 1 -16.76 -49.19 -3.36
C MET A 1 -15.64 -48.24 -3.78
N GLY A 2 -15.84 -46.94 -3.57
CA GLY A 2 -14.83 -45.95 -3.95
C GLY A 2 -14.87 -45.58 -5.43
N HIS A 3 -16.01 -45.06 -5.89
CA HIS A 3 -16.20 -44.71 -7.30
C HIS A 3 -15.76 -43.26 -7.61
N HIS A 4 -15.42 -42.51 -6.57
CA HIS A 4 -15.00 -41.11 -6.73
C HIS A 4 -13.67 -40.99 -7.53
N HIS A 5 -13.76 -40.57 -8.78
CA HIS A 5 -12.56 -40.33 -9.59
C HIS A 5 -12.10 -38.87 -9.44
N HIS A 6 -11.19 -38.65 -8.50
CA HIS A 6 -10.72 -37.30 -8.13
C HIS A 6 -10.01 -36.58 -9.29
N HIS A 7 -10.48 -35.38 -9.61
CA HIS A 7 -9.84 -34.53 -10.61
C HIS A 7 -8.73 -33.67 -9.97
N HIS A 8 -7.84 -33.12 -10.79
CA HIS A 8 -6.69 -32.37 -10.29
C HIS A 8 -6.20 -31.31 -11.29
N SER A 9 -5.70 -30.19 -10.77
CA SER A 9 -5.14 -29.12 -11.60
C SER A 9 -3.61 -29.09 -11.53
N HIS A 10 -2.98 -28.45 -12.51
CA HIS A 10 -1.52 -28.30 -12.54
C HIS A 10 -1.10 -26.82 -12.66
N GLU A 11 -1.87 -25.94 -12.02
CA GLU A 11 -1.59 -24.50 -12.05
C GLU A 11 -0.73 -24.06 -10.86
N HIS A 12 -0.18 -22.85 -10.94
CA HIS A 12 0.75 -22.33 -9.93
C HIS A 12 0.07 -21.36 -8.94
N LYS A 13 0.13 -21.68 -7.66
CA LYS A 13 -0.38 -20.81 -6.59
C LYS A 13 0.76 -20.36 -5.64
N ARG A 14 0.95 -19.04 -5.51
CA ARG A 14 2.00 -18.48 -4.66
C ARG A 14 1.43 -17.49 -3.61
N ALA A 15 1.80 -17.68 -2.35
CA ALA A 15 1.36 -16.79 -1.26
C ALA A 15 2.14 -15.46 -1.27
N PRO A 16 1.49 -14.34 -0.90
CA PRO A 16 2.11 -13.01 -0.94
C PRO A 16 3.26 -12.82 0.07
N MET A 17 4.27 -12.05 -0.32
CA MET A 17 5.45 -11.81 0.50
C MET A 17 6.02 -10.39 0.29
N PHE A 18 6.21 -9.65 1.38
CA PHE A 18 6.86 -8.33 1.32
C PHE A 18 8.39 -8.46 1.24
N ILE A 19 8.95 -8.24 0.05
CA ILE A 19 10.41 -8.30 -0.14
C ILE A 19 11.09 -7.09 0.53
N TYR A 20 10.39 -5.96 0.55
CA TYR A 20 10.91 -4.73 1.19
C TYR A 20 9.82 -4.11 2.09
N LYS A 21 10.23 -3.64 3.26
CA LYS A 21 9.29 -3.01 4.20
C LYS A 21 9.32 -1.47 4.10
N PRO A 22 8.14 -0.81 4.03
CA PRO A 22 8.06 0.66 3.96
C PRO A 22 8.52 1.34 5.26
N GLN A 23 9.52 2.22 5.15
CA GLN A 23 10.08 2.90 6.32
C GLN A 23 9.55 4.33 6.47
N SER A 24 9.38 4.74 7.72
CA SER A 24 8.67 5.99 8.07
C SER A 24 9.22 7.24 7.35
N LYS A 25 8.39 8.26 7.25
CA LYS A 25 8.77 9.55 6.64
C LYS A 25 8.07 10.72 7.34
N LYS A 26 8.76 11.85 7.43
CA LYS A 26 8.16 13.09 7.94
C LYS A 26 8.22 14.20 6.87
N VAL A 27 7.10 14.90 6.69
CA VAL A 27 6.99 15.96 5.68
C VAL A 27 6.30 17.22 6.24
N LEU A 28 6.21 18.26 5.42
CA LEU A 28 5.56 19.52 5.82
C LEU A 28 4.13 19.63 5.27
N GLU A 29 3.31 20.47 5.91
CA GLU A 29 1.90 20.64 5.51
C GLU A 29 1.79 21.23 4.09
N GLY A 30 1.35 20.40 3.15
CA GLY A 30 1.21 20.83 1.76
C GLY A 30 2.18 20.12 0.82
N ASP A 31 3.02 19.25 1.36
CA ASP A 31 3.97 18.47 0.56
C ASP A 31 3.49 17.02 0.34
N SER A 32 4.32 16.23 -0.34
CA SER A 32 3.96 14.85 -0.68
C SER A 32 4.96 13.82 -0.13
N VAL A 33 4.51 12.57 -0.04
CA VAL A 33 5.35 11.46 0.40
C VAL A 33 5.01 10.19 -0.39
N LYS A 34 5.98 9.28 -0.53
CA LYS A 34 5.75 8.01 -1.23
C LYS A 34 6.02 6.81 -0.29
N LEU A 35 5.11 5.83 -0.32
CA LEU A 35 5.29 4.58 0.42
C LEU A 35 5.20 3.39 -0.54
N GLU A 36 6.31 2.69 -0.75
CA GLU A 36 6.35 1.60 -1.73
C GLU A 36 7.00 0.33 -1.19
N CYS A 37 6.60 -0.81 -1.75
CA CYS A 37 7.13 -2.12 -1.37
C CYS A 37 6.99 -3.12 -2.52
N GLN A 38 7.73 -4.23 -2.46
CA GLN A 38 7.67 -5.28 -3.48
C GLN A 38 6.97 -6.53 -2.94
N ILE A 39 5.88 -6.93 -3.60
CA ILE A 39 5.12 -8.14 -3.20
C ILE A 39 5.14 -9.20 -4.31
N SER A 40 5.56 -10.42 -3.97
CA SER A 40 5.55 -11.54 -4.92
C SER A 40 4.41 -12.52 -4.62
N ALA A 41 3.32 -12.44 -5.40
CA ALA A 41 2.17 -13.34 -5.23
C ALA A 41 1.67 -13.89 -6.57
N ILE A 42 1.00 -15.04 -6.53
CA ILE A 42 0.35 -15.63 -7.72
C ILE A 42 -0.98 -16.30 -7.32
N PRO A 43 -2.15 -15.72 -7.68
CA PRO A 43 -2.26 -14.46 -8.42
C PRO A 43 -2.05 -13.20 -7.54
N PRO A 44 -2.03 -11.98 -8.13
CA PRO A 44 -1.92 -10.73 -7.36
C PRO A 44 -3.02 -10.60 -6.29
N PRO A 45 -2.65 -10.23 -5.05
CA PRO A 45 -3.59 -10.19 -3.92
C PRO A 45 -4.37 -8.87 -3.80
N LYS A 46 -5.41 -8.87 -2.97
CA LYS A 46 -6.20 -7.65 -2.72
C LYS A 46 -5.51 -6.75 -1.69
N LEU A 47 -5.35 -5.47 -2.04
CA LEU A 47 -4.62 -4.52 -1.19
C LEU A 47 -5.57 -3.66 -0.35
N PHE A 48 -5.22 -3.46 0.93
CA PHE A 48 -6.00 -2.60 1.84
C PHE A 48 -5.09 -1.61 2.57
N TRP A 49 -5.52 -0.36 2.71
CA TRP A 49 -4.77 0.66 3.45
C TRP A 49 -5.62 1.30 4.57
N LYS A 50 -5.04 1.38 5.76
CA LYS A 50 -5.73 1.94 6.93
C LYS A 50 -4.85 2.96 7.68
N ARG A 51 -5.40 4.14 7.97
CA ARG A 51 -4.69 5.19 8.72
C ARG A 51 -5.41 5.51 10.05
N ASN A 52 -4.74 5.25 11.18
CA ASN A 52 -5.33 5.55 12.51
C ASN A 52 -6.68 4.81 12.70
N ASN A 53 -6.78 3.59 12.17
CA ASN A 53 -8.02 2.80 12.20
C ASN A 53 -9.13 3.46 11.34
N GLU A 54 -8.72 4.30 10.40
CA GLU A 54 -9.63 4.87 9.40
C GLU A 54 -9.37 4.24 8.02
N MET A 55 -10.44 3.83 7.34
CA MET A 55 -10.32 3.23 6.01
C MET A 55 -9.91 4.28 4.96
N VAL A 56 -8.72 4.11 4.38
CA VAL A 56 -8.19 5.07 3.40
C VAL A 56 -8.77 4.83 2.00
N GLN A 57 -9.43 5.85 1.45
CA GLN A 57 -9.97 5.78 0.09
C GLN A 57 -9.07 6.53 -0.90
N PHE A 58 -9.11 6.12 -2.17
CA PHE A 58 -8.19 6.64 -3.19
C PHE A 58 -8.93 7.46 -4.26
N ASN A 59 -10.07 8.03 -3.89
CA ASN A 59 -10.92 8.78 -4.84
C ASN A 59 -10.56 10.28 -4.89
N THR A 60 -9.37 10.64 -4.44
CA THR A 60 -8.96 12.05 -4.39
C THR A 60 -7.54 12.27 -4.90
N ASP A 61 -7.22 13.52 -5.24
CA ASP A 61 -5.88 13.88 -5.70
C ASP A 61 -4.85 13.80 -4.56
N ARG A 62 -5.31 13.98 -3.32
CA ARG A 62 -4.43 13.94 -2.14
C ARG A 62 -3.94 12.52 -1.84
N ILE A 63 -4.63 11.51 -2.37
CA ILE A 63 -4.27 10.10 -2.15
C ILE A 63 -4.36 9.28 -3.46
N SER A 64 -3.27 8.60 -3.82
CA SER A 64 -3.25 7.76 -5.03
C SER A 64 -2.47 6.46 -4.78
N LEU A 65 -2.93 5.36 -5.39
CA LEU A 65 -2.30 4.05 -5.19
C LEU A 65 -2.25 3.25 -6.52
N TYR A 66 -1.09 2.65 -6.81
CA TYR A 66 -0.97 1.74 -7.95
C TYR A 66 -0.04 0.55 -7.64
N GLN A 67 -0.28 -0.57 -8.31
CA GLN A 67 0.61 -1.73 -8.22
C GLN A 67 1.25 -2.03 -9.58
N ASP A 68 2.55 -2.31 -9.58
CA ASP A 68 3.31 -2.57 -10.80
C ASP A 68 3.40 -4.10 -11.06
N ASN A 69 3.81 -4.47 -12.28
CA ASN A 69 3.97 -5.89 -12.66
C ASN A 69 5.09 -6.57 -11.83
N THR A 70 6.05 -5.78 -11.37
CA THR A 70 7.13 -6.28 -10.50
C THR A 70 6.61 -6.58 -9.08
N GLY A 71 5.34 -6.26 -8.84
CA GLY A 71 4.77 -6.39 -7.51
C GLY A 71 4.98 -5.14 -6.66
N ARG A 72 5.45 -4.06 -7.29
CA ARG A 72 5.70 -2.80 -6.60
C ARG A 72 4.39 -2.08 -6.26
N VAL A 73 4.04 -2.04 -4.98
CA VAL A 73 2.86 -1.31 -4.52
C VAL A 73 3.27 0.08 -4.00
N THR A 74 2.80 1.14 -4.66
CA THR A 74 3.22 2.51 -4.33
C THR A 74 2.03 3.40 -3.96
N LEU A 75 2.07 3.95 -2.74
CA LEU A 75 1.08 4.91 -2.27
C LEU A 75 1.64 6.34 -2.29
N LEU A 76 0.97 7.25 -2.99
CA LEU A 76 1.38 8.65 -3.08
C LEU A 76 0.41 9.55 -2.30
N ILE A 77 0.93 10.20 -1.25
CA ILE A 77 0.13 11.11 -0.42
C ILE A 77 0.53 12.57 -0.69
N LYS A 78 -0.40 13.34 -1.26
CA LYS A 78 -0.14 14.75 -1.60
C LYS A 78 -0.83 15.72 -0.63
N ASP A 79 -0.26 16.92 -0.50
CA ASP A 79 -0.91 18.03 0.20
C ASP A 79 -1.31 17.64 1.65
N VAL A 80 -0.59 16.69 2.22
CA VAL A 80 -0.92 16.18 3.56
C VAL A 80 -0.61 17.23 4.64
N ASN A 81 -1.55 17.41 5.57
CA ASN A 81 -1.35 18.33 6.70
C ASN A 81 -1.51 17.59 8.04
N LYS A 82 -1.37 18.32 9.15
CA LYS A 82 -1.39 17.72 10.50
C LYS A 82 -2.57 16.74 10.71
N LYS A 83 -3.75 17.13 10.24
CA LYS A 83 -4.98 16.33 10.39
C LYS A 83 -4.92 15.00 9.61
N ASP A 84 -4.05 14.92 8.61
CA ASP A 84 -3.94 13.71 7.78
C ASP A 84 -2.79 12.79 8.22
N ALA A 85 -2.06 13.18 9.26
CA ALA A 85 -0.93 12.38 9.75
C ALA A 85 -1.40 11.22 10.64
N GLY A 86 -0.71 10.09 10.55
CA GLY A 86 -1.08 8.93 11.36
C GLY A 86 -0.23 7.69 11.08
N TRP A 87 -0.62 6.57 11.69
CA TRP A 87 -0.03 5.27 11.37
C TRP A 87 -0.83 4.56 10.27
N TYR A 88 -0.15 4.21 9.18
CA TYR A 88 -0.77 3.50 8.06
C TYR A 88 -0.57 1.98 8.18
N THR A 89 -1.49 1.22 7.61
CA THR A 89 -1.43 -0.25 7.67
C THR A 89 -1.83 -0.85 6.32
N VAL A 90 -0.91 -1.57 5.68
CA VAL A 90 -1.19 -2.20 4.38
C VAL A 90 -1.37 -3.72 4.52
N SER A 91 -2.42 -4.24 3.91
CA SER A 91 -2.71 -5.68 3.91
C SER A 91 -2.84 -6.23 2.49
N ALA A 92 -2.23 -7.38 2.25
CA ALA A 92 -2.35 -8.09 0.96
C ALA A 92 -2.88 -9.51 1.16
N VAL A 93 -4.08 -9.78 0.64
CA VAL A 93 -4.73 -11.08 0.87
C VAL A 93 -4.92 -11.89 -0.43
N ASN A 94 -4.26 -13.05 -0.48
CA ASN A 94 -4.46 -14.05 -1.53
C ASN A 94 -5.11 -15.30 -0.91
N GLU A 95 -5.81 -16.11 -1.70
CA GLU A 95 -6.42 -17.33 -1.16
C GLU A 95 -5.35 -18.27 -0.58
N ALA A 96 -4.16 -18.26 -1.19
CA ALA A 96 -3.04 -19.08 -0.74
C ALA A 96 -2.43 -18.59 0.59
N GLY A 97 -2.61 -17.29 0.90
CA GLY A 97 -2.04 -16.73 2.12
C GLY A 97 -2.27 -15.22 2.26
N VAL A 98 -1.99 -14.67 3.44
CA VAL A 98 -2.19 -13.24 3.71
C VAL A 98 -1.02 -12.62 4.49
N THR A 99 -0.68 -11.37 4.20
CA THR A 99 0.40 -10.66 4.89
C THR A 99 0.05 -9.18 5.13
N THR A 100 0.47 -8.64 6.27
CA THR A 100 0.15 -7.25 6.66
C THR A 100 1.36 -6.55 7.29
N CYS A 101 1.56 -5.28 6.94
CA CYS A 101 2.67 -4.48 7.49
C CYS A 101 2.21 -3.06 7.87
N ASN A 102 2.78 -2.51 8.94
CA ASN A 102 2.44 -1.15 9.39
C ASN A 102 3.50 -0.12 8.94
N THR A 103 3.09 1.14 8.84
CA THR A 103 3.97 2.23 8.39
C THR A 103 3.65 3.54 9.15
N ARG A 104 4.66 4.37 9.40
CA ARG A 104 4.46 5.64 10.12
C ARG A 104 4.67 6.87 9.21
N LEU A 105 3.82 7.88 9.35
CA LEU A 105 3.96 9.14 8.63
C LEU A 105 3.81 10.35 9.57
N ASP A 106 4.81 11.21 9.60
CA ASP A 106 4.78 12.42 10.43
C ASP A 106 4.64 13.69 9.56
N VAL A 107 3.92 14.69 10.08
CA VAL A 107 3.71 15.95 9.35
C VAL A 107 4.00 17.16 10.26
N THR A 108 4.61 18.18 9.69
CA THR A 108 4.98 19.40 10.43
C THR A 108 4.51 20.65 9.66
N ALA A 109 4.16 21.71 10.39
CA ALA A 109 3.61 22.93 9.78
C ALA A 109 4.68 23.74 9.03
N ARG A 110 4.32 24.26 7.85
CA ARG A 110 5.25 25.11 7.08
C ARG A 110 5.29 26.54 7.66
N PRO A 111 6.48 27.17 7.69
CA PRO A 111 6.64 28.54 8.23
C PRO A 111 5.93 29.62 7.40
N ASN A 112 5.52 29.25 6.19
CA ASN A 112 4.78 30.15 5.32
C ASN A 112 3.92 29.37 4.31
N GLN A 113 2.67 29.78 4.16
CA GLN A 113 1.76 29.19 3.16
C GLN A 113 1.25 30.26 2.19
N THR A 114 0.64 29.83 1.09
CA THR A 114 0.13 30.75 0.06
C THR A 114 -0.91 31.73 0.66
N LEU A 115 -0.46 32.96 0.94
CA LEU A 115 -1.30 33.98 1.57
C LEU A 115 -2.04 34.85 0.52
N PRO A 116 -3.13 35.53 0.93
CA PRO A 116 -3.87 36.47 0.06
C PRO A 116 -3.05 37.74 -0.30
N MET A 1 4.16 -41.32 -11.35
CA MET A 1 2.71 -41.26 -11.65
C MET A 1 2.35 -42.07 -12.92
N GLY A 2 3.36 -42.42 -13.71
CA GLY A 2 3.12 -43.15 -14.96
C GLY A 2 2.50 -42.27 -16.04
N HIS A 3 1.21 -41.96 -15.89
CA HIS A 3 0.52 -41.08 -16.84
C HIS A 3 0.90 -39.62 -16.60
N HIS A 4 1.95 -39.17 -17.30
CA HIS A 4 2.48 -37.80 -17.14
C HIS A 4 1.39 -36.71 -17.28
N HIS A 5 0.95 -36.19 -16.14
CA HIS A 5 -0.03 -35.09 -16.11
C HIS A 5 0.30 -34.08 -14.99
N HIS A 6 -0.01 -32.80 -15.23
CA HIS A 6 0.24 -31.75 -14.24
C HIS A 6 -0.97 -31.59 -13.29
N HIS A 7 -0.94 -32.28 -12.15
CA HIS A 7 -2.02 -32.18 -11.17
C HIS A 7 -1.50 -31.75 -9.79
N HIS A 8 -0.22 -31.98 -9.52
CA HIS A 8 0.42 -31.55 -8.26
C HIS A 8 0.38 -30.02 -8.14
N SER A 9 0.43 -29.34 -9.29
CA SER A 9 0.26 -27.88 -9.36
C SER A 9 -0.10 -27.46 -10.79
N HIS A 10 -1.40 -27.43 -11.08
CA HIS A 10 -1.88 -27.03 -12.41
C HIS A 10 -1.82 -25.51 -12.58
N GLU A 11 -2.25 -24.80 -11.54
CA GLU A 11 -2.22 -23.33 -11.53
C GLU A 11 -1.02 -22.84 -10.72
N HIS A 12 -0.37 -21.77 -11.18
CA HIS A 12 0.77 -21.20 -10.45
C HIS A 12 0.26 -20.30 -9.33
N LYS A 13 0.43 -20.75 -8.09
CA LYS A 13 0.01 -19.97 -6.92
C LYS A 13 1.20 -19.65 -6.00
N ARG A 14 1.29 -18.41 -5.53
CA ARG A 14 2.32 -18.00 -4.57
C ARG A 14 1.73 -17.07 -3.50
N ALA A 15 1.92 -17.42 -2.23
CA ALA A 15 1.45 -16.59 -1.12
C ALA A 15 2.21 -15.26 -1.05
N PRO A 16 1.50 -14.13 -0.80
CA PRO A 16 2.12 -12.79 -0.75
C PRO A 16 3.18 -12.66 0.37
N MET A 17 4.34 -12.11 0.01
CA MET A 17 5.44 -11.91 0.95
C MET A 17 6.07 -10.51 0.79
N PHE A 18 6.22 -9.80 1.92
CA PHE A 18 6.89 -8.49 1.92
C PHE A 18 8.42 -8.64 1.85
N ILE A 19 8.99 -8.36 0.68
CA ILE A 19 10.44 -8.42 0.50
C ILE A 19 11.13 -7.18 1.10
N TYR A 20 10.43 -6.05 1.07
CA TYR A 20 10.91 -4.81 1.68
C TYR A 20 9.82 -4.15 2.53
N LYS A 21 10.20 -3.55 3.65
CA LYS A 21 9.25 -2.83 4.51
C LYS A 21 9.12 -1.35 4.07
N PRO A 22 7.90 -0.78 4.18
CA PRO A 22 7.64 0.62 3.78
C PRO A 22 8.48 1.63 4.59
N GLN A 23 8.97 2.66 3.90
CA GLN A 23 9.87 3.65 4.52
C GLN A 23 9.11 4.85 5.10
N SER A 24 9.19 5.01 6.41
CA SER A 24 8.52 6.11 7.12
C SER A 24 9.24 7.45 6.86
N LYS A 25 8.51 8.43 6.33
CA LYS A 25 9.08 9.75 6.01
C LYS A 25 8.36 10.87 6.76
N LYS A 26 9.08 11.97 6.99
CA LYS A 26 8.51 13.18 7.58
C LYS A 26 8.53 14.36 6.59
N VAL A 27 7.34 14.88 6.26
CA VAL A 27 7.22 15.95 5.27
C VAL A 27 6.62 17.24 5.87
N LEU A 28 6.50 18.28 5.05
CA LEU A 28 5.83 19.53 5.45
C LEU A 28 4.37 19.55 4.95
N GLU A 29 3.58 20.49 5.46
CA GLU A 29 2.17 20.60 5.08
C GLU A 29 2.00 21.09 3.63
N GLY A 30 1.25 20.33 2.83
CA GLY A 30 1.03 20.68 1.43
C GLY A 30 1.95 19.96 0.47
N ASP A 31 2.91 19.22 1.01
CA ASP A 31 3.86 18.44 0.19
C ASP A 31 3.32 17.05 -0.16
N SER A 32 4.20 16.18 -0.66
CA SER A 32 3.83 14.82 -1.02
C SER A 32 4.85 13.79 -0.51
N VAL A 33 4.36 12.61 -0.13
CA VAL A 33 5.23 11.53 0.36
C VAL A 33 5.05 10.26 -0.49
N LYS A 34 6.13 9.49 -0.66
CA LYS A 34 6.10 8.25 -1.43
C LYS A 34 6.35 7.02 -0.54
N LEU A 35 5.37 6.13 -0.48
CA LEU A 35 5.48 4.89 0.29
C LEU A 35 5.48 3.67 -0.64
N GLU A 36 6.59 2.94 -0.71
CA GLU A 36 6.70 1.80 -1.63
C GLU A 36 7.33 0.55 -0.96
N CYS A 37 6.81 -0.62 -1.32
CA CYS A 37 7.33 -1.91 -0.84
C CYS A 37 7.12 -3.01 -1.90
N GLN A 38 7.80 -4.14 -1.73
CA GLN A 38 7.68 -5.26 -2.68
C GLN A 38 6.90 -6.44 -2.07
N ILE A 39 5.76 -6.77 -2.68
CA ILE A 39 4.99 -7.95 -2.28
C ILE A 39 4.95 -8.97 -3.43
N SER A 40 5.54 -10.14 -3.24
CA SER A 40 5.55 -11.17 -4.28
C SER A 40 4.39 -12.14 -4.10
N ALA A 41 3.33 -11.96 -4.91
CA ALA A 41 2.15 -12.82 -4.85
C ALA A 41 1.71 -13.27 -6.26
N ILE A 42 1.23 -14.51 -6.36
CA ILE A 42 0.69 -15.03 -7.64
C ILE A 42 -0.64 -15.78 -7.39
N PRO A 43 -1.78 -15.26 -7.86
CA PRO A 43 -1.87 -13.96 -8.56
C PRO A 43 -1.80 -12.74 -7.62
N PRO A 44 -1.60 -11.52 -8.16
CA PRO A 44 -1.59 -10.28 -7.36
C PRO A 44 -2.77 -10.17 -6.37
N PRO A 45 -2.50 -9.73 -5.13
CA PRO A 45 -3.50 -9.72 -4.04
C PRO A 45 -4.28 -8.40 -3.92
N LYS A 46 -5.33 -8.41 -3.10
CA LYS A 46 -6.11 -7.21 -2.80
C LYS A 46 -5.45 -6.41 -1.68
N LEU A 47 -5.26 -5.10 -1.90
CA LEU A 47 -4.56 -4.24 -0.93
C LEU A 47 -5.56 -3.44 -0.07
N PHE A 48 -5.45 -3.59 1.25
CA PHE A 48 -6.26 -2.82 2.20
C PHE A 48 -5.38 -1.89 3.05
N TRP A 49 -5.60 -0.58 2.93
CA TRP A 49 -4.85 0.41 3.72
C TRP A 49 -5.72 1.06 4.81
N LYS A 50 -5.28 0.98 6.05
CA LYS A 50 -5.97 1.61 7.18
C LYS A 50 -5.02 2.50 7.99
N ARG A 51 -5.41 3.75 8.21
CA ARG A 51 -4.66 4.70 9.04
C ARG A 51 -5.38 4.95 10.38
N ASN A 52 -4.77 4.51 11.49
CA ASN A 52 -5.29 4.83 12.82
C ASN A 52 -6.81 4.56 12.93
N ASN A 53 -7.21 3.29 12.75
CA ASN A 53 -8.62 2.86 12.84
C ASN A 53 -9.47 3.31 11.63
N GLU A 54 -8.96 4.24 10.82
CA GLU A 54 -9.69 4.73 9.63
C GLU A 54 -9.17 4.07 8.35
N MET A 55 -10.06 3.79 7.40
CA MET A 55 -9.65 3.24 6.10
C MET A 55 -9.40 4.36 5.07
N VAL A 56 -8.37 4.20 4.26
CA VAL A 56 -7.93 5.26 3.33
C VAL A 56 -8.85 5.38 2.10
N GLN A 57 -9.12 6.62 1.69
CA GLN A 57 -9.95 6.91 0.51
C GLN A 57 -9.08 7.24 -0.71
N PHE A 58 -9.15 6.40 -1.76
CA PHE A 58 -8.31 6.57 -2.95
C PHE A 58 -9.05 7.30 -4.08
N ASN A 59 -10.19 7.90 -3.76
CA ASN A 59 -11.04 8.56 -4.77
C ASN A 59 -10.57 10.01 -5.09
N THR A 60 -9.66 10.54 -4.28
CA THR A 60 -9.19 11.93 -4.45
C THR A 60 -7.78 11.99 -5.06
N ASP A 61 -7.40 13.17 -5.54
CA ASP A 61 -6.05 13.39 -6.10
C ASP A 61 -4.98 13.35 -5.00
N ARG A 62 -5.40 13.56 -3.75
CA ARG A 62 -4.48 13.53 -2.61
C ARG A 62 -3.96 12.11 -2.34
N ILE A 63 -4.72 11.09 -2.73
CA ILE A 63 -4.33 9.70 -2.46
C ILE A 63 -4.35 8.85 -3.74
N SER A 64 -3.22 8.22 -4.05
CA SER A 64 -3.11 7.34 -5.22
C SER A 64 -2.38 6.03 -4.86
N LEU A 65 -2.93 4.90 -5.30
CA LEU A 65 -2.33 3.59 -4.99
C LEU A 65 -2.29 2.69 -6.23
N TYR A 66 -1.12 2.10 -6.50
CA TYR A 66 -0.98 1.13 -7.59
C TYR A 66 -0.05 -0.02 -7.18
N GLN A 67 -0.20 -1.16 -7.84
CA GLN A 67 0.72 -2.29 -7.69
C GLN A 67 1.33 -2.67 -9.05
N ASP A 68 2.65 -2.65 -9.12
CA ASP A 68 3.37 -2.83 -10.39
C ASP A 68 3.47 -4.31 -10.79
N ASN A 69 3.83 -4.56 -12.06
CA ASN A 69 4.03 -5.91 -12.58
C ASN A 69 5.06 -6.71 -11.75
N THR A 70 6.07 -6.00 -11.22
CA THR A 70 7.11 -6.63 -10.37
C THR A 70 6.60 -6.88 -8.94
N GLY A 71 5.34 -6.57 -8.68
CA GLY A 71 4.77 -6.74 -7.34
C GLY A 71 5.10 -5.59 -6.38
N ARG A 72 5.36 -4.41 -6.94
CA ARG A 72 5.67 -3.24 -6.12
C ARG A 72 4.39 -2.46 -5.75
N VAL A 73 4.13 -2.35 -4.45
CA VAL A 73 3.00 -1.55 -3.95
C VAL A 73 3.47 -0.13 -3.61
N THR A 74 2.78 0.88 -4.14
CA THR A 74 3.18 2.27 -3.92
C THR A 74 1.99 3.19 -3.63
N LEU A 75 2.01 3.83 -2.46
CA LEU A 75 1.00 4.81 -2.06
C LEU A 75 1.56 6.23 -2.13
N LEU A 76 0.94 7.08 -2.93
CA LEU A 76 1.36 8.48 -3.08
C LEU A 76 0.36 9.44 -2.40
N ILE A 77 0.82 10.15 -1.38
CA ILE A 77 -0.03 11.10 -0.63
C ILE A 77 0.37 12.56 -0.91
N LYS A 78 -0.57 13.35 -1.43
CA LYS A 78 -0.31 14.76 -1.75
C LYS A 78 -1.05 15.70 -0.79
N ASP A 79 -0.58 16.94 -0.70
CA ASP A 79 -1.32 18.04 -0.04
C ASP A 79 -1.67 17.68 1.42
N VAL A 80 -0.85 16.83 2.03
CA VAL A 80 -1.10 16.33 3.39
C VAL A 80 -0.70 17.37 4.46
N ASN A 81 -1.53 17.52 5.48
CA ASN A 81 -1.21 18.41 6.61
C ASN A 81 -1.23 17.65 7.95
N LYS A 82 -0.97 18.36 9.06
CA LYS A 82 -0.90 17.73 10.40
C LYS A 82 -2.05 16.76 10.69
N LYS A 83 -3.28 17.20 10.41
CA LYS A 83 -4.48 16.39 10.74
C LYS A 83 -4.56 15.07 9.96
N ASP A 84 -3.74 14.91 8.92
CA ASP A 84 -3.77 13.71 8.09
C ASP A 84 -2.71 12.67 8.48
N ALA A 85 -1.81 13.04 9.40
CA ALA A 85 -0.72 12.14 9.80
C ALA A 85 -1.16 11.10 10.84
N GLY A 86 -0.62 9.89 10.71
CA GLY A 86 -0.94 8.79 11.64
C GLY A 86 -0.22 7.50 11.26
N TRP A 87 -0.55 6.41 11.95
CA TRP A 87 0.00 5.10 11.62
C TRP A 87 -0.87 4.36 10.58
N TYR A 88 -0.24 3.99 9.47
CA TYR A 88 -0.91 3.25 8.39
C TYR A 88 -0.69 1.73 8.53
N THR A 89 -1.62 0.94 8.00
CA THR A 89 -1.48 -0.52 8.00
C THR A 89 -1.95 -1.11 6.67
N VAL A 90 -1.11 -1.92 6.03
CA VAL A 90 -1.41 -2.50 4.72
C VAL A 90 -1.60 -4.03 4.80
N SER A 91 -2.74 -4.50 4.29
CA SER A 91 -3.04 -5.94 4.25
C SER A 91 -3.22 -6.43 2.80
N ALA A 92 -2.38 -7.37 2.39
CA ALA A 92 -2.47 -7.97 1.05
C ALA A 92 -3.03 -9.39 1.12
N VAL A 93 -4.22 -9.61 0.55
CA VAL A 93 -4.87 -10.92 0.61
C VAL A 93 -4.94 -11.62 -0.77
N ASN A 94 -4.28 -12.77 -0.85
CA ASN A 94 -4.32 -13.64 -2.03
C ASN A 94 -5.09 -14.93 -1.68
N GLU A 95 -5.72 -15.56 -2.67
CA GLU A 95 -6.38 -16.85 -2.46
C GLU A 95 -5.41 -17.87 -1.84
N ALA A 96 -4.15 -17.81 -2.28
CA ALA A 96 -3.09 -18.71 -1.79
C ALA A 96 -2.63 -18.37 -0.34
N GLY A 97 -2.88 -17.14 0.11
CA GLY A 97 -2.41 -16.72 1.44
C GLY A 97 -2.55 -15.22 1.69
N VAL A 98 -2.23 -14.78 2.92
CA VAL A 98 -2.40 -13.37 3.30
C VAL A 98 -1.23 -12.83 4.16
N THR A 99 -0.89 -11.54 3.97
CA THR A 99 0.18 -10.89 4.75
C THR A 99 -0.18 -9.44 5.10
N THR A 100 0.20 -9.01 6.31
CA THR A 100 -0.07 -7.64 6.78
C THR A 100 1.20 -6.96 7.32
N CYS A 101 1.32 -5.65 7.11
CA CYS A 101 2.44 -4.85 7.63
C CYS A 101 1.99 -3.43 8.01
N ASN A 102 2.86 -2.66 8.64
CA ASN A 102 2.51 -1.31 9.11
C ASN A 102 3.42 -0.23 8.50
N THR A 103 2.95 1.02 8.52
CA THR A 103 3.68 2.15 7.95
C THR A 103 3.49 3.42 8.80
N ARG A 104 4.51 4.26 8.87
CA ARG A 104 4.41 5.52 9.63
C ARG A 104 4.63 6.75 8.73
N LEU A 105 3.84 7.80 8.95
CA LEU A 105 3.99 9.07 8.21
C LEU A 105 3.93 10.26 9.17
N ASP A 106 4.98 11.07 9.18
CA ASP A 106 5.05 12.25 10.04
C ASP A 106 4.94 13.55 9.21
N VAL A 107 4.19 14.52 9.72
CA VAL A 107 4.02 15.80 9.03
C VAL A 107 4.42 16.99 9.94
N THR A 108 4.99 18.02 9.32
CA THR A 108 5.44 19.22 10.05
C THR A 108 4.79 20.48 9.46
N ALA A 109 4.52 21.46 10.31
CA ALA A 109 3.78 22.65 9.90
C ALA A 109 4.64 23.62 9.08
N ARG A 110 4.21 23.90 7.84
CA ARG A 110 4.91 24.87 6.99
C ARG A 110 4.68 26.28 7.57
N PRO A 111 5.76 27.00 7.95
CA PRO A 111 5.66 28.17 8.85
C PRO A 111 5.12 29.47 8.20
N ASN A 112 5.57 29.81 7.00
CA ASN A 112 5.19 31.09 6.37
C ASN A 112 4.35 30.88 5.10
N GLN A 113 4.80 29.97 4.24
CA GLN A 113 4.07 29.65 3.01
C GLN A 113 2.88 28.71 3.30
N THR A 114 1.67 29.25 3.25
CA THR A 114 0.47 28.44 3.47
C THR A 114 0.05 27.69 2.20
N LEU A 115 0.45 26.42 2.11
CA LEU A 115 0.18 25.58 0.92
C LEU A 115 0.95 26.07 -0.32
N PRO A 116 1.28 25.13 -1.24
CA PRO A 116 1.96 25.47 -2.51
C PRO A 116 1.05 26.23 -3.49
N MET A 1 -3.88 -50.65 -17.28
CA MET A 1 -2.65 -50.09 -16.66
C MET A 1 -2.31 -48.69 -17.25
N GLY A 2 -3.30 -48.05 -17.87
CA GLY A 2 -3.07 -46.74 -18.48
C GLY A 2 -3.63 -45.58 -17.65
N HIS A 3 -3.49 -44.35 -18.17
CA HIS A 3 -3.96 -43.13 -17.49
C HIS A 3 -3.20 -42.84 -16.18
N HIS A 4 -3.42 -43.66 -15.15
CA HIS A 4 -2.81 -43.46 -13.83
C HIS A 4 -3.29 -42.15 -13.17
N HIS A 5 -2.72 -41.03 -13.60
CA HIS A 5 -3.07 -39.71 -13.05
C HIS A 5 -3.77 -38.83 -14.10
N HIS A 6 -4.96 -38.34 -13.77
CA HIS A 6 -5.68 -37.39 -14.63
C HIS A 6 -5.19 -35.95 -14.38
N HIS A 7 -3.87 -35.78 -14.34
CA HIS A 7 -3.24 -34.51 -13.94
C HIS A 7 -3.29 -33.47 -15.08
N HIS A 8 -4.50 -33.05 -15.45
CA HIS A 8 -4.68 -32.00 -16.46
C HIS A 8 -4.51 -30.60 -15.85
N SER A 9 -4.41 -30.54 -14.53
CA SER A 9 -4.23 -29.28 -13.81
C SER A 9 -2.74 -28.94 -13.60
N HIS A 10 -2.39 -27.67 -13.81
CA HIS A 10 -1.02 -27.21 -13.60
C HIS A 10 -1.01 -25.71 -13.25
N GLU A 11 -1.50 -25.38 -12.05
CA GLU A 11 -1.72 -23.98 -11.66
C GLU A 11 -0.80 -23.58 -10.49
N HIS A 12 -0.34 -22.33 -10.50
CA HIS A 12 0.51 -21.82 -9.42
C HIS A 12 -0.24 -20.84 -8.51
N LYS A 13 -0.34 -21.21 -7.24
CA LYS A 13 -0.90 -20.33 -6.20
C LYS A 13 0.19 -20.00 -5.15
N ARG A 14 0.50 -18.72 -4.97
CA ARG A 14 1.62 -18.33 -4.11
C ARG A 14 1.22 -17.19 -3.14
N ALA A 15 1.36 -17.45 -1.84
CA ALA A 15 1.02 -16.47 -0.81
C ALA A 15 1.94 -15.24 -0.87
N PRO A 16 1.39 -14.03 -0.62
CA PRO A 16 2.16 -12.77 -0.70
C PRO A 16 3.22 -12.63 0.40
N MET A 17 4.44 -12.29 -0.01
CA MET A 17 5.55 -12.08 0.93
C MET A 17 6.12 -10.66 0.82
N PHE A 18 6.11 -9.92 1.93
CA PHE A 18 6.74 -8.58 1.97
C PHE A 18 8.27 -8.68 1.92
N ILE A 19 8.85 -8.36 0.78
CA ILE A 19 10.30 -8.28 0.63
C ILE A 19 10.82 -6.98 1.27
N TYR A 20 9.97 -5.96 1.28
CA TYR A 20 10.24 -4.67 1.91
C TYR A 20 8.97 -4.09 2.55
N LYS A 21 9.12 -3.43 3.68
CA LYS A 21 8.06 -2.60 4.24
C LYS A 21 8.31 -1.12 3.88
N PRO A 22 7.25 -0.30 3.75
CA PRO A 22 7.42 1.14 3.49
C PRO A 22 7.99 1.86 4.72
N GLN A 23 8.94 2.74 4.51
CA GLN A 23 9.64 3.40 5.62
C GLN A 23 9.06 4.78 5.94
N SER A 24 9.07 5.14 7.22
CA SER A 24 8.49 6.40 7.70
C SER A 24 9.12 7.63 7.05
N LYS A 25 8.29 8.43 6.39
CA LYS A 25 8.73 9.67 5.76
C LYS A 25 8.04 10.87 6.43
N LYS A 26 8.79 11.96 6.66
CA LYS A 26 8.24 13.15 7.32
C LYS A 26 8.32 14.39 6.42
N VAL A 27 7.15 14.94 6.07
CA VAL A 27 7.06 16.09 5.17
C VAL A 27 6.38 17.29 5.85
N LEU A 28 6.26 18.41 5.14
CA LEU A 28 5.61 19.61 5.67
C LEU A 28 4.11 19.63 5.31
N GLU A 29 3.33 20.41 6.07
CA GLU A 29 1.88 20.51 5.85
C GLU A 29 1.52 20.97 4.43
N GLY A 30 0.99 20.04 3.63
CA GLY A 30 0.54 20.36 2.28
C GLY A 30 1.44 19.78 1.19
N ASP A 31 2.59 19.23 1.59
CA ASP A 31 3.51 18.62 0.63
C ASP A 31 3.06 17.20 0.21
N SER A 32 3.88 16.55 -0.62
CA SER A 32 3.55 15.20 -1.11
C SER A 32 4.56 14.16 -0.62
N VAL A 33 4.14 12.89 -0.64
CA VAL A 33 5.00 11.79 -0.22
C VAL A 33 4.65 10.49 -0.98
N LYS A 34 5.64 9.62 -1.16
CA LYS A 34 5.41 8.31 -1.79
C LYS A 34 5.92 7.16 -0.90
N LEU A 35 5.03 6.22 -0.58
CA LEU A 35 5.39 5.04 0.20
C LEU A 35 5.33 3.78 -0.67
N GLU A 36 6.48 3.15 -0.94
CA GLU A 36 6.52 1.97 -1.81
C GLU A 36 7.21 0.77 -1.15
N CYS A 37 6.86 -0.43 -1.61
CA CYS A 37 7.39 -1.69 -1.07
C CYS A 37 7.34 -2.82 -2.11
N GLN A 38 7.92 -3.98 -1.77
CA GLN A 38 7.93 -5.14 -2.69
C GLN A 38 7.15 -6.33 -2.08
N ILE A 39 6.11 -6.79 -2.78
CA ILE A 39 5.32 -7.93 -2.33
C ILE A 39 5.31 -9.06 -3.40
N SER A 40 5.81 -10.23 -3.02
CA SER A 40 5.85 -11.38 -3.95
C SER A 40 4.62 -12.28 -3.80
N ALA A 41 3.66 -12.16 -4.72
CA ALA A 41 2.47 -13.03 -4.74
C ALA A 41 2.18 -13.57 -6.15
N ILE A 42 1.48 -14.70 -6.23
CA ILE A 42 1.05 -15.26 -7.53
C ILE A 42 -0.38 -15.84 -7.44
N PRO A 43 -1.39 -15.17 -8.04
CA PRO A 43 -1.22 -13.87 -8.71
C PRO A 43 -1.17 -12.67 -7.74
N PRO A 44 -0.83 -11.45 -8.22
CA PRO A 44 -0.81 -10.23 -7.39
C PRO A 44 -2.07 -10.10 -6.49
N PRO A 45 -1.89 -9.71 -5.22
CA PRO A 45 -2.99 -9.66 -4.23
C PRO A 45 -3.75 -8.34 -4.21
N LYS A 46 -4.87 -8.31 -3.49
CA LYS A 46 -5.66 -7.09 -3.30
C LYS A 46 -5.07 -6.28 -2.13
N LEU A 47 -4.73 -5.01 -2.39
CA LEU A 47 -4.08 -4.17 -1.39
C LEU A 47 -5.08 -3.29 -0.61
N PHE A 48 -4.92 -3.23 0.71
CA PHE A 48 -5.74 -2.35 1.56
C PHE A 48 -4.86 -1.51 2.50
N TRP A 49 -5.08 -0.19 2.51
CA TRP A 49 -4.35 0.71 3.40
C TRP A 49 -5.28 1.36 4.44
N LYS A 50 -4.85 1.36 5.70
CA LYS A 50 -5.63 1.94 6.79
C LYS A 50 -4.77 2.90 7.63
N ARG A 51 -5.27 4.12 7.86
CA ARG A 51 -4.51 5.16 8.57
C ARG A 51 -5.04 5.39 9.98
N ASN A 52 -4.25 5.07 11.00
CA ASN A 52 -4.64 5.30 12.40
C ASN A 52 -5.99 4.62 12.71
N ASN A 53 -6.19 3.46 12.08
CA ASN A 53 -7.43 2.66 12.21
C ASN A 53 -8.58 3.21 11.33
N GLU A 54 -8.37 4.38 10.72
CA GLU A 54 -9.34 4.96 9.77
C GLU A 54 -8.95 4.58 8.33
N MET A 55 -9.84 3.91 7.60
CA MET A 55 -9.52 3.42 6.24
C MET A 55 -9.21 4.57 5.25
N VAL A 56 -8.24 4.32 4.37
CA VAL A 56 -7.83 5.30 3.37
C VAL A 56 -8.66 5.16 2.07
N GLN A 57 -9.15 6.29 1.56
CA GLN A 57 -9.97 6.32 0.34
C GLN A 57 -9.18 6.89 -0.84
N PHE A 58 -9.00 6.09 -1.89
CA PHE A 58 -8.17 6.49 -3.05
C PHE A 58 -9.02 7.09 -4.19
N ASN A 59 -10.26 7.44 -3.88
CA ASN A 59 -11.18 8.00 -4.88
C ASN A 59 -11.01 9.52 -5.06
N THR A 60 -9.83 10.04 -4.71
CA THR A 60 -9.52 11.46 -4.87
C THR A 60 -8.24 11.67 -5.70
N ASP A 61 -8.05 12.90 -6.17
CA ASP A 61 -6.87 13.25 -6.98
C ASP A 61 -5.64 13.50 -6.09
N ARG A 62 -5.86 13.64 -4.78
CA ARG A 62 -4.76 13.86 -3.83
C ARG A 62 -4.21 12.54 -3.28
N ILE A 63 -5.05 11.51 -3.22
CA ILE A 63 -4.64 10.18 -2.72
C ILE A 63 -4.77 9.12 -3.82
N SER A 64 -3.69 8.40 -4.08
CA SER A 64 -3.67 7.38 -5.15
C SER A 64 -2.83 6.16 -4.78
N LEU A 65 -3.19 5.00 -5.35
CA LEU A 65 -2.48 3.75 -5.07
C LEU A 65 -2.38 2.88 -6.33
N TYR A 66 -1.16 2.48 -6.69
CA TYR A 66 -0.94 1.58 -7.82
C TYR A 66 0.15 0.54 -7.51
N GLN A 67 0.11 -0.59 -8.20
CA GLN A 67 1.06 -1.68 -7.97
C GLN A 67 1.36 -2.45 -9.26
N ASP A 68 2.64 -2.72 -9.51
CA ASP A 68 3.07 -3.41 -10.73
C ASP A 68 3.09 -4.94 -10.53
N ASN A 69 3.04 -5.69 -11.65
CA ASN A 69 3.07 -7.16 -11.62
C ASN A 69 4.35 -7.69 -10.95
N THR A 70 5.42 -6.91 -10.99
CA THR A 70 6.68 -7.28 -10.31
C THR A 70 6.52 -7.28 -8.78
N GLY A 71 5.33 -6.88 -8.30
CA GLY A 71 5.06 -6.86 -6.87
C GLY A 71 5.33 -5.51 -6.22
N ARG A 72 5.70 -4.51 -7.02
CA ARG A 72 6.04 -3.19 -6.50
C ARG A 72 4.79 -2.36 -6.19
N VAL A 73 4.54 -2.11 -4.90
CA VAL A 73 3.42 -1.29 -4.46
C VAL A 73 3.86 0.16 -4.25
N THR A 74 3.04 1.13 -4.69
CA THR A 74 3.36 2.55 -4.50
C THR A 74 2.13 3.37 -4.08
N LEU A 75 2.22 3.99 -2.90
CA LEU A 75 1.16 4.88 -2.39
C LEU A 75 1.57 6.36 -2.52
N LEU A 76 0.69 7.16 -3.11
CA LEU A 76 0.96 8.60 -3.31
C LEU A 76 -0.02 9.47 -2.51
N ILE A 77 0.52 10.29 -1.61
CA ILE A 77 -0.29 11.17 -0.76
C ILE A 77 0.05 12.66 -0.99
N LYS A 78 -0.96 13.46 -1.36
CA LYS A 78 -0.78 14.90 -1.59
C LYS A 78 -1.54 15.73 -0.54
N ASP A 79 -1.07 16.96 -0.30
CA ASP A 79 -1.76 17.94 0.55
C ASP A 79 -1.99 17.40 1.98
N VAL A 80 -1.03 16.64 2.48
CA VAL A 80 -1.12 16.03 3.81
C VAL A 80 -0.69 17.03 4.91
N ASN A 81 -1.55 17.27 5.91
CA ASN A 81 -1.18 18.16 7.03
C ASN A 81 -1.19 17.40 8.37
N LYS A 82 -0.94 18.11 9.47
CA LYS A 82 -0.79 17.49 10.79
C LYS A 82 -1.98 16.56 11.15
N LYS A 83 -3.13 16.77 10.52
CA LYS A 83 -4.30 15.92 10.75
C LYS A 83 -4.15 14.53 10.11
N ASP A 84 -3.60 14.51 8.90
CA ASP A 84 -3.56 13.29 8.08
C ASP A 84 -2.39 12.36 8.45
N ALA A 85 -1.57 12.75 9.42
CA ALA A 85 -0.43 11.92 9.81
C ALA A 85 -0.86 10.78 10.75
N GLY A 86 -0.23 9.62 10.59
CA GLY A 86 -0.59 8.47 11.40
C GLY A 86 0.18 7.21 11.02
N TRP A 87 -0.22 6.08 11.60
CA TRP A 87 0.33 4.79 11.21
C TRP A 87 -0.55 4.13 10.13
N TYR A 88 0.04 3.88 8.97
CA TYR A 88 -0.65 3.23 7.85
C TYR A 88 -0.41 1.72 7.86
N THR A 89 -1.47 0.95 8.05
CA THR A 89 -1.39 -0.50 8.07
C THR A 89 -1.77 -1.08 6.71
N VAL A 90 -0.81 -1.72 6.05
CA VAL A 90 -1.02 -2.28 4.70
C VAL A 90 -1.30 -3.79 4.76
N SER A 91 -2.38 -4.21 4.11
CA SER A 91 -2.76 -5.63 4.08
C SER A 91 -2.90 -6.12 2.63
N ALA A 92 -2.15 -7.16 2.28
CA ALA A 92 -2.23 -7.77 0.95
C ALA A 92 -2.89 -9.15 1.02
N VAL A 93 -4.07 -9.29 0.42
CA VAL A 93 -4.82 -10.56 0.48
C VAL A 93 -4.85 -11.27 -0.88
N ASN A 94 -4.23 -12.44 -0.93
CA ASN A 94 -4.26 -13.32 -2.11
C ASN A 94 -5.06 -14.61 -1.81
N GLU A 95 -5.60 -15.24 -2.86
CA GLU A 95 -6.35 -16.50 -2.71
C GLU A 95 -5.54 -17.56 -1.94
N ALA A 96 -4.23 -17.60 -2.17
CA ALA A 96 -3.33 -18.53 -1.48
C ALA A 96 -3.12 -18.15 0.00
N GLY A 97 -3.18 -16.86 0.31
CA GLY A 97 -2.96 -16.40 1.68
C GLY A 97 -2.91 -14.88 1.82
N VAL A 98 -2.88 -14.39 3.05
CA VAL A 98 -2.87 -12.95 3.33
C VAL A 98 -1.70 -12.55 4.25
N THR A 99 -1.19 -11.32 4.07
CA THR A 99 -0.09 -10.79 4.90
C THR A 99 -0.29 -9.31 5.23
N THR A 100 0.08 -8.91 6.45
CA THR A 100 -0.16 -7.54 6.92
C THR A 100 1.10 -6.92 7.55
N CYS A 101 1.32 -5.63 7.31
CA CYS A 101 2.47 -4.90 7.88
C CYS A 101 2.09 -3.47 8.26
N ASN A 102 2.96 -2.78 9.00
CA ASN A 102 2.68 -1.41 9.47
C ASN A 102 3.65 -0.39 8.83
N THR A 103 3.16 0.84 8.68
CA THR A 103 3.94 1.95 8.12
C THR A 103 3.66 3.24 8.88
N ARG A 104 4.64 4.13 8.98
CA ARG A 104 4.43 5.41 9.65
C ARG A 104 4.60 6.60 8.69
N LEU A 105 3.78 7.63 8.87
CA LEU A 105 3.90 8.87 8.10
C LEU A 105 3.81 10.10 9.02
N ASP A 106 4.83 10.95 9.00
CA ASP A 106 4.87 12.14 9.85
C ASP A 106 4.72 13.43 9.03
N VAL A 107 4.03 14.40 9.62
CA VAL A 107 3.91 15.73 9.01
C VAL A 107 4.41 16.80 9.99
N THR A 108 5.05 17.83 9.45
CA THR A 108 5.62 18.91 10.27
C THR A 108 4.95 20.25 9.95
N ALA A 109 4.82 21.10 10.96
CA ALA A 109 4.17 22.40 10.80
C ALA A 109 5.05 23.40 10.05
N ARG A 110 4.48 24.02 9.01
CA ARG A 110 5.22 24.96 8.17
C ARG A 110 5.42 26.33 8.86
N PRO A 111 6.58 26.96 8.65
CA PRO A 111 6.83 28.33 9.13
C PRO A 111 6.00 29.36 8.34
N ASN A 112 5.48 28.91 7.20
CA ASN A 112 4.65 29.74 6.33
C ASN A 112 3.82 28.88 5.35
N GLN A 113 2.51 29.08 5.35
CA GLN A 113 1.63 28.44 4.35
C GLN A 113 1.13 29.46 3.32
N THR A 114 1.09 30.72 3.73
CA THR A 114 0.69 31.82 2.84
C THR A 114 1.90 32.39 2.08
N LEU A 115 2.11 31.91 0.85
CA LEU A 115 3.21 32.40 0.00
C LEU A 115 2.68 33.26 -1.16
N PRO A 116 2.69 34.60 -1.00
CA PRO A 116 2.27 35.54 -2.06
C PRO A 116 3.42 35.93 -3.02
N MET A 1 -13.27 -41.56 -15.94
CA MET A 1 -13.64 -42.71 -15.07
C MET A 1 -15.06 -42.59 -14.53
N GLY A 2 -15.45 -41.37 -14.14
CA GLY A 2 -16.79 -41.12 -13.64
C GLY A 2 -17.38 -39.83 -14.17
N HIS A 3 -18.62 -39.88 -14.67
CA HIS A 3 -19.30 -38.71 -15.23
C HIS A 3 -19.39 -37.54 -14.23
N HIS A 4 -18.33 -36.73 -14.17
CA HIS A 4 -18.27 -35.53 -13.32
C HIS A 4 -17.40 -34.44 -13.97
N HIS A 5 -17.64 -33.19 -13.61
CA HIS A 5 -16.77 -32.08 -14.04
C HIS A 5 -15.53 -32.03 -13.13
N HIS A 6 -14.36 -32.34 -13.68
CA HIS A 6 -13.14 -32.50 -12.87
C HIS A 6 -12.03 -31.48 -13.27
N HIS A 7 -11.95 -30.38 -12.52
CA HIS A 7 -10.88 -29.38 -12.69
C HIS A 7 -9.60 -29.81 -11.95
N HIS A 8 -8.44 -29.66 -12.59
CA HIS A 8 -7.16 -30.06 -12.01
C HIS A 8 -6.54 -28.93 -11.14
N SER A 9 -5.74 -29.31 -10.15
CA SER A 9 -5.10 -28.35 -9.24
C SER A 9 -3.61 -28.15 -9.59
N HIS A 10 -3.26 -28.35 -10.87
CA HIS A 10 -1.86 -28.24 -11.32
C HIS A 10 -1.45 -26.76 -11.56
N GLU A 11 -2.22 -25.83 -11.02
CA GLU A 11 -1.93 -24.40 -11.17
C GLU A 11 -1.09 -23.87 -10.00
N HIS A 12 0.05 -23.26 -10.30
CA HIS A 12 0.98 -22.76 -9.28
C HIS A 12 0.42 -21.50 -8.58
N LYS A 13 0.23 -21.60 -7.27
CA LYS A 13 -0.21 -20.44 -6.45
C LYS A 13 0.92 -19.98 -5.51
N ARG A 14 0.94 -18.69 -5.21
CA ARG A 14 1.95 -18.14 -4.30
C ARG A 14 1.31 -17.14 -3.32
N ALA A 15 1.42 -17.44 -2.02
CA ALA A 15 0.91 -16.54 -0.98
C ALA A 15 1.72 -15.23 -0.94
N PRO A 16 1.06 -14.08 -0.68
CA PRO A 16 1.73 -12.77 -0.66
C PRO A 16 2.75 -12.62 0.48
N MET A 17 3.92 -12.07 0.15
CA MET A 17 4.99 -11.86 1.13
C MET A 17 5.65 -10.47 0.96
N PHE A 18 5.71 -9.69 2.03
CA PHE A 18 6.41 -8.40 2.01
C PHE A 18 7.93 -8.61 2.04
N ILE A 19 8.58 -8.41 0.90
CA ILE A 19 10.04 -8.50 0.83
C ILE A 19 10.69 -7.28 1.49
N TYR A 20 10.08 -6.12 1.28
CA TYR A 20 10.55 -4.86 1.88
C TYR A 20 9.37 -4.07 2.45
N LYS A 21 9.59 -3.37 3.56
CA LYS A 21 8.59 -2.45 4.11
C LYS A 21 8.89 -1.01 3.65
N PRO A 22 7.86 -0.16 3.48
CA PRO A 22 8.08 1.24 3.14
C PRO A 22 8.63 2.02 4.33
N GLN A 23 9.62 2.89 4.08
CA GLN A 23 10.31 3.59 5.16
C GLN A 23 9.66 4.93 5.48
N SER A 24 9.52 5.22 6.77
CA SER A 24 8.82 6.41 7.26
C SER A 24 9.57 7.70 6.94
N LYS A 25 8.82 8.78 6.73
CA LYS A 25 9.39 10.10 6.44
C LYS A 25 8.51 11.22 7.02
N LYS A 26 9.13 12.38 7.27
CA LYS A 26 8.43 13.53 7.87
C LYS A 26 8.42 14.75 6.92
N VAL A 27 7.23 15.26 6.63
CA VAL A 27 7.07 16.40 5.70
C VAL A 27 6.25 17.54 6.33
N LEU A 28 6.12 18.65 5.59
CA LEU A 28 5.32 19.79 6.05
C LEU A 28 3.92 19.78 5.42
N GLU A 29 3.00 20.55 6.00
CA GLU A 29 1.63 20.62 5.50
C GLU A 29 1.57 21.29 4.12
N GLY A 30 1.22 20.51 3.09
CA GLY A 30 1.17 21.04 1.73
C GLY A 30 2.15 20.35 0.78
N ASP A 31 3.03 19.49 1.32
CA ASP A 31 3.99 18.74 0.51
C ASP A 31 3.45 17.34 0.13
N SER A 32 4.28 16.56 -0.56
CA SER A 32 3.91 15.20 -0.98
C SER A 32 4.91 14.16 -0.46
N VAL A 33 4.47 12.91 -0.37
CA VAL A 33 5.32 11.82 0.10
C VAL A 33 5.09 10.53 -0.69
N LYS A 34 6.15 9.72 -0.83
CA LYS A 34 6.07 8.45 -1.56
C LYS A 34 6.39 7.25 -0.65
N LEU A 35 5.52 6.24 -0.67
CA LEU A 35 5.75 5.00 0.08
C LEU A 35 5.60 3.77 -0.84
N GLU A 36 6.69 3.06 -1.09
CA GLU A 36 6.65 1.89 -1.99
C GLU A 36 7.33 0.66 -1.36
N CYS A 37 6.86 -0.52 -1.75
CA CYS A 37 7.38 -1.79 -1.21
C CYS A 37 7.20 -2.94 -2.21
N GLN A 38 7.89 -4.06 -1.98
CA GLN A 38 7.81 -5.23 -2.88
C GLN A 38 7.06 -6.40 -2.21
N ILE A 39 5.95 -6.81 -2.82
CA ILE A 39 5.20 -8.00 -2.37
C ILE A 39 5.29 -9.11 -3.43
N SER A 40 5.74 -10.30 -3.04
CA SER A 40 5.79 -11.43 -3.99
C SER A 40 4.54 -12.31 -3.83
N ALA A 41 3.58 -12.15 -4.73
CA ALA A 41 2.35 -12.94 -4.73
C ALA A 41 1.99 -13.46 -6.14
N ILE A 42 1.37 -14.63 -6.21
CA ILE A 42 0.87 -15.18 -7.48
C ILE A 42 -0.52 -15.83 -7.28
N PRO A 43 -1.59 -15.22 -7.83
CA PRO A 43 -1.55 -13.95 -8.57
C PRO A 43 -1.49 -12.71 -7.64
N PRO A 44 -1.21 -11.50 -8.20
CA PRO A 44 -1.22 -10.24 -7.42
C PRO A 44 -2.49 -10.08 -6.56
N PRO A 45 -2.33 -9.71 -5.27
CA PRO A 45 -3.43 -9.67 -4.29
C PRO A 45 -4.14 -8.30 -4.22
N LYS A 46 -5.25 -8.27 -3.49
CA LYS A 46 -5.97 -7.02 -3.24
C LYS A 46 -5.32 -6.26 -2.07
N LEU A 47 -5.17 -4.94 -2.23
CA LEU A 47 -4.47 -4.12 -1.23
C LEU A 47 -5.46 -3.30 -0.38
N PHE A 48 -5.19 -3.25 0.93
CA PHE A 48 -5.98 -2.43 1.86
C PHE A 48 -5.06 -1.59 2.75
N TRP A 49 -5.33 -0.28 2.86
CA TRP A 49 -4.52 0.62 3.70
C TRP A 49 -5.37 1.27 4.80
N LYS A 50 -4.93 1.10 6.04
CA LYS A 50 -5.59 1.75 7.19
C LYS A 50 -4.64 2.73 7.88
N ARG A 51 -5.10 3.97 8.07
CA ARG A 51 -4.28 5.01 8.70
C ARG A 51 -4.80 5.34 10.11
N ASN A 52 -3.99 5.03 11.12
CA ASN A 52 -4.30 5.39 12.51
C ASN A 52 -5.73 4.95 12.90
N ASN A 53 -6.12 3.76 12.44
CA ASN A 53 -7.43 3.14 12.72
C ASN A 53 -8.56 3.68 11.81
N GLU A 54 -8.21 4.49 10.82
CA GLU A 54 -9.16 4.94 9.79
C GLU A 54 -8.74 4.41 8.40
N MET A 55 -9.59 3.63 7.75
CA MET A 55 -9.26 3.07 6.44
C MET A 55 -9.28 4.16 5.35
N VAL A 56 -8.25 4.15 4.51
CA VAL A 56 -8.00 5.25 3.55
C VAL A 56 -8.85 5.11 2.26
N GLN A 57 -9.18 6.26 1.65
CA GLN A 57 -9.89 6.30 0.37
C GLN A 57 -8.97 6.83 -0.74
N PHE A 58 -9.02 6.21 -1.94
CA PHE A 58 -8.05 6.51 -3.01
C PHE A 58 -8.70 7.18 -4.23
N ASN A 59 -9.94 7.63 -4.11
CA ASN A 59 -10.67 8.25 -5.24
C ASN A 59 -10.31 9.73 -5.43
N THR A 60 -9.04 10.09 -5.21
CA THR A 60 -8.60 11.50 -5.29
C THR A 60 -7.15 11.63 -5.80
N ASP A 61 -6.70 12.89 -5.97
CA ASP A 61 -5.32 13.18 -6.37
C ASP A 61 -4.39 13.28 -5.16
N ARG A 62 -4.94 13.72 -4.03
CA ARG A 62 -4.17 13.85 -2.79
C ARG A 62 -3.84 12.47 -2.20
N ILE A 63 -4.66 11.48 -2.49
CA ILE A 63 -4.41 10.10 -2.07
C ILE A 63 -4.63 9.15 -3.26
N SER A 64 -3.61 8.36 -3.59
CA SER A 64 -3.70 7.42 -4.71
C SER A 64 -2.81 6.20 -4.49
N LEU A 65 -3.26 5.05 -4.98
CA LEU A 65 -2.55 3.78 -4.81
C LEU A 65 -2.52 2.98 -6.12
N TYR A 66 -1.36 2.40 -6.45
CA TYR A 66 -1.25 1.50 -7.59
C TYR A 66 -0.28 0.34 -7.30
N GLN A 67 -0.59 -0.85 -7.83
CA GLN A 67 0.31 -2.00 -7.73
C GLN A 67 0.86 -2.39 -9.11
N ASP A 68 2.18 -2.53 -9.20
CA ASP A 68 2.83 -2.94 -10.44
C ASP A 68 2.73 -4.46 -10.64
N ASN A 69 2.95 -4.92 -11.87
CA ASN A 69 2.84 -6.35 -12.20
C ASN A 69 3.92 -7.19 -11.48
N THR A 70 5.01 -6.53 -11.07
CA THR A 70 6.09 -7.19 -10.31
C THR A 70 5.73 -7.34 -8.82
N GLY A 71 4.57 -6.83 -8.43
CA GLY A 71 4.17 -6.85 -7.03
C GLY A 71 4.63 -5.63 -6.25
N ARG A 72 5.12 -4.62 -6.95
CA ARG A 72 5.54 -3.36 -6.33
C ARG A 72 4.32 -2.49 -5.96
N VAL A 73 4.09 -2.31 -4.66
CA VAL A 73 2.99 -1.47 -4.18
C VAL A 73 3.48 -0.05 -3.90
N THR A 74 2.75 0.95 -4.38
CA THR A 74 3.16 2.35 -4.17
C THR A 74 1.98 3.26 -3.79
N LEU A 75 2.08 3.88 -2.63
CA LEU A 75 1.09 4.85 -2.16
C LEU A 75 1.64 6.28 -2.31
N LEU A 76 0.89 7.15 -2.98
CA LEU A 76 1.29 8.54 -3.19
C LEU A 76 0.33 9.51 -2.48
N ILE A 77 0.88 10.33 -1.58
CA ILE A 77 0.09 11.28 -0.80
C ILE A 77 0.52 12.73 -1.07
N LYS A 78 -0.40 13.55 -1.60
CA LYS A 78 -0.10 14.94 -1.95
C LYS A 78 -0.86 15.93 -1.05
N ASP A 79 -0.29 17.13 -0.86
CA ASP A 79 -0.94 18.20 -0.09
C ASP A 79 -1.35 17.71 1.32
N VAL A 80 -0.48 16.91 1.92
CA VAL A 80 -0.75 16.27 3.21
C VAL A 80 -0.73 17.30 4.37
N ASN A 81 -1.65 17.15 5.32
CA ASN A 81 -1.64 17.98 6.54
C ASN A 81 -1.62 17.09 7.81
N LYS A 82 -1.58 17.73 8.99
CA LYS A 82 -1.53 16.99 10.27
C LYS A 82 -2.58 15.87 10.35
N LYS A 83 -3.79 16.13 9.83
CA LYS A 83 -4.87 15.13 9.84
C LYS A 83 -4.49 13.83 9.11
N ASP A 84 -3.66 13.94 8.09
CA ASP A 84 -3.27 12.78 7.28
C ASP A 84 -2.07 12.04 7.87
N ALA A 85 -1.52 12.53 8.98
CA ALA A 85 -0.41 11.82 9.63
C ALA A 85 -0.93 10.69 10.53
N GLY A 86 -0.22 9.56 10.52
CA GLY A 86 -0.62 8.43 11.35
C GLY A 86 0.25 7.20 11.10
N TRP A 87 -0.15 6.07 11.67
CA TRP A 87 0.45 4.78 11.33
C TRP A 87 -0.40 4.05 10.27
N TYR A 88 0.21 3.71 9.15
CA TYR A 88 -0.47 3.02 8.06
C TYR A 88 -0.32 1.50 8.15
N THR A 89 -1.41 0.79 7.91
CA THR A 89 -1.43 -0.67 7.92
C THR A 89 -1.76 -1.20 6.52
N VAL A 90 -0.80 -1.82 5.86
CA VAL A 90 -1.00 -2.34 4.50
C VAL A 90 -1.25 -3.86 4.51
N SER A 91 -2.47 -4.26 4.13
CA SER A 91 -2.86 -5.67 4.08
C SER A 91 -3.06 -6.13 2.63
N ALA A 92 -2.41 -7.23 2.26
CA ALA A 92 -2.52 -7.80 0.91
C ALA A 92 -3.09 -9.22 0.96
N VAL A 93 -4.29 -9.40 0.37
CA VAL A 93 -4.98 -10.70 0.41
C VAL A 93 -5.06 -11.38 -0.97
N ASN A 94 -4.40 -12.53 -1.09
CA ASN A 94 -4.47 -13.37 -2.28
C ASN A 94 -5.21 -14.68 -1.96
N GLU A 95 -5.75 -15.36 -2.98
CA GLU A 95 -6.43 -16.65 -2.76
C GLU A 95 -5.52 -17.66 -2.04
N ALA A 96 -4.23 -17.62 -2.35
CA ALA A 96 -3.25 -18.53 -1.73
C ALA A 96 -2.93 -18.16 -0.26
N GLY A 97 -3.30 -16.96 0.17
CA GLY A 97 -3.01 -16.52 1.55
C GLY A 97 -3.03 -15.01 1.73
N VAL A 98 -2.72 -14.53 2.94
CA VAL A 98 -2.79 -13.10 3.26
C VAL A 98 -1.55 -12.64 4.06
N THR A 99 -1.17 -11.38 3.90
CA THR A 99 -0.04 -10.78 4.67
C THR A 99 -0.33 -9.31 5.02
N THR A 100 0.11 -8.89 6.21
CA THR A 100 -0.10 -7.50 6.66
C THR A 100 1.20 -6.88 7.20
N CYS A 101 1.45 -5.62 6.83
CA CYS A 101 2.64 -4.89 7.31
C CYS A 101 2.26 -3.46 7.75
N ASN A 102 3.21 -2.75 8.37
CA ASN A 102 2.95 -1.39 8.89
C ASN A 102 3.98 -0.36 8.41
N THR A 103 3.53 0.89 8.30
CA THR A 103 4.39 2.01 7.86
C THR A 103 4.03 3.28 8.63
N ARG A 104 5.01 4.15 8.88
CA ARG A 104 4.75 5.40 9.61
C ARG A 104 4.89 6.65 8.70
N LEU A 105 4.04 7.64 8.92
CA LEU A 105 4.11 8.92 8.21
C LEU A 105 3.94 10.10 9.18
N ASP A 106 4.91 11.01 9.21
CA ASP A 106 4.85 12.19 10.09
C ASP A 106 4.65 13.48 9.28
N VAL A 107 3.83 14.38 9.80
CA VAL A 107 3.58 15.68 9.16
C VAL A 107 3.77 16.83 10.16
N THR A 108 4.30 17.96 9.69
CA THR A 108 4.58 19.12 10.55
C THR A 108 3.94 20.40 10.00
N ALA A 109 3.50 21.27 10.91
CA ALA A 109 2.83 22.52 10.51
C ALA A 109 3.82 23.57 9.99
N ARG A 110 3.48 24.20 8.87
CA ARG A 110 4.34 25.23 8.26
C ARG A 110 4.30 26.55 9.06
N PRO A 111 5.43 27.28 9.11
CA PRO A 111 5.49 28.61 9.73
C PRO A 111 4.75 29.68 8.91
N ASN A 112 4.58 29.42 7.61
CA ASN A 112 3.87 30.34 6.70
C ASN A 112 3.48 29.64 5.39
N GLN A 113 2.29 29.95 4.88
CA GLN A 113 1.82 29.40 3.60
C GLN A 113 1.04 30.47 2.80
N THR A 114 1.66 30.96 1.72
CA THR A 114 1.05 32.01 0.89
C THR A 114 0.92 31.57 -0.58
N LEU A 115 -0.22 31.87 -1.18
CA LEU A 115 -0.49 31.57 -2.60
C LEU A 115 -0.43 30.05 -2.90
N PRO A 116 -1.59 29.36 -2.88
CA PRO A 116 -1.68 27.94 -3.27
C PRO A 116 -1.32 27.71 -4.75
N MET A 1 -16.15 -34.53 -13.30
CA MET A 1 -17.15 -35.51 -12.81
C MET A 1 -17.92 -34.96 -11.61
N GLY A 2 -18.90 -35.72 -11.14
CA GLY A 2 -19.64 -35.35 -9.94
C GLY A 2 -20.44 -34.06 -10.06
N HIS A 3 -19.97 -33.00 -9.40
CA HIS A 3 -20.71 -31.73 -9.31
C HIS A 3 -20.34 -30.75 -10.45
N HIS A 4 -19.40 -31.16 -11.31
CA HIS A 4 -19.00 -30.37 -12.49
C HIS A 4 -18.13 -29.14 -12.14
N HIS A 5 -17.98 -28.84 -10.85
CA HIS A 5 -17.20 -27.66 -10.43
C HIS A 5 -15.70 -27.86 -10.75
N HIS A 6 -15.19 -27.06 -11.68
CA HIS A 6 -13.78 -27.15 -12.11
C HIS A 6 -12.81 -27.06 -10.93
N HIS A 7 -12.34 -28.23 -10.45
CA HIS A 7 -11.48 -28.30 -9.27
C HIS A 7 -10.02 -28.64 -9.63
N HIS A 8 -9.75 -28.85 -10.91
CA HIS A 8 -8.38 -29.14 -11.37
C HIS A 8 -7.92 -28.10 -12.41
N SER A 9 -7.21 -27.07 -11.93
CA SER A 9 -6.75 -25.96 -12.79
C SER A 9 -5.33 -26.20 -13.31
N HIS A 10 -4.47 -26.78 -12.48
CA HIS A 10 -3.05 -26.98 -12.81
C HIS A 10 -2.35 -25.61 -12.98
N GLU A 11 -2.89 -24.58 -12.32
CA GLU A 11 -2.30 -23.24 -12.32
C GLU A 11 -1.42 -23.02 -11.08
N HIS A 12 -0.56 -22.01 -11.11
CA HIS A 12 0.34 -21.71 -9.99
C HIS A 12 -0.20 -20.58 -9.11
N LYS A 13 -0.42 -20.88 -7.83
CA LYS A 13 -0.83 -19.84 -6.86
C LYS A 13 0.24 -19.62 -5.78
N ARG A 14 0.73 -18.39 -5.69
CA ARG A 14 1.76 -18.03 -4.71
C ARG A 14 1.23 -17.03 -3.66
N ALA A 15 1.40 -17.36 -2.38
CA ALA A 15 0.95 -16.48 -1.30
C ALA A 15 1.83 -15.22 -1.21
N PRO A 16 1.21 -14.04 -0.95
CA PRO A 16 1.94 -12.76 -0.91
C PRO A 16 2.99 -12.67 0.21
N MET A 17 4.18 -12.18 -0.14
CA MET A 17 5.27 -12.03 0.84
C MET A 17 5.89 -10.62 0.78
N PHE A 18 5.93 -9.94 1.92
CA PHE A 18 6.61 -8.64 2.02
C PHE A 18 8.14 -8.83 1.99
N ILE A 19 8.74 -8.53 0.84
CA ILE A 19 10.19 -8.62 0.70
C ILE A 19 10.87 -7.42 1.39
N TYR A 20 10.19 -6.28 1.36
CA TYR A 20 10.68 -5.04 2.00
C TYR A 20 9.55 -4.34 2.78
N LYS A 21 9.92 -3.71 3.89
CA LYS A 21 8.97 -2.86 4.63
C LYS A 21 9.19 -1.37 4.28
N PRO A 22 8.13 -0.55 4.27
CA PRO A 22 8.25 0.88 4.00
C PRO A 22 8.72 1.67 5.24
N GLN A 23 9.67 2.58 5.03
CA GLN A 23 10.27 3.34 6.14
C GLN A 23 9.59 4.70 6.34
N SER A 24 9.50 5.14 7.61
CA SER A 24 8.77 6.37 7.97
C SER A 24 9.24 7.61 7.19
N LYS A 25 8.28 8.33 6.61
CA LYS A 25 8.57 9.55 5.83
C LYS A 25 7.92 10.78 6.50
N LYS A 26 8.68 11.86 6.63
CA LYS A 26 8.17 13.09 7.25
C LYS A 26 8.31 14.32 6.33
N VAL A 27 7.16 14.95 6.03
CA VAL A 27 7.11 16.10 5.11
C VAL A 27 6.33 17.29 5.73
N LEU A 28 6.27 18.40 5.00
CA LEU A 28 5.46 19.57 5.40
C LEU A 28 4.05 19.53 4.79
N GLU A 29 3.11 20.24 5.41
CA GLU A 29 1.73 20.31 4.91
C GLU A 29 1.66 20.88 3.48
N GLY A 30 1.29 20.05 2.52
CA GLY A 30 1.19 20.50 1.12
C GLY A 30 2.17 19.78 0.18
N ASP A 31 3.06 18.97 0.74
CA ASP A 31 3.99 18.18 -0.07
C ASP A 31 3.42 16.79 -0.39
N SER A 32 4.16 16.04 -1.19
CA SER A 32 3.78 14.67 -1.56
C SER A 32 4.78 13.65 -1.01
N VAL A 33 4.35 12.40 -0.93
CA VAL A 33 5.19 11.31 -0.44
C VAL A 33 4.82 9.98 -1.10
N LYS A 34 5.77 9.04 -1.16
CA LYS A 34 5.50 7.69 -1.66
C LYS A 34 6.03 6.61 -0.70
N LEU A 35 5.10 5.81 -0.18
CA LEU A 35 5.45 4.64 0.65
C LEU A 35 5.51 3.39 -0.23
N GLU A 36 6.71 2.82 -0.38
CA GLU A 36 6.92 1.76 -1.39
C GLU A 36 7.60 0.49 -0.82
N CYS A 37 7.11 -0.67 -1.26
CA CYS A 37 7.65 -1.97 -0.83
C CYS A 37 7.49 -3.03 -1.94
N GLN A 38 8.10 -4.19 -1.75
CA GLN A 38 7.99 -5.31 -2.71
C GLN A 38 7.16 -6.46 -2.13
N ILE A 39 6.13 -6.90 -2.85
CA ILE A 39 5.30 -8.04 -2.45
C ILE A 39 5.22 -9.10 -3.56
N SER A 40 5.69 -10.31 -3.26
CA SER A 40 5.65 -11.40 -4.25
C SER A 40 4.39 -12.26 -4.09
N ALA A 41 3.40 -12.04 -4.96
CA ALA A 41 2.16 -12.83 -4.97
C ALA A 41 1.78 -13.28 -6.39
N ILE A 42 1.10 -14.43 -6.50
CA ILE A 42 0.57 -14.91 -7.78
C ILE A 42 -0.84 -15.52 -7.59
N PRO A 43 -1.90 -14.88 -8.11
CA PRO A 43 -1.82 -13.57 -8.82
C PRO A 43 -1.68 -12.37 -7.85
N PRO A 44 -1.50 -11.13 -8.38
CA PRO A 44 -1.47 -9.91 -7.55
C PRO A 44 -2.65 -9.81 -6.56
N PRO A 45 -2.36 -9.44 -5.29
CA PRO A 45 -3.37 -9.41 -4.22
C PRO A 45 -4.08 -8.04 -4.09
N LYS A 46 -5.17 -8.03 -3.32
CA LYS A 46 -5.88 -6.78 -3.02
C LYS A 46 -5.22 -6.05 -1.84
N LEU A 47 -4.99 -4.75 -1.98
CA LEU A 47 -4.22 -3.97 -0.99
C LEU A 47 -5.14 -3.11 -0.11
N PHE A 48 -5.11 -3.37 1.20
CA PHE A 48 -5.89 -2.57 2.17
C PHE A 48 -4.98 -1.70 3.04
N TRP A 49 -5.37 -0.44 3.24
CA TRP A 49 -4.61 0.49 4.08
C TRP A 49 -5.50 1.17 5.14
N LYS A 50 -5.08 1.11 6.40
CA LYS A 50 -5.76 1.85 7.47
C LYS A 50 -4.79 2.79 8.18
N ARG A 51 -5.17 4.06 8.31
CA ARG A 51 -4.33 5.06 8.95
C ARG A 51 -4.93 5.53 10.28
N ASN A 52 -4.27 5.24 11.39
CA ASN A 52 -4.66 5.81 12.68
C ASN A 52 -6.17 5.58 12.97
N ASN A 53 -6.59 4.32 12.81
CA ASN A 53 -7.99 3.89 13.01
C ASN A 53 -8.93 4.31 11.86
N GLU A 54 -8.40 5.02 10.88
CA GLU A 54 -9.21 5.47 9.72
C GLU A 54 -8.99 4.57 8.50
N MET A 55 -10.08 4.14 7.87
CA MET A 55 -10.00 3.38 6.62
C MET A 55 -9.62 4.31 5.46
N VAL A 56 -8.43 4.13 4.92
CA VAL A 56 -7.91 5.02 3.87
C VAL A 56 -8.68 4.88 2.55
N GLN A 57 -9.16 6.02 2.03
CA GLN A 57 -9.83 6.05 0.72
C GLN A 57 -8.89 6.61 -0.35
N PHE A 58 -8.92 6.02 -1.54
CA PHE A 58 -7.99 6.38 -2.63
C PHE A 58 -8.68 7.14 -3.77
N ASN A 59 -9.92 7.57 -3.53
CA ASN A 59 -10.72 8.27 -4.54
C ASN A 59 -10.54 9.79 -4.48
N THR A 60 -9.32 10.24 -4.21
CA THR A 60 -9.02 11.69 -4.07
C THR A 60 -7.67 12.07 -4.67
N ASP A 61 -7.46 13.37 -4.86
CA ASP A 61 -6.20 13.90 -5.39
C ASP A 61 -5.08 13.75 -4.34
N ARG A 62 -5.46 13.74 -3.07
CA ARG A 62 -4.49 13.66 -1.97
C ARG A 62 -4.05 12.21 -1.67
N ILE A 63 -4.83 11.22 -2.11
CA ILE A 63 -4.50 9.82 -1.83
C ILE A 63 -4.67 8.93 -3.08
N SER A 64 -3.61 8.22 -3.44
CA SER A 64 -3.64 7.30 -4.58
C SER A 64 -2.72 6.09 -4.34
N LEU A 65 -3.08 4.95 -4.91
CA LEU A 65 -2.33 3.70 -4.71
C LEU A 65 -2.18 2.92 -6.03
N TYR A 66 -0.96 2.43 -6.30
CA TYR A 66 -0.73 1.63 -7.51
C TYR A 66 0.26 0.48 -7.22
N GLN A 67 0.18 -0.56 -8.05
CA GLN A 67 1.11 -1.70 -7.95
C GLN A 67 1.82 -1.95 -9.29
N ASP A 68 3.14 -1.96 -9.26
CA ASP A 68 3.96 -2.15 -10.46
C ASP A 68 3.98 -3.62 -10.90
N ASN A 69 4.30 -3.85 -12.18
CA ASN A 69 4.34 -5.21 -12.75
C ASN A 69 5.29 -6.14 -11.97
N THR A 70 6.34 -5.56 -11.40
CA THR A 70 7.35 -6.33 -10.65
C THR A 70 6.87 -6.71 -9.24
N GLY A 71 5.62 -6.36 -8.91
CA GLY A 71 5.09 -6.63 -7.58
C GLY A 71 5.44 -5.54 -6.57
N ARG A 72 5.66 -4.33 -7.07
CA ARG A 72 6.05 -3.20 -6.22
C ARG A 72 4.83 -2.35 -5.82
N VAL A 73 4.53 -2.31 -4.53
CA VAL A 73 3.39 -1.52 -4.02
C VAL A 73 3.85 -0.13 -3.59
N THR A 74 3.15 0.91 -4.06
CA THR A 74 3.52 2.29 -3.73
C THR A 74 2.27 3.14 -3.43
N LEU A 75 2.20 3.66 -2.21
CA LEU A 75 1.13 4.57 -1.80
C LEU A 75 1.53 6.04 -2.05
N LEU A 76 0.89 6.68 -3.01
CA LEU A 76 1.18 8.07 -3.36
C LEU A 76 0.24 9.03 -2.61
N ILE A 77 0.77 9.72 -1.60
CA ILE A 77 0.00 10.68 -0.82
C ILE A 77 0.41 12.13 -1.17
N LYS A 78 -0.53 12.89 -1.70
CA LYS A 78 -0.25 14.27 -2.16
C LYS A 78 -0.97 15.31 -1.29
N ASP A 79 -0.40 16.52 -1.23
CA ASP A 79 -1.06 17.68 -0.57
C ASP A 79 -1.44 17.34 0.89
N VAL A 80 -0.65 16.50 1.54
CA VAL A 80 -0.97 15.99 2.87
C VAL A 80 -0.81 17.07 3.97
N ASN A 81 -1.71 17.05 4.95
CA ASN A 81 -1.62 17.96 6.10
C ASN A 81 -1.58 17.18 7.44
N LYS A 82 -1.44 17.88 8.56
CA LYS A 82 -1.39 17.23 9.90
C LYS A 82 -2.49 16.18 10.08
N LYS A 83 -3.71 16.52 9.67
CA LYS A 83 -4.88 15.60 9.78
C LYS A 83 -4.61 14.22 9.15
N ASP A 84 -3.77 14.19 8.12
CA ASP A 84 -3.52 12.95 7.36
C ASP A 84 -2.28 12.20 7.84
N ALA A 85 -1.59 12.71 8.87
CA ALA A 85 -0.44 11.98 9.42
C ALA A 85 -0.91 10.89 10.40
N GLY A 86 -0.24 9.75 10.37
CA GLY A 86 -0.63 8.64 11.23
C GLY A 86 0.19 7.38 11.00
N TRP A 87 -0.21 6.28 11.63
CA TRP A 87 0.37 4.96 11.35
C TRP A 87 -0.53 4.18 10.38
N TYR A 88 0.06 3.73 9.26
CA TYR A 88 -0.66 2.95 8.25
C TYR A 88 -0.47 1.43 8.43
N THR A 89 -1.56 0.68 8.37
CA THR A 89 -1.51 -0.78 8.38
C THR A 89 -1.92 -1.34 7.01
N VAL A 90 -0.95 -1.93 6.31
CA VAL A 90 -1.20 -2.46 4.96
C VAL A 90 -1.41 -3.99 4.98
N SER A 91 -2.47 -4.45 4.32
CA SER A 91 -2.80 -5.88 4.24
C SER A 91 -3.00 -6.32 2.78
N ALA A 92 -2.18 -7.27 2.32
CA ALA A 92 -2.30 -7.81 0.97
C ALA A 92 -2.94 -9.21 0.98
N VAL A 93 -4.13 -9.33 0.39
CA VAL A 93 -4.88 -10.60 0.45
C VAL A 93 -5.03 -11.29 -0.92
N ASN A 94 -4.43 -12.48 -1.02
CA ASN A 94 -4.64 -13.39 -2.14
C ASN A 94 -5.38 -14.65 -1.65
N GLU A 95 -6.13 -15.34 -2.52
CA GLU A 95 -6.84 -16.56 -2.12
C GLU A 95 -5.84 -17.62 -1.61
N ALA A 96 -4.61 -17.56 -2.12
CA ALA A 96 -3.52 -18.44 -1.67
C ALA A 96 -3.04 -18.10 -0.24
N GLY A 97 -3.19 -16.84 0.16
CA GLY A 97 -2.71 -16.40 1.47
C GLY A 97 -2.77 -14.89 1.66
N VAL A 98 -2.54 -14.43 2.89
CA VAL A 98 -2.59 -13.00 3.22
C VAL A 98 -1.43 -12.58 4.15
N THR A 99 -0.96 -11.35 3.98
CA THR A 99 0.15 -10.82 4.81
C THR A 99 -0.07 -9.33 5.17
N THR A 100 0.31 -8.95 6.39
CA THR A 100 0.08 -7.59 6.89
C THR A 100 1.36 -6.95 7.46
N CYS A 101 1.51 -5.63 7.26
CA CYS A 101 2.66 -4.88 7.77
C CYS A 101 2.25 -3.47 8.24
N ASN A 102 3.09 -2.85 9.06
CA ASN A 102 2.82 -1.50 9.60
C ASN A 102 3.80 -0.46 9.02
N THR A 103 3.33 0.78 8.90
CA THR A 103 4.13 1.90 8.35
C THR A 103 3.82 3.22 9.07
N ARG A 104 4.81 4.11 9.19
CA ARG A 104 4.59 5.41 9.85
C ARG A 104 4.74 6.59 8.86
N LEU A 105 3.87 7.60 9.01
CA LEU A 105 3.95 8.82 8.19
C LEU A 105 3.80 10.08 9.06
N ASP A 106 4.78 10.97 9.00
CA ASP A 106 4.79 12.20 9.80
C ASP A 106 4.60 13.45 8.93
N VAL A 107 3.84 14.42 9.44
CA VAL A 107 3.65 15.71 8.76
C VAL A 107 3.89 16.88 9.72
N THR A 108 4.55 17.93 9.22
CA THR A 108 4.82 19.13 10.00
C THR A 108 4.10 20.35 9.43
N ALA A 109 3.66 21.26 10.31
CA ALA A 109 2.85 22.42 9.91
C ALA A 109 3.71 23.49 9.24
N ARG A 110 3.30 23.91 8.04
CA ARG A 110 4.02 24.97 7.31
C ARG A 110 3.82 26.35 7.96
N PRO A 111 4.91 27.08 8.23
CA PRO A 111 4.85 28.44 8.76
C PRO A 111 4.79 29.50 7.63
N ASN A 112 4.75 29.04 6.39
CA ASN A 112 4.77 29.92 5.22
C ASN A 112 3.68 29.55 4.21
N GLN A 113 3.01 30.57 3.66
CA GLN A 113 1.94 30.38 2.68
C GLN A 113 2.47 30.43 1.24
N THR A 114 1.88 29.63 0.36
CA THR A 114 2.25 29.63 -1.06
C THR A 114 1.49 30.71 -1.84
N LEU A 115 2.16 31.82 -2.15
CA LEU A 115 1.55 32.91 -2.92
C LEU A 115 1.36 32.50 -4.39
N PRO A 116 0.10 32.31 -4.84
CA PRO A 116 -0.22 31.91 -6.23
C PRO A 116 0.29 32.94 -7.27
N MET A 1 -6.69 -30.76 -16.45
CA MET A 1 -7.81 -30.69 -17.43
C MET A 1 -9.18 -30.81 -16.73
N GLY A 2 -10.21 -31.12 -17.52
CA GLY A 2 -11.57 -31.19 -16.98
C GLY A 2 -12.41 -29.99 -17.43
N HIS A 3 -13.04 -30.10 -18.60
CA HIS A 3 -13.82 -29.00 -19.16
C HIS A 3 -15.12 -28.75 -18.37
N HIS A 4 -15.64 -29.82 -17.76
CA HIS A 4 -16.78 -29.71 -16.83
C HIS A 4 -16.30 -29.91 -15.39
N HIS A 5 -15.76 -31.10 -15.13
CA HIS A 5 -15.18 -31.41 -13.82
C HIS A 5 -13.74 -30.87 -13.72
N HIS A 6 -13.62 -29.56 -13.52
CA HIS A 6 -12.30 -28.91 -13.53
C HIS A 6 -11.47 -29.31 -12.31
N HIS A 7 -10.45 -30.14 -12.54
CA HIS A 7 -9.50 -30.49 -11.50
C HIS A 7 -8.49 -29.36 -11.29
N HIS A 8 -8.38 -28.87 -10.06
CA HIS A 8 -7.52 -27.71 -9.77
C HIS A 8 -6.03 -28.07 -9.93
N SER A 9 -5.54 -27.96 -11.16
CA SER A 9 -4.15 -28.31 -11.49
C SER A 9 -3.64 -27.44 -12.66
N HIS A 10 -2.33 -27.26 -12.74
CA HIS A 10 -1.71 -26.39 -13.75
C HIS A 10 -2.00 -24.90 -13.47
N GLU A 11 -2.38 -24.61 -12.23
CA GLU A 11 -2.72 -23.25 -11.79
C GLU A 11 -1.74 -22.77 -10.72
N HIS A 12 -1.13 -21.60 -10.95
CA HIS A 12 -0.13 -21.06 -10.02
C HIS A 12 -0.76 -20.21 -8.91
N LYS A 13 -0.70 -20.70 -7.66
CA LYS A 13 -1.11 -19.93 -6.50
C LYS A 13 0.09 -19.68 -5.56
N ARG A 14 0.36 -18.41 -5.26
CA ARG A 14 1.48 -18.03 -4.39
C ARG A 14 1.07 -16.95 -3.38
N ALA A 15 1.14 -17.28 -2.09
CA ALA A 15 0.83 -16.33 -1.02
C ALA A 15 1.81 -15.14 -1.02
N PRO A 16 1.32 -13.92 -0.75
CA PRO A 16 2.13 -12.69 -0.79
C PRO A 16 3.26 -12.66 0.26
N MET A 17 4.38 -12.05 -0.10
CA MET A 17 5.53 -11.91 0.80
C MET A 17 6.16 -10.52 0.68
N PHE A 18 6.29 -9.82 1.82
CA PHE A 18 6.98 -8.52 1.85
C PHE A 18 8.51 -8.70 1.75
N ILE A 19 9.05 -8.41 0.58
CA ILE A 19 10.51 -8.52 0.36
C ILE A 19 11.24 -7.35 1.02
N TYR A 20 10.63 -6.16 0.98
CA TYR A 20 11.18 -4.96 1.61
C TYR A 20 10.11 -4.23 2.42
N LYS A 21 10.48 -3.68 3.58
CA LYS A 21 9.53 -2.96 4.42
C LYS A 21 9.44 -1.48 4.01
N PRO A 22 8.20 -0.96 3.86
CA PRO A 22 7.98 0.48 3.59
C PRO A 22 8.49 1.37 4.73
N GLN A 23 9.29 2.39 4.38
CA GLN A 23 9.96 3.23 5.36
C GLN A 23 9.13 4.47 5.74
N SER A 24 9.22 4.86 7.01
CA SER A 24 8.47 6.03 7.53
C SER A 24 9.13 7.36 7.13
N LYS A 25 8.33 8.30 6.63
CA LYS A 25 8.84 9.61 6.22
C LYS A 25 7.97 10.75 6.76
N LYS A 26 8.53 11.95 6.85
CA LYS A 26 7.80 13.12 7.33
C LYS A 26 7.94 14.33 6.41
N VAL A 27 6.83 15.04 6.18
CA VAL A 27 6.81 16.20 5.26
C VAL A 27 6.00 17.37 5.84
N LEU A 28 5.93 18.48 5.11
CA LEU A 28 5.20 19.67 5.56
C LEU A 28 3.74 19.66 5.03
N GLU A 29 2.88 20.44 5.68
CA GLU A 29 1.46 20.53 5.27
C GLU A 29 1.32 21.12 3.87
N GLY A 30 0.86 20.29 2.93
CA GLY A 30 0.73 20.71 1.54
C GLY A 30 1.74 20.01 0.62
N ASP A 31 2.62 19.21 1.20
CA ASP A 31 3.62 18.46 0.41
C ASP A 31 3.09 17.08 -0.01
N SER A 32 3.95 16.31 -0.69
CA SER A 32 3.60 14.96 -1.14
C SER A 32 4.64 13.93 -0.68
N VAL A 33 4.23 12.67 -0.60
CA VAL A 33 5.13 11.58 -0.17
C VAL A 33 4.76 10.25 -0.85
N LYS A 34 5.73 9.35 -0.96
CA LYS A 34 5.47 7.99 -1.47
C LYS A 34 5.96 6.92 -0.49
N LEU A 35 5.12 5.92 -0.25
CA LEU A 35 5.49 4.77 0.57
C LEU A 35 5.40 3.49 -0.29
N GLU A 36 6.54 2.87 -0.57
CA GLU A 36 6.59 1.73 -1.50
C GLU A 36 7.30 0.49 -0.93
N CYS A 37 6.92 -0.67 -1.45
CA CYS A 37 7.53 -1.94 -1.05
C CYS A 37 7.39 -3.01 -2.17
N GLN A 38 8.09 -4.12 -2.02
CA GLN A 38 7.99 -5.24 -2.98
C GLN A 38 7.24 -6.43 -2.37
N ILE A 39 6.13 -6.82 -2.99
CA ILE A 39 5.33 -7.96 -2.53
C ILE A 39 5.21 -9.03 -3.62
N SER A 40 5.71 -10.24 -3.35
CA SER A 40 5.65 -11.33 -4.33
C SER A 40 4.41 -12.22 -4.12
N ALA A 41 3.40 -12.02 -4.95
CA ALA A 41 2.17 -12.84 -4.92
C ALA A 41 1.76 -13.31 -6.32
N ILE A 42 1.06 -14.45 -6.40
CA ILE A 42 0.55 -14.96 -7.68
C ILE A 42 -0.86 -15.56 -7.51
N PRO A 43 -1.91 -14.91 -8.05
CA PRO A 43 -1.81 -13.61 -8.76
C PRO A 43 -1.66 -12.41 -7.78
N PRO A 44 -1.50 -11.17 -8.30
CA PRO A 44 -1.46 -9.94 -7.47
C PRO A 44 -2.59 -9.90 -6.40
N PRO A 45 -2.26 -9.49 -5.15
CA PRO A 45 -3.23 -9.50 -4.04
C PRO A 45 -4.05 -8.20 -3.91
N LYS A 46 -5.06 -8.24 -3.05
CA LYS A 46 -5.85 -7.04 -2.73
C LYS A 46 -5.18 -6.26 -1.59
N LEU A 47 -4.93 -4.97 -1.83
CA LEU A 47 -4.19 -4.13 -0.87
C LEU A 47 -5.14 -3.29 0.01
N PHE A 48 -4.80 -3.16 1.28
CA PHE A 48 -5.58 -2.33 2.22
C PHE A 48 -4.67 -1.38 3.02
N TRP A 49 -5.09 -0.12 3.16
CA TRP A 49 -4.35 0.87 3.97
C TRP A 49 -5.28 1.54 4.99
N LYS A 50 -4.89 1.48 6.27
CA LYS A 50 -5.67 2.09 7.35
C LYS A 50 -4.78 2.88 8.31
N ARG A 51 -5.15 4.13 8.59
CA ARG A 51 -4.41 4.97 9.54
C ARG A 51 -5.23 5.21 10.81
N ASN A 52 -4.76 4.69 11.95
CA ASN A 52 -5.43 4.91 13.24
C ASN A 52 -6.95 4.69 13.15
N ASN A 53 -7.35 3.51 12.66
CA ASN A 53 -8.77 3.12 12.53
C ASN A 53 -9.50 3.89 11.41
N GLU A 54 -8.79 4.73 10.67
CA GLU A 54 -9.38 5.45 9.53
C GLU A 54 -9.02 4.78 8.20
N MET A 55 -10.03 4.56 7.37
CA MET A 55 -9.86 3.90 6.07
C MET A 55 -9.29 4.88 5.03
N VAL A 56 -8.09 4.60 4.54
CA VAL A 56 -7.46 5.47 3.53
C VAL A 56 -8.12 5.27 2.16
N GLN A 57 -8.87 6.28 1.71
CA GLN A 57 -9.61 6.20 0.45
C GLN A 57 -8.82 6.82 -0.71
N PHE A 58 -8.63 6.06 -1.78
CA PHE A 58 -7.81 6.48 -2.93
C PHE A 58 -8.67 7.08 -4.04
N ASN A 59 -9.82 7.65 -3.68
CA ASN A 59 -10.79 8.16 -4.67
C ASN A 59 -10.40 9.53 -5.25
N THR A 60 -9.21 10.03 -4.90
CA THR A 60 -8.76 11.36 -5.34
C THR A 60 -7.37 11.30 -6.00
N ASP A 61 -7.04 12.33 -6.78
CA ASP A 61 -5.72 12.42 -7.41
C ASP A 61 -4.63 12.66 -6.36
N ARG A 62 -5.03 13.20 -5.22
CA ARG A 62 -4.09 13.49 -4.13
C ARG A 62 -3.68 12.21 -3.38
N ILE A 63 -4.58 11.22 -3.36
CA ILE A 63 -4.29 9.93 -2.72
C ILE A 63 -4.40 8.79 -3.74
N SER A 64 -3.32 8.03 -3.91
CA SER A 64 -3.28 6.97 -4.93
C SER A 64 -2.55 5.71 -4.42
N LEU A 65 -2.93 4.55 -4.94
CA LEU A 65 -2.28 3.29 -4.60
C LEU A 65 -2.18 2.39 -5.83
N TYR A 66 -0.97 2.20 -6.36
CA TYR A 66 -0.78 1.36 -7.54
C TYR A 66 0.25 0.26 -7.29
N GLN A 67 0.01 -0.90 -7.90
CA GLN A 67 0.94 -2.03 -7.83
C GLN A 67 1.44 -2.42 -9.23
N ASP A 68 2.75 -2.44 -9.39
CA ASP A 68 3.38 -2.76 -10.67
C ASP A 68 3.35 -4.27 -10.95
N ASN A 69 3.48 -4.65 -12.22
CA ASN A 69 3.47 -6.07 -12.61
C ASN A 69 4.63 -6.85 -11.96
N THR A 70 5.69 -6.13 -11.59
CA THR A 70 6.84 -6.75 -10.89
C THR A 70 6.58 -6.93 -9.39
N GLY A 71 5.36 -6.59 -8.95
CA GLY A 71 5.01 -6.70 -7.54
C GLY A 71 5.44 -5.50 -6.70
N ARG A 72 5.57 -4.34 -7.34
CA ARG A 72 5.98 -3.12 -6.65
C ARG A 72 4.76 -2.28 -6.22
N VAL A 73 4.51 -2.23 -4.91
CA VAL A 73 3.37 -1.48 -4.36
C VAL A 73 3.81 -0.07 -3.94
N THR A 74 3.05 0.95 -4.35
CA THR A 74 3.37 2.33 -4.00
C THR A 74 2.14 3.15 -3.58
N LEU A 75 2.21 3.75 -2.39
CA LEU A 75 1.18 4.68 -1.90
C LEU A 75 1.61 6.13 -2.12
N LEU A 76 0.77 6.93 -2.78
CA LEU A 76 1.05 8.34 -3.04
C LEU A 76 0.11 9.25 -2.26
N ILE A 77 0.67 10.12 -1.42
CA ILE A 77 -0.12 11.05 -0.60
C ILE A 77 0.27 12.51 -0.85
N LYS A 78 -0.67 13.30 -1.38
CA LYS A 78 -0.44 14.71 -1.72
C LYS A 78 -1.27 15.64 -0.82
N ASP A 79 -0.82 16.90 -0.67
CA ASP A 79 -1.56 17.92 0.10
C ASP A 79 -1.83 17.43 1.54
N VAL A 80 -0.91 16.62 2.06
CA VAL A 80 -1.05 16.02 3.38
C VAL A 80 -0.89 17.09 4.49
N ASN A 81 -1.75 17.04 5.50
CA ASN A 81 -1.65 17.94 6.66
C ASN A 81 -1.57 17.14 7.97
N LYS A 82 -1.46 17.84 9.11
CA LYS A 82 -1.34 17.18 10.42
C LYS A 82 -2.42 16.09 10.62
N LYS A 83 -3.63 16.36 10.12
CA LYS A 83 -4.76 15.42 10.22
C LYS A 83 -4.44 14.04 9.60
N ASP A 84 -3.56 14.02 8.60
CA ASP A 84 -3.26 12.79 7.86
C ASP A 84 -2.01 12.06 8.37
N ALA A 85 -1.36 12.60 9.40
CA ALA A 85 -0.22 11.90 9.99
C ALA A 85 -0.71 10.84 10.97
N GLY A 86 -0.05 9.68 10.97
CA GLY A 86 -0.47 8.61 11.85
C GLY A 86 0.31 7.31 11.63
N TRP A 87 -0.15 6.25 12.31
CA TRP A 87 0.33 4.90 12.04
C TRP A 87 -0.57 4.21 11.00
N TYR A 88 0.01 3.87 9.85
CA TYR A 88 -0.70 3.19 8.76
C TYR A 88 -0.53 1.66 8.84
N THR A 89 -1.53 0.94 8.35
CA THR A 89 -1.50 -0.53 8.31
C THR A 89 -1.75 -1.03 6.89
N VAL A 90 -0.76 -1.70 6.29
CA VAL A 90 -0.91 -2.24 4.93
C VAL A 90 -1.15 -3.75 4.95
N SER A 91 -2.31 -4.17 4.47
CA SER A 91 -2.69 -5.59 4.40
C SER A 91 -2.77 -6.07 2.95
N ALA A 92 -2.04 -7.15 2.63
CA ALA A 92 -2.09 -7.76 1.30
C ALA A 92 -2.71 -9.16 1.36
N VAL A 93 -3.87 -9.33 0.73
CA VAL A 93 -4.59 -10.61 0.77
C VAL A 93 -4.76 -11.24 -0.63
N ASN A 94 -4.17 -12.43 -0.80
CA ASN A 94 -4.28 -13.20 -2.04
C ASN A 94 -5.11 -14.47 -1.80
N GLU A 95 -5.67 -15.05 -2.86
CA GLU A 95 -6.46 -16.29 -2.76
C GLU A 95 -5.66 -17.44 -2.12
N ALA A 96 -4.35 -17.43 -2.33
CA ALA A 96 -3.43 -18.40 -1.71
C ALA A 96 -3.23 -18.15 -0.20
N GLY A 97 -3.12 -16.87 0.19
CA GLY A 97 -2.84 -16.53 1.59
C GLY A 97 -2.78 -15.01 1.83
N VAL A 98 -2.49 -14.60 3.07
CA VAL A 98 -2.50 -13.17 3.44
C VAL A 98 -1.31 -12.78 4.35
N THR A 99 -0.81 -11.55 4.17
CA THR A 99 0.27 -10.99 5.01
C THR A 99 0.06 -9.48 5.25
N THR A 100 0.40 -9.01 6.45
CA THR A 100 0.18 -7.59 6.82
C THR A 100 1.43 -6.97 7.48
N CYS A 101 1.66 -5.69 7.20
CA CYS A 101 2.77 -4.92 7.80
C CYS A 101 2.33 -3.50 8.16
N ASN A 102 3.13 -2.78 8.96
CA ASN A 102 2.80 -1.40 9.34
C ASN A 102 3.79 -0.37 8.77
N THR A 103 3.31 0.86 8.60
CA THR A 103 4.13 1.98 8.13
C THR A 103 3.71 3.27 8.84
N ARG A 104 4.65 4.19 9.07
CA ARG A 104 4.31 5.45 9.76
C ARG A 104 4.50 6.68 8.85
N LEU A 105 3.64 7.67 9.01
CA LEU A 105 3.75 8.94 8.27
C LEU A 105 3.59 10.14 9.21
N ASP A 106 4.58 11.01 9.22
CA ASP A 106 4.55 12.23 10.05
C ASP A 106 4.40 13.50 9.19
N VAL A 107 3.74 14.51 9.74
CA VAL A 107 3.58 15.80 9.05
C VAL A 107 3.92 16.97 9.98
N THR A 108 4.47 18.03 9.40
CA THR A 108 4.85 19.23 10.15
C THR A 108 4.21 20.49 9.55
N ALA A 109 3.83 21.45 10.38
CA ALA A 109 3.17 22.67 9.91
C ALA A 109 4.16 23.63 9.26
N ARG A 110 3.79 24.18 8.11
CA ARG A 110 4.63 25.15 7.40
C ARG A 110 4.75 26.48 8.17
N PRO A 111 5.96 27.09 8.20
CA PRO A 111 6.16 28.40 8.87
C PRO A 111 5.43 29.55 8.15
N ASN A 112 5.20 29.38 6.86
CA ASN A 112 4.49 30.37 6.04
C ASN A 112 3.97 29.73 4.74
N GLN A 113 2.74 30.06 4.37
CA GLN A 113 2.14 29.54 3.13
C GLN A 113 2.64 30.31 1.89
N THR A 114 2.96 31.59 2.08
CA THR A 114 3.54 32.40 0.99
C THR A 114 5.06 32.24 0.96
N LEU A 115 5.67 32.52 -0.19
CA LEU A 115 7.11 32.27 -0.41
C LEU A 115 7.48 30.80 -0.10
N PRO A 116 7.00 29.86 -0.94
CA PRO A 116 7.24 28.41 -0.77
C PRO A 116 8.64 27.96 -1.27
N MET A 1 5.91 -43.22 -15.97
CA MET A 1 7.01 -42.75 -16.85
C MET A 1 6.87 -41.27 -17.19
N GLY A 2 7.94 -40.66 -17.73
CA GLY A 2 7.91 -39.24 -18.08
C GLY A 2 8.42 -38.36 -16.94
N HIS A 3 9.07 -37.24 -17.27
CA HIS A 3 9.59 -36.30 -16.27
C HIS A 3 8.46 -35.84 -15.31
N HIS A 4 8.65 -36.10 -14.02
CA HIS A 4 7.58 -35.88 -13.03
C HIS A 4 8.07 -35.12 -11.80
N HIS A 5 9.23 -34.45 -11.90
CA HIS A 5 9.74 -33.61 -10.80
C HIS A 5 8.97 -32.28 -10.71
N HIS A 6 8.43 -31.83 -11.83
CA HIS A 6 7.58 -30.63 -11.86
C HIS A 6 6.30 -30.82 -11.04
N HIS A 7 5.93 -29.79 -10.28
CA HIS A 7 4.73 -29.85 -9.42
C HIS A 7 3.44 -30.07 -10.24
N HIS A 8 2.50 -30.79 -9.65
CA HIS A 8 1.27 -31.23 -10.34
C HIS A 8 0.35 -30.05 -10.73
N SER A 9 0.47 -28.93 -10.02
CA SER A 9 -0.43 -27.78 -10.23
C SER A 9 -0.20 -27.09 -11.59
N HIS A 10 -1.29 -26.70 -12.24
CA HIS A 10 -1.23 -26.04 -13.55
C HIS A 10 -0.73 -24.59 -13.41
N GLU A 11 -1.45 -23.79 -12.62
CA GLU A 11 -1.06 -22.40 -12.35
C GLU A 11 -0.25 -22.30 -11.05
N HIS A 12 0.53 -21.24 -10.90
CA HIS A 12 1.40 -21.07 -9.74
C HIS A 12 0.72 -20.22 -8.65
N LYS A 13 0.42 -20.84 -7.51
CA LYS A 13 -0.17 -20.13 -6.37
C LYS A 13 0.91 -19.74 -5.34
N ARG A 14 1.03 -18.45 -5.09
CA ARG A 14 2.08 -17.90 -4.21
C ARG A 14 1.49 -16.94 -3.17
N ALA A 15 1.57 -17.31 -1.90
CA ALA A 15 1.11 -16.45 -0.80
C ALA A 15 1.96 -15.18 -0.71
N PRO A 16 1.34 -14.01 -0.48
CA PRO A 16 2.06 -12.72 -0.52
C PRO A 16 3.23 -12.64 0.47
N MET A 17 4.41 -12.32 -0.06
CA MET A 17 5.64 -12.22 0.74
C MET A 17 6.25 -10.81 0.67
N PHE A 18 6.41 -10.15 1.82
CA PHE A 18 7.09 -8.85 1.87
C PHE A 18 8.60 -9.00 1.68
N ILE A 19 9.09 -8.63 0.50
CA ILE A 19 10.53 -8.62 0.24
C ILE A 19 11.18 -7.40 0.91
N TYR A 20 10.45 -6.30 0.91
CA TYR A 20 10.84 -5.07 1.61
C TYR A 20 9.62 -4.46 2.31
N LYS A 21 9.80 -3.92 3.51
CA LYS A 21 8.72 -3.21 4.19
C LYS A 21 8.87 -1.69 4.00
N PRO A 22 7.76 -0.97 3.72
CA PRO A 22 7.81 0.48 3.48
C PRO A 22 8.37 1.28 4.68
N GLN A 23 9.24 2.25 4.41
CA GLN A 23 9.89 3.04 5.46
C GLN A 23 9.15 4.37 5.72
N SER A 24 9.15 4.79 6.98
CA SER A 24 8.44 6.00 7.41
C SER A 24 9.12 7.29 6.90
N LYS A 25 8.31 8.31 6.65
CA LYS A 25 8.80 9.62 6.15
C LYS A 25 8.06 10.78 6.85
N LYS A 26 8.70 11.96 6.89
CA LYS A 26 8.04 13.16 7.43
C LYS A 26 8.20 14.36 6.48
N VAL A 27 7.10 15.07 6.24
CA VAL A 27 7.08 16.23 5.33
C VAL A 27 6.30 17.40 5.94
N LEU A 28 6.24 18.52 5.22
CA LEU A 28 5.51 19.71 5.70
C LEU A 28 4.05 19.70 5.21
N GLU A 29 3.21 20.56 5.79
CA GLU A 29 1.79 20.61 5.44
C GLU A 29 1.59 21.18 4.02
N GLY A 30 1.11 20.33 3.12
CA GLY A 30 0.91 20.72 1.73
C GLY A 30 1.80 19.95 0.76
N ASP A 31 2.83 19.29 1.30
CA ASP A 31 3.78 18.53 0.48
C ASP A 31 3.26 17.12 0.12
N SER A 32 4.09 16.37 -0.59
CA SER A 32 3.75 15.00 -1.04
C SER A 32 4.80 13.97 -0.63
N VAL A 33 4.37 12.71 -0.53
CA VAL A 33 5.27 11.61 -0.15
C VAL A 33 4.96 10.32 -0.95
N LYS A 34 6.00 9.54 -1.23
CA LYS A 34 5.85 8.25 -1.93
C LYS A 34 6.29 7.08 -1.02
N LEU A 35 5.36 6.17 -0.72
CA LEU A 35 5.66 4.98 0.08
C LEU A 35 5.52 3.70 -0.77
N GLU A 36 6.62 3.00 -1.00
CA GLU A 36 6.59 1.82 -1.88
C GLU A 36 7.39 0.63 -1.30
N CYS A 37 6.99 -0.58 -1.69
CA CYS A 37 7.66 -1.81 -1.25
C CYS A 37 7.46 -2.95 -2.27
N GLN A 38 8.19 -4.05 -2.10
CA GLN A 38 8.07 -5.21 -3.00
C GLN A 38 7.37 -6.39 -2.31
N ILE A 39 6.27 -6.87 -2.92
CA ILE A 39 5.55 -8.04 -2.41
C ILE A 39 5.47 -9.14 -3.47
N SER A 40 5.84 -10.37 -3.10
CA SER A 40 5.71 -11.52 -4.01
C SER A 40 4.38 -12.25 -3.78
N ALA A 41 3.40 -11.99 -4.64
CA ALA A 41 2.11 -12.69 -4.60
C ALA A 41 1.67 -13.12 -6.00
N ILE A 42 1.24 -14.37 -6.14
CA ILE A 42 0.74 -14.89 -7.42
C ILE A 42 -0.58 -15.67 -7.22
N PRO A 43 -1.72 -15.17 -7.74
CA PRO A 43 -1.79 -13.90 -8.49
C PRO A 43 -1.80 -12.65 -7.57
N PRO A 44 -1.57 -11.45 -8.13
CA PRO A 44 -1.60 -10.19 -7.36
C PRO A 44 -2.84 -10.07 -6.44
N PRO A 45 -2.64 -9.67 -5.18
CA PRO A 45 -3.71 -9.62 -4.17
C PRO A 45 -4.43 -8.25 -4.09
N LYS A 46 -5.51 -8.20 -3.31
CA LYS A 46 -6.19 -6.93 -3.02
C LYS A 46 -5.48 -6.20 -1.86
N LEU A 47 -5.27 -4.90 -2.00
CA LEU A 47 -4.48 -4.11 -1.04
C LEU A 47 -5.37 -3.18 -0.19
N PHE A 48 -5.23 -3.30 1.14
CA PHE A 48 -5.99 -2.44 2.07
C PHE A 48 -5.06 -1.61 2.96
N TRP A 49 -5.17 -0.28 2.86
CA TRP A 49 -4.41 0.63 3.73
C TRP A 49 -5.33 1.32 4.76
N LYS A 50 -4.99 1.18 6.03
CA LYS A 50 -5.78 1.78 7.12
C LYS A 50 -4.89 2.63 8.05
N ARG A 51 -5.31 3.87 8.30
CA ARG A 51 -4.54 4.83 9.11
C ARG A 51 -5.22 5.10 10.46
N ASN A 52 -4.56 4.73 11.56
CA ASN A 52 -5.09 4.98 12.91
C ASN A 52 -6.48 4.36 13.09
N ASN A 53 -6.68 3.17 12.53
CA ASN A 53 -7.98 2.46 12.55
C ASN A 53 -9.02 3.13 11.62
N GLU A 54 -8.61 4.19 10.93
CA GLU A 54 -9.48 4.88 9.96
C GLU A 54 -9.19 4.42 8.52
N MET A 55 -10.24 4.24 7.72
CA MET A 55 -10.10 3.76 6.34
C MET A 55 -9.64 4.89 5.39
N VAL A 56 -8.58 4.62 4.63
CA VAL A 56 -8.04 5.60 3.67
C VAL A 56 -8.81 5.54 2.33
N GLN A 57 -9.11 6.71 1.76
CA GLN A 57 -9.84 6.79 0.48
C GLN A 57 -8.90 7.15 -0.68
N PHE A 58 -9.07 6.47 -1.82
CA PHE A 58 -8.20 6.68 -2.99
C PHE A 58 -9.00 7.24 -4.18
N ASN A 59 -10.10 7.93 -3.89
CA ASN A 59 -10.97 8.48 -4.95
C ASN A 59 -10.55 9.89 -5.39
N THR A 60 -9.62 10.50 -4.66
CA THR A 60 -9.20 11.89 -4.92
C THR A 60 -7.83 11.97 -5.62
N ASP A 61 -7.53 13.12 -6.19
CA ASP A 61 -6.25 13.34 -6.88
C ASP A 61 -5.10 13.47 -5.87
N ARG A 62 -5.44 13.75 -4.61
CA ARG A 62 -4.44 13.83 -3.53
C ARG A 62 -3.87 12.46 -3.14
N ILE A 63 -4.75 11.47 -3.02
CA ILE A 63 -4.38 10.14 -2.52
C ILE A 63 -4.63 9.05 -3.58
N SER A 64 -3.62 8.21 -3.84
CA SER A 64 -3.77 7.11 -4.80
C SER A 64 -2.92 5.90 -4.41
N LEU A 65 -3.34 4.72 -4.87
CA LEU A 65 -2.62 3.47 -4.61
C LEU A 65 -2.56 2.60 -5.87
N TYR A 66 -1.38 2.10 -6.22
CA TYR A 66 -1.24 1.20 -7.37
C TYR A 66 -0.22 0.09 -7.11
N GLN A 67 -0.36 -1.01 -7.85
CA GLN A 67 0.58 -2.13 -7.76
C GLN A 67 1.20 -2.41 -9.14
N ASP A 68 2.53 -2.38 -9.20
CA ASP A 68 3.26 -2.50 -10.47
C ASP A 68 3.45 -3.97 -10.88
N ASN A 69 3.75 -4.19 -12.17
CA ASN A 69 3.98 -5.53 -12.72
C ASN A 69 5.06 -6.29 -11.94
N THR A 70 6.09 -5.59 -11.47
CA THR A 70 7.19 -6.21 -10.74
C THR A 70 6.78 -6.64 -9.32
N GLY A 71 5.53 -6.36 -8.94
CA GLY A 71 5.06 -6.70 -7.60
C GLY A 71 5.29 -5.58 -6.59
N ARG A 72 5.41 -4.35 -7.07
CA ARG A 72 5.67 -3.20 -6.20
C ARG A 72 4.38 -2.49 -5.80
N VAL A 73 4.14 -2.37 -4.51
CA VAL A 73 2.99 -1.61 -3.99
C VAL A 73 3.41 -0.17 -3.67
N THR A 74 2.71 0.81 -4.22
CA THR A 74 3.08 2.22 -4.03
C THR A 74 1.89 3.10 -3.63
N LEU A 75 1.97 3.68 -2.44
CA LEU A 75 0.97 4.62 -1.93
C LEU A 75 1.45 6.07 -2.12
N LEU A 76 0.64 6.89 -2.79
CA LEU A 76 0.97 8.29 -3.03
C LEU A 76 0.07 9.23 -2.23
N ILE A 77 0.66 9.93 -1.25
CA ILE A 77 -0.08 10.89 -0.42
C ILE A 77 0.39 12.33 -0.71
N LYS A 78 -0.49 13.12 -1.31
CA LYS A 78 -0.17 14.51 -1.68
C LYS A 78 -1.00 15.54 -0.89
N ASP A 79 -0.43 16.74 -0.71
CA ASP A 79 -1.09 17.84 0.02
C ASP A 79 -1.39 17.41 1.46
N VAL A 80 -0.51 16.59 2.03
CA VAL A 80 -0.71 16.02 3.36
C VAL A 80 -0.57 17.09 4.47
N ASN A 81 -1.52 17.12 5.40
CA ASN A 81 -1.43 18.02 6.56
C ASN A 81 -1.31 17.22 7.87
N LYS A 82 -1.14 17.90 9.00
CA LYS A 82 -1.00 17.23 10.31
C LYS A 82 -2.05 16.11 10.50
N LYS A 83 -3.30 16.42 10.18
CA LYS A 83 -4.40 15.45 10.32
C LYS A 83 -4.18 14.17 9.49
N ASP A 84 -3.51 14.29 8.35
CA ASP A 84 -3.33 13.15 7.44
C ASP A 84 -2.14 12.27 7.88
N ALA A 85 -1.45 12.68 8.94
CA ALA A 85 -0.36 11.86 9.50
C ALA A 85 -0.92 10.79 10.45
N GLY A 86 -0.29 9.62 10.44
CA GLY A 86 -0.73 8.54 11.32
C GLY A 86 0.07 7.25 11.14
N TRP A 87 -0.38 6.19 11.80
CA TRP A 87 0.14 4.85 11.55
C TRP A 87 -0.69 4.14 10.47
N TYR A 88 -0.06 3.88 9.33
CA TYR A 88 -0.71 3.20 8.22
C TYR A 88 -0.44 1.68 8.26
N THR A 89 -1.48 0.89 8.04
CA THR A 89 -1.36 -0.57 8.06
C THR A 89 -1.77 -1.16 6.71
N VAL A 90 -0.85 -1.88 6.07
CA VAL A 90 -1.11 -2.47 4.75
C VAL A 90 -1.44 -3.98 4.85
N SER A 91 -2.56 -4.36 4.26
CA SER A 91 -2.98 -5.77 4.23
C SER A 91 -3.16 -6.26 2.78
N ALA A 92 -2.38 -7.27 2.39
CA ALA A 92 -2.50 -7.88 1.07
C ALA A 92 -3.16 -9.26 1.15
N VAL A 93 -4.36 -9.39 0.57
CA VAL A 93 -5.12 -10.63 0.63
C VAL A 93 -5.15 -11.38 -0.72
N ASN A 94 -4.48 -12.53 -0.75
CA ASN A 94 -4.48 -13.43 -1.91
C ASN A 94 -5.24 -14.71 -1.55
N GLU A 95 -5.83 -15.39 -2.53
CA GLU A 95 -6.52 -16.67 -2.29
C GLU A 95 -5.56 -17.69 -1.64
N ALA A 96 -4.27 -17.59 -1.97
CA ALA A 96 -3.24 -18.45 -1.37
C ALA A 96 -2.96 -18.10 0.11
N GLY A 97 -3.18 -16.84 0.46
CA GLY A 97 -2.93 -16.38 1.83
C GLY A 97 -2.97 -14.86 1.99
N VAL A 98 -2.89 -14.38 3.23
CA VAL A 98 -2.98 -12.95 3.51
C VAL A 98 -1.84 -12.49 4.44
N THR A 99 -1.33 -11.27 4.23
CA THR A 99 -0.23 -10.73 5.03
C THR A 99 -0.44 -9.24 5.36
N THR A 100 -0.02 -8.83 6.56
CA THR A 100 -0.22 -7.45 7.03
C THR A 100 1.07 -6.86 7.63
N CYS A 101 1.37 -5.60 7.29
CA CYS A 101 2.56 -4.92 7.82
C CYS A 101 2.23 -3.48 8.26
N ASN A 102 3.18 -2.84 8.94
CA ASN A 102 2.96 -1.49 9.49
C ASN A 102 3.83 -0.42 8.81
N THR A 103 3.30 0.80 8.72
CA THR A 103 4.00 1.95 8.14
C THR A 103 3.64 3.23 8.90
N ARG A 104 4.56 4.19 9.00
CA ARG A 104 4.28 5.44 9.71
C ARG A 104 4.51 6.67 8.82
N LEU A 105 3.61 7.65 8.93
CA LEU A 105 3.76 8.93 8.23
C LEU A 105 3.69 10.10 9.22
N ASP A 106 4.71 10.94 9.22
CA ASP A 106 4.73 12.13 10.08
C ASP A 106 4.62 13.42 9.25
N VAL A 107 4.02 14.45 9.84
CA VAL A 107 3.88 15.75 9.18
C VAL A 107 4.29 16.91 10.12
N THR A 108 4.87 17.94 9.53
CA THR A 108 5.28 19.14 10.26
C THR A 108 4.59 20.38 9.67
N ALA A 109 4.30 21.37 10.51
CA ALA A 109 3.58 22.57 10.05
C ALA A 109 4.49 23.48 9.22
N ARG A 110 4.07 23.74 7.99
CA ARG A 110 4.82 24.63 7.09
C ARG A 110 4.70 26.10 7.56
N PRO A 111 5.84 26.79 7.78
CA PRO A 111 5.87 28.12 8.41
C PRO A 111 5.49 29.26 7.45
N ASN A 112 5.19 28.91 6.21
CA ASN A 112 4.80 29.89 5.19
C ASN A 112 3.71 29.33 4.26
N GLN A 113 3.17 30.17 3.39
CA GLN A 113 2.15 29.75 2.41
C GLN A 113 2.36 30.43 1.04
N THR A 114 2.47 29.61 -0.01
CA THR A 114 2.48 30.12 -1.38
C THR A 114 1.07 30.60 -1.79
N LEU A 115 0.06 30.14 -1.05
CA LEU A 115 -1.32 30.53 -1.27
C LEU A 115 -1.69 31.81 -0.49
N PRO A 116 -2.74 32.54 -0.91
CA PRO A 116 -3.18 33.79 -0.24
C PRO A 116 -3.49 33.60 1.26
N MET A 1 -16.41 -30.92 -33.33
CA MET A 1 -16.98 -31.51 -32.09
C MET A 1 -16.26 -30.99 -30.83
N GLY A 2 -14.97 -31.30 -30.72
CA GLY A 2 -14.17 -30.84 -29.58
C GLY A 2 -12.79 -30.36 -30.01
N HIS A 3 -12.46 -29.11 -29.69
CA HIS A 3 -11.19 -28.51 -30.13
C HIS A 3 -10.07 -28.77 -29.11
N HIS A 4 -10.29 -28.38 -27.86
CA HIS A 4 -9.29 -28.58 -26.80
C HIS A 4 -9.44 -29.96 -26.16
N HIS A 5 -8.45 -30.83 -26.40
CA HIS A 5 -8.48 -32.20 -25.86
C HIS A 5 -7.65 -32.33 -24.57
N HIS A 6 -7.21 -31.19 -24.04
CA HIS A 6 -6.58 -31.13 -22.71
C HIS A 6 -7.52 -30.41 -21.73
N HIS A 7 -8.20 -31.20 -20.89
CA HIS A 7 -9.31 -30.68 -20.07
C HIS A 7 -8.85 -30.13 -18.71
N HIS A 8 -7.53 -30.07 -18.47
CA HIS A 8 -7.01 -29.54 -17.19
C HIS A 8 -5.51 -29.21 -17.27
N SER A 9 -5.12 -28.12 -16.60
CA SER A 9 -3.72 -27.68 -16.54
C SER A 9 -3.23 -27.57 -15.09
N HIS A 10 -2.11 -26.86 -14.87
CA HIS A 10 -1.57 -26.67 -13.51
C HIS A 10 -1.26 -25.21 -13.21
N GLU A 11 -2.13 -24.56 -12.42
CA GLU A 11 -1.89 -23.18 -11.98
C GLU A 11 -1.23 -23.15 -10.59
N HIS A 12 -0.24 -22.28 -10.43
CA HIS A 12 0.54 -22.21 -9.17
C HIS A 12 0.11 -20.99 -8.33
N LYS A 13 -0.11 -21.20 -7.04
CA LYS A 13 -0.46 -20.10 -6.12
C LYS A 13 0.72 -19.78 -5.19
N ARG A 14 1.00 -18.50 -5.00
CA ARG A 14 2.08 -18.05 -4.13
C ARG A 14 1.60 -16.98 -3.14
N ALA A 15 1.71 -17.26 -1.85
CA ALA A 15 1.29 -16.32 -0.81
C ALA A 15 2.11 -15.01 -0.85
N PRO A 16 1.49 -13.86 -0.55
CA PRO A 16 2.17 -12.56 -0.63
C PRO A 16 3.32 -12.41 0.38
N MET A 17 4.50 -12.05 -0.13
CA MET A 17 5.69 -11.89 0.70
C MET A 17 6.29 -10.48 0.55
N PHE A 18 6.46 -9.78 1.67
CA PHE A 18 7.13 -8.48 1.67
C PHE A 18 8.65 -8.66 1.51
N ILE A 19 9.17 -8.39 0.33
CA ILE A 19 10.62 -8.43 0.09
C ILE A 19 11.29 -7.22 0.75
N TYR A 20 10.57 -6.10 0.76
CA TYR A 20 10.97 -4.89 1.47
C TYR A 20 9.76 -4.26 2.15
N LYS A 21 9.81 -4.10 3.47
CA LYS A 21 8.71 -3.45 4.20
C LYS A 21 8.73 -1.92 4.00
N PRO A 22 7.56 -1.28 3.88
CA PRO A 22 7.47 0.19 3.78
C PRO A 22 8.16 0.89 4.97
N GLN A 23 8.67 2.11 4.72
CA GLN A 23 9.48 2.83 5.71
C GLN A 23 8.90 4.22 6.03
N SER A 24 9.05 4.65 7.28
CA SER A 24 8.49 5.92 7.75
C SER A 24 9.17 7.14 7.10
N LYS A 25 8.37 8.11 6.69
CA LYS A 25 8.86 9.35 6.07
C LYS A 25 8.20 10.58 6.70
N LYS A 26 8.92 11.72 6.70
CA LYS A 26 8.36 12.98 7.20
C LYS A 26 8.20 14.01 6.08
N VAL A 27 7.18 14.87 6.19
CA VAL A 27 6.92 15.93 5.21
C VAL A 27 6.36 17.19 5.90
N LEU A 28 6.13 18.25 5.11
CA LEU A 28 5.51 19.48 5.60
C LEU A 28 4.01 19.56 5.22
N GLU A 29 3.25 20.35 5.98
CA GLU A 29 1.82 20.50 5.72
C GLU A 29 1.54 21.13 4.35
N GLY A 30 1.04 20.33 3.42
CA GLY A 30 0.75 20.81 2.07
C GLY A 30 1.62 20.18 0.99
N ASP A 31 2.63 19.41 1.42
CA ASP A 31 3.52 18.71 0.49
C ASP A 31 3.01 17.29 0.16
N SER A 32 3.88 16.49 -0.45
CA SER A 32 3.50 15.13 -0.89
C SER A 32 4.54 14.08 -0.47
N VAL A 33 4.11 12.83 -0.39
CA VAL A 33 4.99 11.71 -0.03
C VAL A 33 4.63 10.46 -0.83
N LYS A 34 5.61 9.57 -1.02
CA LYS A 34 5.38 8.29 -1.71
C LYS A 34 6.04 7.12 -0.95
N LEU A 35 5.25 6.11 -0.65
CA LEU A 35 5.73 4.90 0.04
C LEU A 35 5.66 3.68 -0.89
N GLU A 36 6.80 3.11 -1.26
CA GLU A 36 6.83 1.98 -2.19
C GLU A 36 7.55 0.74 -1.60
N CYS A 37 7.02 -0.45 -1.90
CA CYS A 37 7.58 -1.71 -1.41
C CYS A 37 7.42 -2.84 -2.44
N GLN A 38 8.11 -3.97 -2.22
CA GLN A 38 8.03 -5.13 -3.12
C GLN A 38 7.25 -6.29 -2.47
N ILE A 39 6.14 -6.66 -3.09
CA ILE A 39 5.32 -7.79 -2.61
C ILE A 39 5.23 -8.88 -3.69
N SER A 40 5.79 -10.06 -3.43
CA SER A 40 5.75 -11.17 -4.39
C SER A 40 4.59 -12.14 -4.10
N ALA A 41 3.53 -12.04 -4.88
CA ALA A 41 2.38 -12.96 -4.79
C ALA A 41 1.96 -13.47 -6.19
N ILE A 42 1.34 -14.64 -6.23
CA ILE A 42 0.84 -15.22 -7.50
C ILE A 42 -0.55 -15.87 -7.29
N PRO A 43 -1.63 -15.26 -7.81
CA PRO A 43 -1.60 -13.97 -8.54
C PRO A 43 -1.48 -12.75 -7.59
N PRO A 44 -1.37 -11.51 -8.12
CA PRO A 44 -1.32 -10.29 -7.30
C PRO A 44 -2.49 -10.21 -6.28
N PRO A 45 -2.21 -9.77 -5.04
CA PRO A 45 -3.20 -9.72 -3.95
C PRO A 45 -3.98 -8.40 -3.90
N LYS A 46 -5.06 -8.38 -3.10
CA LYS A 46 -5.82 -7.16 -2.87
C LYS A 46 -5.17 -6.34 -1.74
N LEU A 47 -4.91 -5.05 -2.01
CA LEU A 47 -4.19 -4.19 -1.07
C LEU A 47 -5.15 -3.28 -0.27
N PHE A 48 -5.15 -3.43 1.04
CA PHE A 48 -5.96 -2.58 1.93
C PHE A 48 -5.06 -1.66 2.79
N TRP A 49 -5.21 -0.35 2.61
CA TRP A 49 -4.48 0.63 3.42
C TRP A 49 -5.42 1.31 4.43
N LYS A 50 -5.05 1.26 5.70
CA LYS A 50 -5.86 1.87 6.77
C LYS A 50 -5.02 2.87 7.58
N ARG A 51 -5.54 4.09 7.75
CA ARG A 51 -4.85 5.13 8.51
C ARG A 51 -5.54 5.39 9.85
N ASN A 52 -4.87 5.09 10.96
CA ASN A 52 -5.41 5.40 12.29
C ASN A 52 -6.86 4.91 12.44
N ASN A 53 -7.09 3.64 12.11
CA ASN A 53 -8.42 2.99 12.19
C ASN A 53 -9.36 3.39 11.02
N GLU A 54 -9.01 4.43 10.25
CA GLU A 54 -9.83 4.84 9.09
C GLU A 54 -9.42 4.13 7.80
N MET A 55 -10.40 3.61 7.07
CA MET A 55 -10.17 3.00 5.75
C MET A 55 -9.81 4.09 4.71
N VAL A 56 -8.67 3.95 4.06
CA VAL A 56 -8.22 4.95 3.07
C VAL A 56 -8.94 4.79 1.72
N GLN A 57 -9.48 5.90 1.20
CA GLN A 57 -10.17 5.89 -0.09
C GLN A 57 -9.28 6.50 -1.19
N PHE A 58 -9.14 5.78 -2.30
CA PHE A 58 -8.22 6.19 -3.38
C PHE A 58 -8.96 6.85 -4.55
N ASN A 59 -10.23 7.20 -4.35
CA ASN A 59 -11.04 7.84 -5.39
C ASN A 59 -10.77 9.37 -5.45
N THR A 60 -9.50 9.74 -5.40
CA THR A 60 -9.09 11.16 -5.45
C THR A 60 -7.74 11.33 -6.14
N ASP A 61 -7.43 12.57 -6.54
CA ASP A 61 -6.13 12.90 -7.15
C ASP A 61 -5.06 13.12 -6.06
N ARG A 62 -5.50 13.43 -4.85
CA ARG A 62 -4.58 13.72 -3.74
C ARG A 62 -4.10 12.44 -3.04
N ILE A 63 -4.98 11.44 -2.98
CA ILE A 63 -4.61 10.11 -2.44
C ILE A 63 -4.75 9.05 -3.54
N SER A 64 -3.68 8.29 -3.78
CA SER A 64 -3.67 7.29 -4.85
C SER A 64 -2.85 6.04 -4.48
N LEU A 65 -3.21 4.91 -5.07
CA LEU A 65 -2.48 3.65 -4.87
C LEU A 65 -2.32 2.91 -6.21
N TYR A 66 -1.12 2.45 -6.50
CA TYR A 66 -0.89 1.63 -7.70
C TYR A 66 0.15 0.53 -7.43
N GLN A 67 -0.10 -0.66 -7.98
CA GLN A 67 0.85 -1.77 -7.89
C GLN A 67 1.41 -2.12 -9.28
N ASP A 68 2.73 -2.13 -9.39
CA ASP A 68 3.39 -2.43 -10.66
C ASP A 68 3.31 -3.92 -10.99
N ASN A 69 3.47 -4.26 -12.26
CA ASN A 69 3.33 -5.64 -12.74
C ASN A 69 4.38 -6.59 -12.13
N THR A 70 5.47 -6.03 -11.60
CA THR A 70 6.50 -6.84 -10.90
C THR A 70 6.16 -7.04 -9.42
N GLY A 71 5.06 -6.45 -8.97
CA GLY A 71 4.65 -6.58 -7.56
C GLY A 71 5.11 -5.41 -6.68
N ARG A 72 5.49 -4.29 -7.29
CA ARG A 72 5.91 -3.10 -6.54
C ARG A 72 4.70 -2.21 -6.19
N VAL A 73 4.38 -2.10 -4.90
CA VAL A 73 3.26 -1.29 -4.45
C VAL A 73 3.71 0.13 -4.08
N THR A 74 2.94 1.14 -4.47
CA THR A 74 3.26 2.54 -4.14
C THR A 74 2.03 3.34 -3.70
N LEU A 75 2.12 3.95 -2.52
CA LEU A 75 1.08 4.85 -2.01
C LEU A 75 1.46 6.32 -2.22
N LEU A 76 0.53 7.11 -2.75
CA LEU A 76 0.77 8.55 -3.01
C LEU A 76 -0.14 9.42 -2.13
N ILE A 77 0.45 10.38 -1.42
CA ILE A 77 -0.30 11.29 -0.55
C ILE A 77 0.07 12.75 -0.81
N LYS A 78 -0.91 13.56 -1.24
CA LYS A 78 -0.69 14.99 -1.52
C LYS A 78 -1.44 15.89 -0.52
N ASP A 79 -0.94 17.11 -0.33
CA ASP A 79 -1.63 18.14 0.47
C ASP A 79 -1.86 17.68 1.93
N VAL A 80 -1.01 16.76 2.39
CA VAL A 80 -1.15 16.18 3.73
C VAL A 80 -0.78 17.21 4.82
N ASN A 81 -1.59 17.27 5.88
CA ASN A 81 -1.28 18.17 7.02
C ASN A 81 -1.21 17.37 8.34
N LYS A 82 -0.94 18.07 9.45
CA LYS A 82 -0.79 17.41 10.76
C LYS A 82 -1.91 16.39 11.04
N LYS A 83 -3.12 16.74 10.64
CA LYS A 83 -4.30 15.92 10.93
C LYS A 83 -4.22 14.55 10.23
N ASP A 84 -3.45 14.48 9.16
CA ASP A 84 -3.36 13.26 8.34
C ASP A 84 -2.16 12.37 8.71
N ALA A 85 -1.35 12.79 9.68
CA ALA A 85 -0.20 11.96 10.10
C ALA A 85 -0.66 10.86 11.05
N GLY A 86 -0.08 9.67 10.89
CA GLY A 86 -0.47 8.52 11.69
C GLY A 86 0.25 7.24 11.27
N TRP A 87 -0.16 6.10 11.81
CA TRP A 87 0.34 4.80 11.36
C TRP A 87 -0.59 4.19 10.29
N TYR A 88 -0.03 3.91 9.12
CA TYR A 88 -0.76 3.26 8.03
C TYR A 88 -0.54 1.74 8.05
N THR A 89 -1.62 1.00 8.24
CA THR A 89 -1.56 -0.47 8.26
C THR A 89 -2.01 -1.05 6.91
N VAL A 90 -1.07 -1.69 6.20
CA VAL A 90 -1.36 -2.29 4.89
C VAL A 90 -1.58 -3.80 4.98
N SER A 91 -2.76 -4.25 4.58
CA SER A 91 -3.08 -5.68 4.54
C SER A 91 -3.18 -6.19 3.10
N ALA A 92 -2.22 -7.03 2.70
CA ALA A 92 -2.23 -7.64 1.37
C ALA A 92 -2.80 -9.06 1.42
N VAL A 93 -3.95 -9.27 0.78
CA VAL A 93 -4.64 -10.56 0.84
C VAL A 93 -4.72 -11.28 -0.53
N ASN A 94 -4.10 -12.44 -0.61
CA ASN A 94 -4.19 -13.32 -1.77
C ASN A 94 -4.99 -14.59 -1.40
N GLU A 95 -5.61 -15.21 -2.39
CA GLU A 95 -6.38 -16.45 -2.17
C GLU A 95 -5.53 -17.56 -1.50
N ALA A 96 -4.24 -17.57 -1.81
CA ALA A 96 -3.30 -18.51 -1.19
C ALA A 96 -3.00 -18.17 0.28
N GLY A 97 -2.96 -16.87 0.60
CA GLY A 97 -2.62 -16.43 1.95
C GLY A 97 -2.65 -14.91 2.11
N VAL A 98 -2.55 -14.43 3.36
CA VAL A 98 -2.63 -13.00 3.65
C VAL A 98 -1.49 -12.53 4.58
N THR A 99 -1.02 -11.29 4.38
CA THR A 99 0.04 -10.70 5.20
C THR A 99 -0.22 -9.21 5.46
N THR A 100 0.09 -8.74 6.66
CA THR A 100 -0.20 -7.34 7.06
C THR A 100 1.03 -6.65 7.68
N CYS A 101 1.30 -5.42 7.23
CA CYS A 101 2.44 -4.64 7.73
C CYS A 101 2.02 -3.24 8.18
N ASN A 102 2.79 -2.64 9.08
CA ASN A 102 2.51 -1.28 9.58
C ASN A 102 3.59 -0.28 9.12
N THR A 103 3.19 0.97 8.92
CA THR A 103 4.11 2.04 8.50
C THR A 103 3.73 3.38 9.15
N ARG A 104 4.71 4.23 9.42
CA ARG A 104 4.45 5.52 10.06
C ARG A 104 4.68 6.70 9.10
N LEU A 105 3.82 7.72 9.21
CA LEU A 105 3.98 8.96 8.44
C LEU A 105 3.98 10.19 9.36
N ASP A 106 5.04 10.99 9.31
CA ASP A 106 5.17 12.19 10.15
C ASP A 106 5.02 13.48 9.34
N VAL A 107 4.15 14.38 9.80
CA VAL A 107 3.97 15.68 9.14
C VAL A 107 4.43 16.83 10.05
N THR A 108 5.00 17.87 9.46
CA THR A 108 5.53 19.01 10.20
C THR A 108 4.91 20.33 9.70
N ALA A 109 4.74 21.29 10.60
CA ALA A 109 4.10 22.57 10.25
C ALA A 109 5.04 23.49 9.45
N ARG A 110 4.55 23.97 8.31
CA ARG A 110 5.33 24.92 7.50
C ARG A 110 5.58 26.22 8.25
N PRO A 111 6.81 26.76 8.20
CA PRO A 111 7.13 28.06 8.82
C PRO A 111 6.47 29.23 8.07
N ASN A 112 6.12 28.97 6.81
CA ASN A 112 5.47 29.96 5.95
C ASN A 112 4.38 29.30 5.09
N GLN A 113 3.21 29.95 5.02
CA GLN A 113 2.10 29.45 4.20
C GLN A 113 1.87 30.34 2.98
N THR A 114 2.10 29.78 1.79
CA THR A 114 1.97 30.52 0.52
C THR A 114 0.61 30.26 -0.15
N LEU A 115 0.03 31.31 -0.73
CA LEU A 115 -1.27 31.23 -1.42
C LEU A 115 -2.38 30.65 -0.52
N PRO A 116 -2.90 31.45 0.42
CA PRO A 116 -3.99 31.03 1.30
C PRO A 116 -5.40 31.34 0.73
N MET A 1 -10.08 -40.78 -1.14
CA MET A 1 -11.36 -41.06 -0.44
C MET A 1 -12.13 -39.75 -0.15
N GLY A 2 -13.45 -39.86 -0.03
CA GLY A 2 -14.28 -38.72 0.35
C GLY A 2 -14.61 -37.81 -0.83
N HIS A 3 -13.61 -37.06 -1.29
CA HIS A 3 -13.80 -36.11 -2.39
C HIS A 3 -14.13 -36.82 -3.71
N HIS A 4 -15.42 -36.82 -4.08
CA HIS A 4 -15.84 -37.38 -5.37
C HIS A 4 -15.70 -36.33 -6.48
N HIS A 5 -15.27 -36.78 -7.67
CA HIS A 5 -14.98 -35.89 -8.79
C HIS A 5 -13.82 -34.94 -8.48
N HIS A 6 -12.60 -35.37 -8.80
CA HIS A 6 -11.40 -34.58 -8.50
C HIS A 6 -11.22 -33.41 -9.48
N HIS A 7 -11.79 -32.27 -9.14
CA HIS A 7 -11.61 -31.04 -9.91
C HIS A 7 -10.60 -30.10 -9.22
N HIS A 8 -9.43 -29.94 -9.82
CA HIS A 8 -8.42 -29.00 -9.31
C HIS A 8 -7.63 -28.36 -10.46
N SER A 9 -7.71 -27.04 -10.56
CA SER A 9 -7.05 -26.30 -11.63
C SER A 9 -5.53 -26.39 -11.52
N HIS A 10 -4.89 -26.83 -12.61
CA HIS A 10 -3.43 -26.99 -12.65
C HIS A 10 -2.73 -25.62 -12.83
N GLU A 11 -2.40 -24.98 -11.70
CA GLU A 11 -1.82 -23.62 -11.71
C GLU A 11 -0.59 -23.53 -10.81
N HIS A 12 0.22 -22.49 -11.02
CA HIS A 12 1.30 -22.15 -10.09
C HIS A 12 0.93 -20.88 -9.31
N LYS A 13 0.60 -21.02 -8.03
CA LYS A 13 0.20 -19.87 -7.22
C LYS A 13 1.13 -19.63 -6.02
N ARG A 14 1.32 -18.37 -5.68
CA ARG A 14 2.32 -17.96 -4.68
C ARG A 14 1.70 -17.00 -3.65
N ALA A 15 1.93 -17.26 -2.37
CA ALA A 15 1.42 -16.41 -1.28
C ALA A 15 2.18 -15.06 -1.22
N PRO A 16 1.52 -13.97 -0.78
CA PRO A 16 2.15 -12.64 -0.71
C PRO A 16 3.30 -12.56 0.30
N MET A 17 4.47 -12.11 -0.17
CA MET A 17 5.67 -12.02 0.66
C MET A 17 6.32 -10.62 0.61
N PHE A 18 6.53 -10.00 1.77
CA PHE A 18 7.21 -8.70 1.85
C PHE A 18 8.72 -8.86 1.70
N ILE A 19 9.26 -8.46 0.54
CA ILE A 19 10.70 -8.57 0.26
C ILE A 19 11.47 -7.37 0.87
N TYR A 20 10.86 -6.18 0.83
CA TYR A 20 11.47 -4.97 1.38
C TYR A 20 10.45 -4.20 2.23
N LYS A 21 10.94 -3.48 3.24
CA LYS A 21 10.08 -2.78 4.20
C LYS A 21 9.77 -1.35 3.73
N PRO A 22 8.55 -0.84 4.01
CA PRO A 22 8.20 0.56 3.76
C PRO A 22 8.71 1.51 4.87
N GLN A 23 9.45 2.54 4.48
CA GLN A 23 10.10 3.44 5.45
C GLN A 23 9.21 4.65 5.79
N SER A 24 9.16 5.02 7.06
CA SER A 24 8.40 6.19 7.51
C SER A 24 9.05 7.49 7.02
N LYS A 25 8.26 8.34 6.38
CA LYS A 25 8.77 9.59 5.81
C LYS A 25 8.12 10.81 6.50
N LYS A 26 8.89 11.88 6.68
CA LYS A 26 8.36 13.10 7.28
C LYS A 26 8.40 14.29 6.29
N VAL A 27 7.23 14.85 6.00
CA VAL A 27 7.10 15.96 5.04
C VAL A 27 6.37 17.17 5.65
N LEU A 28 6.26 18.25 4.88
CA LEU A 28 5.61 19.48 5.36
C LEU A 28 4.15 19.58 4.88
N GLU A 29 3.35 20.39 5.58
CA GLU A 29 1.92 20.57 5.22
C GLU A 29 1.75 21.19 3.82
N GLY A 30 1.22 20.40 2.90
CA GLY A 30 1.04 20.85 1.52
C GLY A 30 1.94 20.11 0.54
N ASP A 31 2.94 19.41 1.08
CA ASP A 31 3.88 18.63 0.26
C ASP A 31 3.36 17.21 -0.02
N SER A 32 4.18 16.41 -0.69
CA SER A 32 3.80 15.05 -1.09
C SER A 32 4.79 14.01 -0.55
N VAL A 33 4.32 12.77 -0.40
CA VAL A 33 5.15 11.69 0.14
C VAL A 33 4.96 10.38 -0.65
N LYS A 34 5.98 9.53 -0.64
CA LYS A 34 5.95 8.25 -1.36
C LYS A 34 6.31 7.07 -0.43
N LEU A 35 5.38 6.12 -0.29
CA LEU A 35 5.61 4.92 0.53
C LEU A 35 5.52 3.66 -0.35
N GLU A 36 6.61 2.91 -0.47
CA GLU A 36 6.66 1.76 -1.39
C GLU A 36 7.32 0.52 -0.79
N CYS A 37 6.88 -0.65 -1.24
CA CYS A 37 7.49 -1.93 -0.85
C CYS A 37 7.25 -2.99 -1.93
N GLN A 38 7.97 -4.11 -1.85
CA GLN A 38 7.81 -5.20 -2.82
C GLN A 38 7.13 -6.42 -2.19
N ILE A 39 5.97 -6.78 -2.72
CA ILE A 39 5.24 -7.98 -2.30
C ILE A 39 5.21 -9.02 -3.44
N SER A 40 5.78 -10.20 -3.18
CA SER A 40 5.80 -11.27 -4.19
C SER A 40 4.59 -12.19 -4.01
N ALA A 41 3.58 -12.01 -4.86
CA ALA A 41 2.37 -12.84 -4.85
C ALA A 41 1.97 -13.29 -6.27
N ILE A 42 1.35 -14.45 -6.37
CA ILE A 42 0.79 -14.94 -7.65
C ILE A 42 -0.59 -15.58 -7.42
N PRO A 43 -1.69 -14.96 -7.91
CA PRO A 43 -1.66 -13.66 -8.63
C PRO A 43 -1.54 -12.45 -7.67
N PRO A 44 -1.35 -11.22 -8.22
CA PRO A 44 -1.33 -9.99 -7.40
C PRO A 44 -2.54 -9.89 -6.44
N PRO A 45 -2.30 -9.57 -5.15
CA PRO A 45 -3.35 -9.58 -4.13
C PRO A 45 -4.15 -8.27 -4.04
N LYS A 46 -5.23 -8.30 -3.24
CA LYS A 46 -6.02 -7.09 -2.95
C LYS A 46 -5.41 -6.32 -1.77
N LEU A 47 -5.34 -5.00 -1.88
CA LEU A 47 -4.70 -4.16 -0.86
C LEU A 47 -5.73 -3.34 -0.06
N PHE A 48 -5.63 -3.42 1.27
CA PHE A 48 -6.47 -2.62 2.18
C PHE A 48 -5.62 -1.74 3.10
N TRP A 49 -5.80 -0.42 3.04
CA TRP A 49 -5.04 0.52 3.87
C TRP A 49 -5.89 1.16 4.97
N LYS A 50 -5.34 1.24 6.18
CA LYS A 50 -6.03 1.83 7.32
C LYS A 50 -5.12 2.86 8.03
N ARG A 51 -5.63 4.07 8.25
CA ARG A 51 -4.86 5.12 8.97
C ARG A 51 -5.52 5.48 10.29
N ASN A 52 -4.88 5.21 11.42
CA ASN A 52 -5.43 5.56 12.74
C ASN A 52 -6.86 5.02 12.90
N ASN A 53 -7.06 3.74 12.54
CA ASN A 53 -8.37 3.08 12.61
C ASN A 53 -9.37 3.61 11.53
N GLU A 54 -8.87 4.44 10.62
CA GLU A 54 -9.68 4.94 9.49
C GLU A 54 -9.50 4.07 8.24
N MET A 55 -10.59 3.66 7.61
CA MET A 55 -10.51 3.01 6.31
C MET A 55 -10.12 4.05 5.23
N VAL A 56 -8.94 3.89 4.65
CA VAL A 56 -8.41 4.87 3.71
C VAL A 56 -9.06 4.75 2.31
N GLN A 57 -9.71 5.82 1.86
CA GLN A 57 -10.27 5.86 0.50
C GLN A 57 -9.25 6.38 -0.53
N PHE A 58 -9.45 6.04 -1.79
CA PHE A 58 -8.51 6.45 -2.86
C PHE A 58 -9.24 7.14 -4.02
N ASN A 59 -10.39 7.75 -3.74
CA ASN A 59 -11.21 8.41 -4.77
C ASN A 59 -10.79 9.88 -4.98
N THR A 60 -9.55 10.20 -4.64
CA THR A 60 -9.05 11.58 -4.74
C THR A 60 -7.61 11.63 -5.29
N ASP A 61 -7.16 12.84 -5.62
CA ASP A 61 -5.78 13.05 -6.08
C ASP A 61 -4.81 13.13 -4.89
N ARG A 62 -5.28 13.62 -3.74
CA ARG A 62 -4.43 13.78 -2.56
C ARG A 62 -4.08 12.42 -1.93
N ILE A 63 -4.93 11.42 -2.15
CA ILE A 63 -4.67 10.06 -1.67
C ILE A 63 -4.86 9.06 -2.81
N SER A 64 -3.83 8.28 -3.12
CA SER A 64 -3.91 7.32 -4.23
C SER A 64 -3.01 6.10 -4.00
N LEU A 65 -3.46 4.94 -4.46
CA LEU A 65 -2.71 3.69 -4.32
C LEU A 65 -2.55 2.99 -5.67
N TYR A 66 -1.36 2.46 -5.93
CA TYR A 66 -1.14 1.67 -7.14
C TYR A 66 -0.20 0.49 -6.86
N GLN A 67 -0.37 -0.60 -7.61
CA GLN A 67 0.50 -1.77 -7.49
C GLN A 67 0.98 -2.24 -8.88
N ASP A 68 2.29 -2.32 -9.05
CA ASP A 68 2.89 -2.62 -10.36
C ASP A 68 3.19 -4.13 -10.51
N ASN A 69 3.31 -4.60 -11.76
CA ASN A 69 3.57 -6.02 -12.03
C ASN A 69 4.92 -6.49 -11.48
N THR A 70 5.82 -5.55 -11.21
CA THR A 70 7.10 -5.87 -10.54
C THR A 70 6.88 -6.30 -9.09
N GLY A 71 5.63 -6.23 -8.64
CA GLY A 71 5.29 -6.58 -7.26
C GLY A 71 5.45 -5.41 -6.30
N ARG A 72 5.53 -4.20 -6.85
CA ARG A 72 5.74 -3.00 -6.03
C ARG A 72 4.41 -2.33 -5.66
N VAL A 73 4.12 -2.30 -4.37
CA VAL A 73 2.96 -1.56 -3.84
C VAL A 73 3.42 -0.18 -3.38
N THR A 74 2.75 0.88 -3.86
CA THR A 74 3.14 2.25 -3.51
C THR A 74 1.93 3.15 -3.18
N LEU A 75 1.96 3.74 -1.99
CA LEU A 75 0.96 4.71 -1.57
C LEU A 75 1.46 6.14 -1.83
N LEU A 76 0.72 6.88 -2.66
CA LEU A 76 1.08 8.26 -2.99
C LEU A 76 0.13 9.28 -2.33
N ILE A 77 0.65 10.05 -1.39
CA ILE A 77 -0.13 11.05 -0.67
C ILE A 77 0.35 12.47 -0.99
N LYS A 78 -0.54 13.28 -1.55
CA LYS A 78 -0.20 14.65 -1.98
C LYS A 78 -0.93 15.70 -1.12
N ASP A 79 -0.34 16.89 -1.01
CA ASP A 79 -0.98 18.03 -0.33
C ASP A 79 -1.37 17.65 1.13
N VAL A 80 -0.55 16.81 1.75
CA VAL A 80 -0.84 16.26 3.08
C VAL A 80 -0.57 17.29 4.20
N ASN A 81 -1.44 17.32 5.21
CA ASN A 81 -1.26 18.20 6.38
C ASN A 81 -1.25 17.38 7.69
N LYS A 82 -1.04 18.06 8.82
CA LYS A 82 -0.96 17.40 10.14
C LYS A 82 -2.07 16.37 10.36
N LYS A 83 -3.31 16.78 10.14
CA LYS A 83 -4.48 15.90 10.35
C LYS A 83 -4.46 14.64 9.46
N ASP A 84 -3.60 14.62 8.45
CA ASP A 84 -3.49 13.44 7.58
C ASP A 84 -2.31 12.53 7.96
N ALA A 85 -1.54 12.92 8.97
CA ALA A 85 -0.43 12.08 9.45
C ALA A 85 -0.95 11.00 10.42
N GLY A 86 -0.35 9.81 10.38
CA GLY A 86 -0.79 8.74 11.25
C GLY A 86 -0.04 7.43 11.05
N TRP A 87 -0.51 6.38 11.72
CA TRP A 87 -0.03 5.01 11.49
C TRP A 87 -0.93 4.26 10.51
N TYR A 88 -0.35 3.86 9.38
CA TYR A 88 -1.06 3.13 8.34
C TYR A 88 -0.89 1.61 8.50
N THR A 89 -1.92 0.87 8.07
CA THR A 89 -1.89 -0.60 8.08
C THR A 89 -2.22 -1.15 6.68
N VAL A 90 -1.28 -1.88 6.09
CA VAL A 90 -1.46 -2.44 4.74
C VAL A 90 -1.77 -3.95 4.81
N SER A 91 -2.94 -4.33 4.30
CA SER A 91 -3.37 -5.73 4.26
C SER A 91 -3.37 -6.27 2.84
N ALA A 92 -2.50 -7.24 2.55
CA ALA A 92 -2.44 -7.88 1.22
C ALA A 92 -3.01 -9.30 1.27
N VAL A 93 -4.11 -9.52 0.55
CA VAL A 93 -4.78 -10.82 0.56
C VAL A 93 -4.86 -11.47 -0.84
N ASN A 94 -4.16 -12.59 -1.01
CA ASN A 94 -4.24 -13.41 -2.22
C ASN A 94 -4.93 -14.75 -1.91
N GLU A 95 -5.48 -15.41 -2.93
CA GLU A 95 -6.15 -16.71 -2.74
C GLU A 95 -5.19 -17.74 -2.12
N ALA A 96 -3.90 -17.59 -2.40
CA ALA A 96 -2.87 -18.47 -1.83
C ALA A 96 -2.64 -18.20 -0.33
N GLY A 97 -2.81 -16.95 0.09
CA GLY A 97 -2.58 -16.58 1.49
C GLY A 97 -2.70 -15.07 1.76
N VAL A 98 -2.55 -14.67 3.02
CA VAL A 98 -2.73 -13.27 3.42
C VAL A 98 -1.65 -12.79 4.41
N THR A 99 -1.21 -11.54 4.24
CA THR A 99 -0.21 -10.92 5.14
C THR A 99 -0.54 -9.44 5.38
N THR A 100 -0.29 -8.96 6.61
CA THR A 100 -0.59 -7.57 6.97
C THR A 100 0.58 -6.91 7.71
N CYS A 101 0.96 -5.71 7.26
CA CYS A 101 2.07 -4.96 7.87
C CYS A 101 1.67 -3.49 8.12
N ASN A 102 2.55 -2.72 8.75
CA ASN A 102 2.27 -1.31 9.06
C ASN A 102 3.29 -0.36 8.39
N THR A 103 2.86 0.88 8.20
CA THR A 103 3.72 1.95 7.67
C THR A 103 3.37 3.28 8.35
N ARG A 104 4.35 4.15 8.59
CA ARG A 104 4.08 5.41 9.30
C ARG A 104 4.36 6.65 8.41
N LEU A 105 3.54 7.69 8.60
CA LEU A 105 3.72 8.97 7.91
C LEU A 105 3.69 10.14 8.90
N ASP A 106 4.77 10.93 8.93
CA ASP A 106 4.85 12.11 9.80
C ASP A 106 4.78 13.40 8.98
N VAL A 107 3.98 14.36 9.44
CA VAL A 107 3.85 15.66 8.78
C VAL A 107 4.25 16.80 9.72
N THR A 108 4.84 17.86 9.16
CA THR A 108 5.30 19.01 9.93
C THR A 108 4.78 20.33 9.33
N ALA A 109 4.53 21.32 10.19
CA ALA A 109 3.97 22.60 9.74
C ALA A 109 5.03 23.47 9.05
N ARG A 110 4.70 24.00 7.87
CA ARG A 110 5.63 24.88 7.14
C ARG A 110 5.91 26.17 7.93
N PRO A 111 7.17 26.65 7.92
CA PRO A 111 7.55 27.90 8.61
C PRO A 111 6.70 29.09 8.14
N ASN A 112 6.45 29.13 6.84
CA ASN A 112 5.50 30.10 6.25
C ASN A 112 4.69 29.43 5.15
N GLN A 113 3.41 29.17 5.40
CA GLN A 113 2.56 28.46 4.45
C GLN A 113 2.25 29.32 3.21
N THR A 114 2.28 28.69 2.03
CA THR A 114 2.09 29.37 0.75
C THR A 114 0.63 29.77 0.48
N LEU A 115 -0.24 29.55 1.48
CA LEU A 115 -1.67 29.86 1.36
C LEU A 115 -2.36 29.08 0.23
N PRO A 116 -2.77 27.82 0.51
CA PRO A 116 -3.53 27.00 -0.46
C PRO A 116 -4.97 27.50 -0.64
N MET A 1 10.09 -45.56 -7.40
CA MET A 1 10.76 -44.34 -6.90
C MET A 1 9.86 -43.10 -7.05
N GLY A 2 9.14 -42.75 -5.99
CA GLY A 2 8.28 -41.57 -6.01
C GLY A 2 9.04 -40.28 -5.72
N HIS A 3 8.51 -39.15 -6.19
CA HIS A 3 9.11 -37.84 -5.95
C HIS A 3 8.03 -36.81 -5.58
N HIS A 4 7.98 -36.43 -4.31
CA HIS A 4 6.96 -35.51 -3.80
C HIS A 4 7.37 -34.04 -4.00
N HIS A 5 6.74 -33.36 -4.96
CA HIS A 5 7.07 -31.96 -5.28
C HIS A 5 5.85 -31.18 -5.81
N HIS A 6 5.56 -30.03 -5.19
CA HIS A 6 4.45 -29.18 -5.64
C HIS A 6 4.94 -28.15 -6.69
N HIS A 7 5.52 -28.65 -7.78
CA HIS A 7 5.99 -27.83 -8.90
C HIS A 7 5.78 -28.56 -10.24
N HIS A 8 5.82 -27.82 -11.35
CA HIS A 8 5.50 -28.35 -12.69
C HIS A 8 3.98 -28.66 -12.80
N SER A 9 3.24 -28.36 -11.73
CA SER A 9 1.79 -28.60 -11.67
C SER A 9 1.04 -27.75 -12.70
N HIS A 10 -0.17 -28.18 -13.05
CA HIS A 10 -1.00 -27.50 -14.06
C HIS A 10 -1.12 -25.99 -13.82
N GLU A 11 -1.24 -25.58 -12.55
CA GLU A 11 -1.39 -24.16 -12.20
C GLU A 11 -0.49 -23.76 -11.03
N HIS A 12 0.08 -22.55 -11.11
CA HIS A 12 1.05 -22.07 -10.10
C HIS A 12 0.43 -20.97 -9.22
N LYS A 13 0.32 -21.24 -7.92
CA LYS A 13 -0.17 -20.24 -6.96
C LYS A 13 0.94 -19.88 -5.94
N ARG A 14 1.07 -18.60 -5.63
CA ARG A 14 2.05 -18.14 -4.64
C ARG A 14 1.42 -17.18 -3.62
N ALA A 15 1.52 -17.52 -2.34
CA ALA A 15 0.98 -16.70 -1.26
C ALA A 15 1.76 -15.39 -1.11
N PRO A 16 1.05 -14.25 -0.87
CA PRO A 16 1.68 -12.93 -0.76
C PRO A 16 2.63 -12.80 0.44
N MET A 17 3.74 -12.10 0.24
CA MET A 17 4.74 -11.90 1.29
C MET A 17 5.43 -10.53 1.16
N PHE A 18 5.40 -9.74 2.24
CA PHE A 18 6.09 -8.46 2.28
C PHE A 18 7.62 -8.66 2.39
N ILE A 19 8.32 -8.45 1.30
CA ILE A 19 9.78 -8.57 1.27
C ILE A 19 10.44 -7.37 1.97
N TYR A 20 9.85 -6.20 1.76
CA TYR A 20 10.33 -4.95 2.39
C TYR A 20 9.17 -4.17 3.00
N LYS A 21 9.43 -3.50 4.12
CA LYS A 21 8.47 -2.55 4.69
C LYS A 21 8.86 -1.12 4.30
N PRO A 22 7.88 -0.29 3.88
CA PRO A 22 8.15 1.11 3.48
C PRO A 22 8.70 1.96 4.64
N GLN A 23 9.67 2.82 4.35
CA GLN A 23 10.31 3.64 5.39
C GLN A 23 9.57 4.97 5.56
N SER A 24 9.50 5.47 6.78
CA SER A 24 8.72 6.67 7.11
C SER A 24 9.46 7.96 6.75
N LYS A 25 8.73 8.91 6.14
CA LYS A 25 9.27 10.25 5.86
C LYS A 25 8.46 11.31 6.63
N LYS A 26 9.02 12.51 6.75
CA LYS A 26 8.34 13.61 7.42
C LYS A 26 8.27 14.85 6.51
N VAL A 27 7.06 15.20 6.09
CA VAL A 27 6.86 16.30 5.13
C VAL A 27 6.12 17.50 5.76
N LEU A 28 6.08 18.62 5.05
CA LEU A 28 5.34 19.80 5.51
C LEU A 28 3.89 19.80 4.98
N GLU A 29 3.01 20.52 5.67
CA GLU A 29 1.62 20.67 5.24
C GLU A 29 1.53 21.18 3.79
N GLY A 30 0.96 20.37 2.90
CA GLY A 30 0.81 20.78 1.51
C GLY A 30 1.85 20.16 0.57
N ASP A 31 2.71 19.30 1.10
CA ASP A 31 3.69 18.59 0.28
C ASP A 31 3.28 17.13 0.01
N SER A 32 4.14 16.39 -0.70
CA SER A 32 3.83 15.00 -1.08
C SER A 32 4.92 14.01 -0.62
N VAL A 33 4.52 12.77 -0.40
CA VAL A 33 5.43 11.72 0.08
C VAL A 33 5.23 10.39 -0.68
N LYS A 34 6.30 9.62 -0.83
CA LYS A 34 6.22 8.31 -1.50
C LYS A 34 6.52 7.15 -0.53
N LEU A 35 5.59 6.20 -0.44
CA LEU A 35 5.77 4.99 0.39
C LEU A 35 5.59 3.72 -0.48
N GLU A 36 6.67 2.96 -0.66
CA GLU A 36 6.62 1.78 -1.55
C GLU A 36 7.24 0.53 -0.89
N CYS A 37 6.81 -0.64 -1.36
CA CYS A 37 7.30 -1.92 -0.85
C CYS A 37 7.15 -3.03 -1.91
N GLN A 38 7.68 -4.22 -1.62
CA GLN A 38 7.60 -5.36 -2.54
C GLN A 38 6.79 -6.52 -1.95
N ILE A 39 5.76 -6.96 -2.68
CA ILE A 39 4.95 -8.13 -2.29
C ILE A 39 4.99 -9.20 -3.38
N SER A 40 5.41 -10.41 -3.04
CA SER A 40 5.44 -11.51 -4.03
C SER A 40 4.19 -12.39 -3.91
N ALA A 41 3.23 -12.17 -4.82
CA ALA A 41 1.99 -12.96 -4.85
C ALA A 41 1.63 -13.40 -6.28
N ILE A 42 1.08 -14.61 -6.41
CA ILE A 42 0.58 -15.10 -7.71
C ILE A 42 -0.80 -15.76 -7.57
N PRO A 43 -1.88 -15.15 -8.12
CA PRO A 43 -1.83 -13.84 -8.80
C PRO A 43 -1.81 -12.64 -7.82
N PRO A 44 -1.61 -11.39 -8.33
CA PRO A 44 -1.62 -10.18 -7.49
C PRO A 44 -2.82 -10.10 -6.50
N PRO A 45 -2.57 -9.65 -5.25
CA PRO A 45 -3.59 -9.60 -4.18
C PRO A 45 -4.36 -8.26 -4.11
N LYS A 46 -5.41 -8.25 -3.29
CA LYS A 46 -6.16 -7.02 -2.99
C LYS A 46 -5.51 -6.25 -1.83
N LEU A 47 -5.22 -4.96 -2.05
CA LEU A 47 -4.52 -4.13 -1.05
C LEU A 47 -5.50 -3.35 -0.15
N PHE A 48 -5.18 -3.31 1.16
CA PHE A 48 -5.98 -2.55 2.13
C PHE A 48 -5.07 -1.67 3.00
N TRP A 49 -5.28 -0.35 2.98
CA TRP A 49 -4.49 0.57 3.79
C TRP A 49 -5.32 1.18 4.94
N LYS A 50 -4.75 1.14 6.15
CA LYS A 50 -5.36 1.75 7.33
C LYS A 50 -4.49 2.92 7.83
N ARG A 51 -5.11 4.08 8.04
CA ARG A 51 -4.42 5.24 8.59
C ARG A 51 -4.92 5.58 10.00
N ASN A 52 -4.06 5.42 11.00
CA ASN A 52 -4.37 5.82 12.38
C ASN A 52 -5.80 5.41 12.81
N ASN A 53 -6.05 4.10 12.83
CA ASN A 53 -7.36 3.52 13.21
C ASN A 53 -8.48 3.81 12.18
N GLU A 54 -8.12 4.35 11.02
CA GLU A 54 -9.11 4.66 9.97
C GLU A 54 -8.82 3.87 8.68
N MET A 55 -9.85 3.61 7.88
CA MET A 55 -9.68 3.01 6.55
C MET A 55 -9.35 4.10 5.50
N VAL A 56 -8.25 3.91 4.77
CA VAL A 56 -7.83 4.88 3.75
C VAL A 56 -8.63 4.74 2.45
N GLN A 57 -8.98 5.88 1.83
CA GLN A 57 -9.70 5.89 0.55
C GLN A 57 -8.89 6.61 -0.53
N PHE A 58 -8.63 5.93 -1.65
CA PHE A 58 -7.79 6.46 -2.72
C PHE A 58 -8.61 7.15 -3.82
N ASN A 59 -9.84 7.55 -3.49
CA ASN A 59 -10.77 8.14 -4.48
C ASN A 59 -10.55 9.65 -4.67
N THR A 60 -9.56 10.21 -3.98
CA THR A 60 -9.32 11.67 -3.99
C THR A 60 -8.07 12.04 -4.82
N ASP A 61 -8.00 13.29 -5.25
CA ASP A 61 -6.91 13.79 -6.08
C ASP A 61 -5.59 13.89 -5.28
N ARG A 62 -5.70 13.85 -3.95
CA ARG A 62 -4.52 13.89 -3.07
C ARG A 62 -3.91 12.49 -2.85
N ILE A 63 -4.75 11.45 -2.87
CA ILE A 63 -4.32 10.09 -2.52
C ILE A 63 -4.41 9.14 -3.73
N SER A 64 -3.40 8.30 -3.90
CA SER A 64 -3.38 7.31 -5.00
C SER A 64 -2.52 6.10 -4.65
N LEU A 65 -2.90 4.94 -5.16
CA LEU A 65 -2.19 3.68 -4.92
C LEU A 65 -2.11 2.83 -6.19
N TYR A 66 -0.93 2.29 -6.48
CA TYR A 66 -0.78 1.37 -7.62
C TYR A 66 0.21 0.24 -7.30
N GLN A 67 0.02 -0.90 -7.97
CA GLN A 67 0.96 -2.03 -7.85
C GLN A 67 1.46 -2.46 -9.23
N ASP A 68 2.76 -2.73 -9.33
CA ASP A 68 3.38 -3.09 -10.60
C ASP A 68 3.49 -4.61 -10.79
N ASN A 69 3.71 -5.05 -12.03
CA ASN A 69 3.81 -6.48 -12.39
C ASN A 69 4.91 -7.19 -11.58
N THR A 70 5.97 -6.48 -11.21
CA THR A 70 7.06 -7.04 -10.40
C THR A 70 6.68 -7.15 -8.91
N GLY A 71 5.44 -6.80 -8.58
CA GLY A 71 4.97 -6.85 -7.20
C GLY A 71 5.34 -5.60 -6.39
N ARG A 72 5.54 -4.48 -7.08
CA ARG A 72 5.89 -3.22 -6.41
C ARG A 72 4.64 -2.43 -6.02
N VAL A 73 4.38 -2.33 -4.72
CA VAL A 73 3.25 -1.55 -4.22
C VAL A 73 3.71 -0.14 -3.84
N THR A 74 3.04 0.88 -4.38
CA THR A 74 3.44 2.27 -4.12
C THR A 74 2.24 3.16 -3.77
N LEU A 75 2.27 3.71 -2.56
CA LEU A 75 1.26 4.68 -2.11
C LEU A 75 1.81 6.11 -2.23
N LEU A 76 1.09 6.96 -2.97
CA LEU A 76 1.49 8.36 -3.15
C LEU A 76 0.51 9.32 -2.45
N ILE A 77 0.98 9.98 -1.40
CA ILE A 77 0.16 10.93 -0.63
C ILE A 77 0.58 12.38 -0.92
N LYS A 78 -0.30 13.14 -1.56
CA LYS A 78 0.01 14.51 -1.98
C LYS A 78 -0.83 15.56 -1.21
N ASP A 79 -0.22 16.72 -0.97
CA ASP A 79 -0.91 17.86 -0.37
C ASP A 79 -1.50 17.49 1.02
N VAL A 80 -0.74 16.72 1.78
CA VAL A 80 -1.20 16.22 3.08
C VAL A 80 -0.93 17.23 4.22
N ASN A 81 -1.80 17.25 5.24
CA ASN A 81 -1.62 18.16 6.38
C ASN A 81 -1.58 17.38 7.72
N LYS A 82 -1.39 18.11 8.82
CA LYS A 82 -1.19 17.50 10.15
C LYS A 82 -2.27 16.47 10.52
N LYS A 83 -3.54 16.83 10.30
CA LYS A 83 -4.67 15.94 10.62
C LYS A 83 -4.59 14.59 9.89
N ASP A 84 -3.90 14.54 8.76
CA ASP A 84 -3.82 13.32 7.95
C ASP A 84 -2.58 12.47 8.29
N ALA A 85 -1.75 12.92 9.22
CA ALA A 85 -0.58 12.13 9.63
C ALA A 85 -0.95 11.06 10.66
N GLY A 86 -0.31 9.89 10.58
CA GLY A 86 -0.60 8.82 11.51
C GLY A 86 0.20 7.55 11.24
N TRP A 87 -0.13 6.48 11.97
CA TRP A 87 0.45 5.16 11.71
C TRP A 87 -0.40 4.36 10.70
N TYR A 88 0.24 3.95 9.61
CA TYR A 88 -0.44 3.21 8.54
C TYR A 88 -0.25 1.69 8.70
N THR A 89 -1.20 0.93 8.18
CA THR A 89 -1.14 -0.54 8.20
C THR A 89 -1.63 -1.13 6.88
N VAL A 90 -0.72 -1.73 6.11
CA VAL A 90 -1.04 -2.25 4.78
C VAL A 90 -1.27 -3.77 4.78
N SER A 91 -2.36 -4.19 4.14
CA SER A 91 -2.69 -5.62 4.03
C SER A 91 -2.83 -6.05 2.57
N ALA A 92 -2.46 -7.29 2.28
CA ALA A 92 -2.59 -7.85 0.94
C ALA A 92 -3.22 -9.25 1.00
N VAL A 93 -4.42 -9.40 0.44
CA VAL A 93 -5.13 -10.69 0.47
C VAL A 93 -5.22 -11.33 -0.92
N ASN A 94 -4.58 -12.49 -1.05
CA ASN A 94 -4.62 -13.29 -2.27
C ASN A 94 -5.42 -14.59 -2.05
N GLU A 95 -5.88 -15.21 -3.12
CA GLU A 95 -6.66 -16.45 -3.03
C GLU A 95 -5.91 -17.56 -2.27
N ALA A 96 -4.61 -17.66 -2.50
CA ALA A 96 -3.75 -18.65 -1.82
C ALA A 96 -3.50 -18.30 -0.34
N GLY A 97 -3.33 -17.00 -0.03
CA GLY A 97 -3.03 -16.59 1.34
C GLY A 97 -3.10 -15.08 1.57
N VAL A 98 -2.75 -14.63 2.78
CA VAL A 98 -2.82 -13.20 3.15
C VAL A 98 -1.59 -12.76 3.98
N THR A 99 -1.19 -11.49 3.81
CA THR A 99 -0.06 -10.91 4.59
C THR A 99 -0.32 -9.43 4.94
N THR A 100 0.13 -9.00 6.11
CA THR A 100 -0.03 -7.60 6.55
C THR A 100 1.28 -7.02 7.13
N CYS A 101 1.50 -5.72 6.93
CA CYS A 101 2.70 -5.03 7.45
C CYS A 101 2.37 -3.60 7.94
N ASN A 102 3.30 -2.99 8.66
CA ASN A 102 3.08 -1.67 9.28
C ASN A 102 3.88 -0.57 8.57
N THR A 103 3.36 0.66 8.60
CA THR A 103 4.01 1.82 7.98
C THR A 103 3.78 3.10 8.81
N ARG A 104 4.72 4.03 8.80
CA ARG A 104 4.54 5.31 9.51
C ARG A 104 4.73 6.53 8.58
N LEU A 105 3.94 7.57 8.81
CA LEU A 105 4.09 8.85 8.09
C LEU A 105 4.00 10.04 9.07
N ASP A 106 4.92 10.99 8.94
CA ASP A 106 4.92 12.19 9.80
C ASP A 106 4.74 13.47 8.97
N VAL A 107 4.01 14.44 9.53
CA VAL A 107 3.82 15.75 8.91
C VAL A 107 4.17 16.88 9.88
N THR A 108 4.76 17.95 9.36
CA THR A 108 5.14 19.11 10.16
C THR A 108 4.36 20.35 9.73
N ALA A 109 4.00 21.19 10.70
CA ALA A 109 3.17 22.38 10.42
C ALA A 109 3.98 23.49 9.74
N ARG A 110 3.43 24.04 8.67
CA ARG A 110 4.12 25.08 7.90
C ARG A 110 4.09 26.45 8.60
N PRO A 111 5.24 27.16 8.65
CA PRO A 111 5.30 28.53 9.15
C PRO A 111 4.96 29.57 8.06
N ASN A 112 4.79 29.10 6.82
CA ASN A 112 4.53 29.98 5.68
C ASN A 112 3.77 29.26 4.54
N GLN A 113 2.86 29.98 3.89
CA GLN A 113 2.12 29.47 2.72
C GLN A 113 1.99 30.58 1.67
N THR A 114 2.38 30.30 0.43
CA THR A 114 2.50 31.34 -0.60
C THR A 114 1.18 31.64 -1.33
N LEU A 115 0.58 32.78 -1.00
CA LEU A 115 -0.61 33.28 -1.72
C LEU A 115 -0.59 34.82 -1.73
N PRO A 116 0.14 35.43 -2.70
CA PRO A 116 0.27 36.88 -2.82
C PRO A 116 -0.88 37.54 -3.61
N MET A 1 -24.72 -45.20 -10.38
CA MET A 1 -23.90 -44.02 -9.97
C MET A 1 -22.72 -44.44 -9.09
N GLY A 2 -21.95 -43.47 -8.62
CA GLY A 2 -20.82 -43.75 -7.74
C GLY A 2 -20.26 -42.50 -7.07
N HIS A 3 -18.96 -42.28 -7.20
CA HIS A 3 -18.32 -41.09 -6.62
C HIS A 3 -18.26 -39.95 -7.65
N HIS A 4 -18.69 -38.75 -7.25
CA HIS A 4 -18.69 -37.60 -8.16
C HIS A 4 -17.29 -37.30 -8.69
N HIS A 5 -17.08 -37.53 -9.98
CA HIS A 5 -15.77 -37.36 -10.61
C HIS A 5 -15.34 -35.89 -10.68
N HIS A 6 -14.02 -35.67 -10.73
CA HIS A 6 -13.45 -34.33 -10.74
C HIS A 6 -11.95 -34.35 -11.11
N HIS A 7 -11.45 -33.28 -11.72
CA HIS A 7 -10.02 -33.19 -12.07
C HIS A 7 -9.32 -32.05 -11.32
N HIS A 8 -7.99 -32.16 -11.21
CA HIS A 8 -7.17 -31.13 -10.56
C HIS A 8 -6.50 -30.23 -11.60
N SER A 9 -5.44 -29.52 -11.20
CA SER A 9 -4.69 -28.65 -12.12
C SER A 9 -3.25 -28.43 -11.66
N HIS A 10 -2.45 -27.80 -12.52
CA HIS A 10 -1.06 -27.46 -12.19
C HIS A 10 -0.80 -25.96 -12.47
N GLU A 11 -1.47 -25.10 -11.72
CA GLU A 11 -1.39 -23.64 -11.90
C GLU A 11 -0.35 -23.02 -10.94
N HIS A 12 0.04 -21.78 -11.21
CA HIS A 12 1.02 -21.08 -10.36
C HIS A 12 0.33 -20.30 -9.24
N LYS A 13 0.46 -20.77 -8.01
CA LYS A 13 -0.03 -20.04 -6.83
C LYS A 13 1.08 -19.72 -5.83
N ARG A 14 1.13 -18.47 -5.39
CA ARG A 14 2.13 -18.01 -4.40
C ARG A 14 1.45 -17.17 -3.30
N ALA A 15 1.78 -17.45 -2.05
CA ALA A 15 1.30 -16.66 -0.92
C ALA A 15 2.08 -15.33 -0.81
N PRO A 16 1.38 -14.19 -0.61
CA PRO A 16 2.01 -12.86 -0.59
C PRO A 16 3.15 -12.73 0.43
N MET A 17 4.30 -12.24 -0.04
CA MET A 17 5.48 -12.07 0.82
C MET A 17 6.07 -10.66 0.69
N PHE A 18 6.24 -9.97 1.82
CA PHE A 18 6.89 -8.65 1.85
C PHE A 18 8.42 -8.80 1.72
N ILE A 19 8.96 -8.46 0.56
CA ILE A 19 10.41 -8.42 0.36
C ILE A 19 11.00 -7.14 0.97
N TYR A 20 10.24 -6.04 0.84
CA TYR A 20 10.59 -4.75 1.45
C TYR A 20 9.36 -4.09 2.06
N LYS A 21 9.49 -3.52 3.25
CA LYS A 21 8.41 -2.74 3.86
C LYS A 21 8.65 -1.22 3.66
N PRO A 22 7.57 -0.42 3.50
CA PRO A 22 7.69 1.05 3.42
C PRO A 22 8.35 1.65 4.69
N GLN A 23 9.03 2.79 4.52
CA GLN A 23 9.73 3.46 5.61
C GLN A 23 8.93 4.67 6.14
N SER A 24 9.00 4.92 7.45
CA SER A 24 8.31 6.07 8.05
C SER A 24 8.87 7.41 7.54
N LYS A 25 7.99 8.28 7.05
CA LYS A 25 8.40 9.54 6.42
C LYS A 25 7.85 10.77 7.16
N LYS A 26 8.70 11.78 7.33
CA LYS A 26 8.31 13.04 7.99
C LYS A 26 8.30 14.22 7.00
N VAL A 27 7.15 14.87 6.86
CA VAL A 27 6.99 16.01 5.93
C VAL A 27 6.17 17.16 6.55
N LEU A 28 6.03 18.27 5.82
CA LEU A 28 5.27 19.43 6.28
C LEU A 28 3.91 19.53 5.57
N GLU A 29 3.03 20.37 6.09
CA GLU A 29 1.70 20.62 5.48
C GLU A 29 1.84 21.23 4.07
N GLY A 30 1.49 20.45 3.04
CA GLY A 30 1.58 20.93 1.67
C GLY A 30 2.67 20.22 0.86
N ASP A 31 3.48 19.42 1.54
CA ASP A 31 4.49 18.61 0.87
C ASP A 31 3.90 17.25 0.43
N SER A 32 4.70 16.45 -0.25
CA SER A 32 4.23 15.14 -0.75
C SER A 32 5.15 14.00 -0.30
N VAL A 33 4.62 12.79 -0.33
CA VAL A 33 5.35 11.59 0.10
C VAL A 33 5.03 10.38 -0.81
N LYS A 34 5.90 9.37 -0.79
CA LYS A 34 5.69 8.15 -1.55
C LYS A 34 6.18 6.91 -0.78
N LEU A 35 5.27 5.98 -0.54
CA LEU A 35 5.59 4.73 0.18
C LEU A 35 5.44 3.53 -0.75
N GLU A 36 6.54 2.86 -1.09
CA GLU A 36 6.49 1.71 -1.99
C GLU A 36 7.12 0.46 -1.36
N CYS A 37 6.70 -0.70 -1.85
CA CYS A 37 7.19 -1.99 -1.34
C CYS A 37 7.08 -3.09 -2.40
N GLN A 38 7.81 -4.18 -2.19
CA GLN A 38 7.78 -5.34 -3.11
C GLN A 38 7.07 -6.52 -2.45
N ILE A 39 5.89 -6.86 -2.96
CA ILE A 39 5.11 -8.00 -2.46
C ILE A 39 5.01 -9.11 -3.53
N SER A 40 5.55 -10.29 -3.24
CA SER A 40 5.49 -11.40 -4.19
C SER A 40 4.28 -12.30 -3.92
N ALA A 41 3.22 -12.11 -4.72
CA ALA A 41 2.02 -12.92 -4.63
C ALA A 41 1.53 -13.37 -6.02
N ILE A 42 0.95 -14.57 -6.10
CA ILE A 42 0.37 -15.07 -7.36
C ILE A 42 -0.94 -15.84 -7.07
N PRO A 43 -2.09 -15.39 -7.60
CA PRO A 43 -2.22 -14.16 -8.41
C PRO A 43 -2.13 -12.86 -7.58
N PRO A 44 -2.11 -11.66 -8.23
CA PRO A 44 -2.11 -10.38 -7.52
C PRO A 44 -3.15 -10.30 -6.39
N PRO A 45 -2.73 -9.91 -5.17
CA PRO A 45 -3.60 -9.87 -3.98
C PRO A 45 -4.37 -8.56 -3.83
N LYS A 46 -5.39 -8.57 -2.96
CA LYS A 46 -6.14 -7.36 -2.64
C LYS A 46 -5.40 -6.54 -1.55
N LEU A 47 -5.12 -5.28 -1.85
CA LEU A 47 -4.36 -4.41 -0.93
C LEU A 47 -5.28 -3.55 -0.06
N PHE A 48 -5.00 -3.52 1.24
CA PHE A 48 -5.74 -2.68 2.19
C PHE A 48 -4.79 -1.74 2.95
N TRP A 49 -5.01 -0.43 2.81
CA TRP A 49 -4.25 0.58 3.56
C TRP A 49 -5.13 1.28 4.60
N LYS A 50 -4.71 1.24 5.86
CA LYS A 50 -5.48 1.84 6.95
C LYS A 50 -4.64 2.88 7.71
N ARG A 51 -5.18 4.09 7.85
CA ARG A 51 -4.47 5.22 8.47
C ARG A 51 -5.07 5.61 9.82
N ASN A 52 -4.33 5.42 10.90
CA ASN A 52 -4.74 5.88 12.24
C ASN A 52 -6.21 5.50 12.54
N ASN A 53 -6.53 4.21 12.41
CA ASN A 53 -7.88 3.68 12.67
C ASN A 53 -8.91 4.04 11.57
N GLU A 54 -8.47 4.76 10.53
CA GLU A 54 -9.35 5.11 9.40
C GLU A 54 -8.95 4.36 8.12
N MET A 55 -9.89 4.25 7.19
CA MET A 55 -9.61 3.73 5.85
C MET A 55 -9.01 4.84 4.96
N VAL A 56 -7.97 4.50 4.18
CA VAL A 56 -7.35 5.46 3.27
C VAL A 56 -8.17 5.60 1.96
N GLN A 57 -8.52 6.84 1.62
CA GLN A 57 -9.34 7.12 0.43
C GLN A 57 -8.47 7.29 -0.82
N PHE A 58 -8.60 6.39 -1.78
CA PHE A 58 -7.84 6.49 -3.04
C PHE A 58 -8.67 7.20 -4.12
N ASN A 59 -9.89 7.58 -3.76
CA ASN A 59 -10.84 8.22 -4.69
C ASN A 59 -10.67 9.75 -4.72
N THR A 60 -9.66 10.26 -4.03
CA THR A 60 -9.38 11.70 -4.01
C THR A 60 -8.12 12.03 -4.83
N ASP A 61 -8.00 13.27 -5.29
CA ASP A 61 -6.91 13.67 -6.19
C ASP A 61 -5.55 13.69 -5.48
N ARG A 62 -5.54 14.00 -4.19
CA ARG A 62 -4.28 14.13 -3.44
C ARG A 62 -3.79 12.78 -2.88
N ILE A 63 -4.65 11.76 -2.90
CA ILE A 63 -4.27 10.41 -2.44
C ILE A 63 -4.45 9.39 -3.57
N SER A 64 -3.40 8.65 -3.89
CA SER A 64 -3.44 7.68 -4.99
C SER A 64 -2.58 6.44 -4.71
N LEU A 65 -3.01 5.29 -5.24
CA LEU A 65 -2.30 4.02 -5.04
C LEU A 65 -2.30 3.19 -6.34
N TYR A 66 -1.15 2.59 -6.67
CA TYR A 66 -1.09 1.68 -7.81
C TYR A 66 -0.14 0.49 -7.52
N GLN A 67 -0.43 -0.65 -8.13
CA GLN A 67 0.37 -1.86 -7.93
C GLN A 67 0.77 -2.48 -9.29
N ASP A 68 2.05 -2.73 -9.46
CA ASP A 68 2.57 -3.27 -10.73
C ASP A 68 2.50 -4.81 -10.74
N ASN A 69 2.52 -5.39 -11.94
CA ASN A 69 2.43 -6.86 -12.10
C ASN A 69 3.59 -7.58 -11.38
N THR A 70 4.73 -6.88 -11.25
CA THR A 70 5.90 -7.45 -10.55
C THR A 70 5.73 -7.45 -9.03
N GLY A 71 4.56 -7.01 -8.55
CA GLY A 71 4.30 -6.96 -7.12
C GLY A 71 4.79 -5.67 -6.46
N ARG A 72 5.15 -4.67 -7.28
CA ARG A 72 5.60 -3.39 -6.75
C ARG A 72 4.41 -2.47 -6.42
N VAL A 73 4.18 -2.25 -5.14
CA VAL A 73 3.10 -1.37 -4.69
C VAL A 73 3.62 0.03 -4.36
N THR A 74 2.91 1.07 -4.79
CA THR A 74 3.33 2.46 -4.53
C THR A 74 2.16 3.37 -4.11
N LEU A 75 2.25 3.92 -2.90
CA LEU A 75 1.25 4.87 -2.41
C LEU A 75 1.76 6.33 -2.55
N LEU A 76 1.07 7.13 -3.35
CA LEU A 76 1.46 8.53 -3.58
C LEU A 76 0.50 9.50 -2.89
N ILE A 77 1.04 10.29 -1.95
CA ILE A 77 0.25 11.29 -1.21
C ILE A 77 0.79 12.71 -1.47
N LYS A 78 -0.03 13.57 -2.05
CA LYS A 78 0.38 14.95 -2.40
C LYS A 78 -0.35 15.98 -1.54
N ASP A 79 0.32 17.10 -1.26
CA ASP A 79 -0.29 18.24 -0.54
C ASP A 79 -0.90 17.79 0.81
N VAL A 80 -0.19 16.91 1.50
CA VAL A 80 -0.69 16.32 2.77
C VAL A 80 -0.65 17.34 3.93
N ASN A 81 -1.65 17.28 4.81
CA ASN A 81 -1.69 18.18 5.98
C ASN A 81 -1.76 17.38 7.30
N LYS A 82 -1.73 18.09 8.43
CA LYS A 82 -1.66 17.45 9.77
C LYS A 82 -2.72 16.36 9.96
N LYS A 83 -3.95 16.62 9.51
CA LYS A 83 -5.05 15.66 9.62
C LYS A 83 -4.69 14.28 9.06
N ASP A 84 -3.87 14.26 8.01
CA ASP A 84 -3.57 13.03 7.27
C ASP A 84 -2.40 12.23 7.87
N ALA A 85 -1.81 12.71 8.97
CA ALA A 85 -0.71 11.97 9.60
C ALA A 85 -1.24 10.83 10.49
N GLY A 86 -0.52 9.69 10.48
CA GLY A 86 -0.95 8.53 11.27
C GLY A 86 -0.08 7.31 11.05
N TRP A 87 -0.48 6.18 11.62
CA TRP A 87 0.11 4.88 11.28
C TRP A 87 -0.63 4.23 10.10
N TYR A 88 0.10 3.99 9.03
CA TYR A 88 -0.45 3.30 7.85
C TYR A 88 -0.15 1.80 7.90
N THR A 89 -1.19 1.00 8.09
CA THR A 89 -1.08 -0.46 8.10
C THR A 89 -1.50 -1.04 6.75
N VAL A 90 -0.61 -1.79 6.11
CA VAL A 90 -0.88 -2.38 4.79
C VAL A 90 -1.05 -3.91 4.86
N SER A 91 -2.17 -4.40 4.32
CA SER A 91 -2.44 -5.84 4.27
C SER A 91 -2.63 -6.31 2.83
N ALA A 92 -1.96 -7.40 2.47
CA ALA A 92 -2.12 -8.01 1.15
C ALA A 92 -2.72 -9.43 1.26
N VAL A 93 -3.92 -9.62 0.74
CA VAL A 93 -4.61 -10.91 0.86
C VAL A 93 -4.80 -11.61 -0.51
N ASN A 94 -4.18 -12.76 -0.65
CA ASN A 94 -4.38 -13.65 -1.80
C ASN A 94 -5.08 -14.93 -1.35
N GLU A 95 -5.72 -15.66 -2.27
CA GLU A 95 -6.40 -16.92 -1.91
C GLU A 95 -5.42 -17.91 -1.24
N ALA A 96 -4.17 -17.89 -1.70
CA ALA A 96 -3.13 -18.78 -1.17
C ALA A 96 -2.66 -18.38 0.26
N GLY A 97 -2.89 -17.12 0.66
CA GLY A 97 -2.44 -16.65 1.96
C GLY A 97 -2.50 -15.13 2.12
N VAL A 98 -2.14 -14.63 3.30
CA VAL A 98 -2.21 -13.19 3.60
C VAL A 98 -0.99 -12.72 4.43
N THR A 99 -0.59 -11.46 4.22
CA THR A 99 0.53 -10.85 4.98
C THR A 99 0.24 -9.37 5.30
N THR A 100 0.67 -8.93 6.48
CA THR A 100 0.41 -7.54 6.93
C THR A 100 1.69 -6.86 7.44
N CYS A 101 1.82 -5.56 7.19
CA CYS A 101 2.97 -4.77 7.68
C CYS A 101 2.54 -3.35 8.10
N ASN A 102 3.42 -2.63 8.81
CA ASN A 102 3.07 -1.31 9.36
C ASN A 102 4.13 -0.24 9.01
N THR A 103 3.66 0.97 8.70
CA THR A 103 4.53 2.11 8.40
C THR A 103 3.94 3.42 8.95
N ARG A 104 4.80 4.36 9.34
CA ARG A 104 4.33 5.59 9.98
C ARG A 104 4.49 6.82 9.07
N LEU A 105 3.56 7.76 9.16
CA LEU A 105 3.65 9.03 8.41
C LEU A 105 3.57 10.23 9.38
N ASP A 106 4.62 11.03 9.42
CA ASP A 106 4.69 12.17 10.33
C ASP A 106 4.57 13.50 9.60
N VAL A 107 3.50 14.25 9.88
CA VAL A 107 3.30 15.56 9.26
C VAL A 107 3.40 16.68 10.31
N THR A 108 4.18 17.71 10.00
CA THR A 108 4.38 18.84 10.92
C THR A 108 3.77 20.12 10.33
N ALA A 109 3.29 21.00 11.19
CA ALA A 109 2.61 22.23 10.77
C ALA A 109 3.63 23.24 10.23
N ARG A 110 3.39 23.72 9.01
CA ARG A 110 4.33 24.63 8.36
C ARG A 110 4.46 25.98 9.11
N PRO A 111 5.71 26.45 9.32
CA PRO A 111 5.94 27.82 9.82
C PRO A 111 5.70 28.87 8.72
N ASN A 112 5.56 28.39 7.48
CA ASN A 112 5.30 29.25 6.32
C ASN A 112 4.17 28.71 5.44
N GLN A 113 2.93 29.05 5.78
CA GLN A 113 1.78 28.76 4.92
C GLN A 113 1.49 29.95 3.98
N THR A 114 2.06 31.10 4.31
CA THR A 114 2.00 32.29 3.46
C THR A 114 3.29 32.44 2.65
N LEU A 115 3.28 31.93 1.41
CA LEU A 115 4.47 31.96 0.54
C LEU A 115 4.50 33.24 -0.32
N PRO A 116 5.56 34.08 -0.18
CA PRO A 116 5.73 35.29 -1.01
C PRO A 116 5.91 34.98 -2.51
N MET A 1 -17.74 -36.86 -17.24
CA MET A 1 -17.07 -37.98 -17.96
C MET A 1 -15.63 -37.61 -18.38
N GLY A 2 -15.09 -36.55 -17.79
CA GLY A 2 -13.76 -36.08 -18.14
C GLY A 2 -12.64 -36.87 -17.47
N HIS A 3 -12.33 -38.05 -18.00
CA HIS A 3 -11.29 -38.90 -17.43
C HIS A 3 -9.88 -38.46 -17.89
N HIS A 4 -9.14 -37.82 -17.00
CA HIS A 4 -7.78 -37.36 -17.31
C HIS A 4 -6.78 -37.83 -16.24
N HIS A 5 -5.83 -38.68 -16.64
CA HIS A 5 -4.85 -39.27 -15.71
C HIS A 5 -3.45 -38.67 -15.91
N HIS A 6 -3.14 -38.25 -17.13
CA HIS A 6 -1.78 -37.80 -17.48
C HIS A 6 -1.46 -36.40 -16.92
N HIS A 7 -2.45 -35.50 -16.95
CA HIS A 7 -2.29 -34.16 -16.34
C HIS A 7 -3.31 -33.94 -15.22
N HIS A 8 -2.82 -33.74 -13.99
CA HIS A 8 -3.69 -33.53 -12.84
C HIS A 8 -3.70 -32.04 -12.41
N SER A 9 -2.62 -31.31 -12.72
CA SER A 9 -2.52 -29.87 -12.44
C SER A 9 -1.28 -29.25 -13.10
N HIS A 10 -1.33 -27.93 -13.32
CA HIS A 10 -0.20 -27.19 -13.90
C HIS A 10 -0.19 -25.74 -13.38
N GLU A 11 -1.00 -25.45 -12.36
CA GLU A 11 -1.13 -24.10 -11.82
C GLU A 11 -0.34 -23.94 -10.51
N HIS A 12 0.29 -22.78 -10.32
CA HIS A 12 1.04 -22.48 -9.10
C HIS A 12 0.29 -21.47 -8.20
N LYS A 13 0.24 -21.77 -6.90
CA LYS A 13 -0.35 -20.86 -5.91
C LYS A 13 0.73 -20.39 -4.91
N ARG A 14 0.83 -19.09 -4.72
CA ARG A 14 1.81 -18.52 -3.78
C ARG A 14 1.17 -17.40 -2.93
N ALA A 15 1.32 -17.50 -1.61
CA ALA A 15 0.83 -16.45 -0.70
C ALA A 15 1.70 -15.19 -0.80
N PRO A 16 1.09 -13.99 -0.61
CA PRO A 16 1.82 -12.72 -0.71
C PRO A 16 2.99 -12.61 0.29
N MET A 17 4.15 -12.21 -0.22
CA MET A 17 5.36 -12.08 0.60
C MET A 17 5.95 -10.66 0.53
N PHE A 18 6.06 -10.00 1.68
CA PHE A 18 6.70 -8.68 1.75
C PHE A 18 8.23 -8.80 1.64
N ILE A 19 8.76 -8.44 0.47
CA ILE A 19 10.21 -8.44 0.25
C ILE A 19 10.85 -7.19 0.88
N TYR A 20 10.13 -6.07 0.81
CA TYR A 20 10.57 -4.82 1.45
C TYR A 20 9.41 -4.15 2.19
N LYS A 21 9.68 -3.62 3.37
CA LYS A 21 8.68 -2.86 4.14
C LYS A 21 8.87 -1.34 3.93
N PRO A 22 7.80 -0.54 4.03
CA PRO A 22 7.87 0.92 3.85
C PRO A 22 8.35 1.65 5.13
N GLN A 23 9.41 2.45 4.98
CA GLN A 23 9.96 3.20 6.12
C GLN A 23 9.35 4.60 6.23
N SER A 24 9.19 5.07 7.47
CA SER A 24 8.49 6.34 7.76
C SER A 24 9.21 7.58 7.21
N LYS A 25 8.44 8.48 6.60
CA LYS A 25 8.92 9.78 6.13
C LYS A 25 8.21 10.92 6.88
N LYS A 26 8.88 12.07 6.99
CA LYS A 26 8.28 13.25 7.63
C LYS A 26 8.27 14.46 6.67
N VAL A 27 7.08 14.88 6.26
CA VAL A 27 6.93 16.01 5.31
C VAL A 27 6.26 17.22 5.99
N LEU A 28 6.15 18.33 5.26
CA LEU A 28 5.51 19.54 5.77
C LEU A 28 4.04 19.64 5.33
N GLU A 29 3.24 20.42 6.06
CA GLU A 29 1.82 20.59 5.75
C GLU A 29 1.62 21.24 4.36
N GLY A 30 1.21 20.44 3.39
CA GLY A 30 1.00 20.93 2.03
C GLY A 30 1.94 20.30 1.00
N ASP A 31 2.77 19.37 1.44
CA ASP A 31 3.68 18.65 0.52
C ASP A 31 3.17 17.25 0.17
N SER A 32 3.98 16.48 -0.56
CA SER A 32 3.61 15.13 -1.00
C SER A 32 4.67 14.08 -0.63
N VAL A 33 4.22 12.87 -0.30
CA VAL A 33 5.13 11.79 0.10
C VAL A 33 4.87 10.50 -0.71
N LYS A 34 5.90 9.67 -0.86
CA LYS A 34 5.77 8.39 -1.58
C LYS A 34 6.17 7.20 -0.69
N LEU A 35 5.35 6.16 -0.67
CA LEU A 35 5.63 4.93 0.08
C LEU A 35 5.57 3.71 -0.85
N GLU A 36 6.70 3.03 -1.05
CA GLU A 36 6.76 1.88 -1.98
C GLU A 36 7.32 0.62 -1.31
N CYS A 37 6.87 -0.54 -1.78
CA CYS A 37 7.34 -1.85 -1.27
C CYS A 37 7.18 -2.94 -2.34
N GLN A 38 7.87 -4.07 -2.15
CA GLN A 38 7.79 -5.20 -3.08
C GLN A 38 7.01 -6.38 -2.46
N ILE A 39 5.95 -6.83 -3.14
CA ILE A 39 5.14 -7.97 -2.67
C ILE A 39 5.08 -9.09 -3.72
N SER A 40 5.59 -10.27 -3.36
CA SER A 40 5.56 -11.44 -4.27
C SER A 40 4.37 -12.35 -3.97
N ALA A 41 3.34 -12.29 -4.81
CA ALA A 41 2.16 -13.16 -4.68
C ALA A 41 1.76 -13.79 -6.03
N ILE A 42 1.18 -14.99 -5.97
CA ILE A 42 0.65 -15.66 -7.18
C ILE A 42 -0.73 -16.31 -6.90
N PRO A 43 -1.83 -15.74 -7.42
CA PRO A 43 -1.83 -14.47 -8.19
C PRO A 43 -1.67 -13.22 -7.29
N PRO A 44 -1.53 -12.02 -7.89
CA PRO A 44 -1.46 -10.75 -7.14
C PRO A 44 -2.60 -10.61 -6.10
N PRO A 45 -2.30 -10.06 -4.91
CA PRO A 45 -3.25 -9.99 -3.80
C PRO A 45 -4.04 -8.67 -3.76
N LYS A 46 -5.12 -8.66 -2.98
CA LYS A 46 -5.93 -7.45 -2.76
C LYS A 46 -5.26 -6.56 -1.70
N LEU A 47 -5.10 -5.27 -2.00
CA LEU A 47 -4.38 -4.35 -1.11
C LEU A 47 -5.33 -3.47 -0.30
N PHE A 48 -5.11 -3.40 1.02
CA PHE A 48 -5.90 -2.53 1.91
C PHE A 48 -4.99 -1.63 2.76
N TRP A 49 -5.15 -0.31 2.61
CA TRP A 49 -4.39 0.66 3.42
C TRP A 49 -5.31 1.39 4.42
N LYS A 50 -4.91 1.43 5.69
CA LYS A 50 -5.70 2.12 6.72
C LYS A 50 -4.84 3.09 7.54
N ARG A 51 -5.32 4.34 7.69
CA ARG A 51 -4.55 5.39 8.37
C ARG A 51 -5.15 5.74 9.74
N ASN A 52 -4.38 5.53 10.81
CA ASN A 52 -4.84 5.84 12.18
C ASN A 52 -6.14 5.08 12.51
N ASN A 53 -6.28 3.91 11.90
CA ASN A 53 -7.47 3.04 12.04
C ASN A 53 -8.68 3.57 11.22
N GLU A 54 -8.46 4.59 10.41
CA GLU A 54 -9.48 5.10 9.48
C GLU A 54 -9.19 4.62 8.05
N MET A 55 -10.20 4.07 7.38
CA MET A 55 -10.06 3.55 6.01
C MET A 55 -9.59 4.65 5.04
N VAL A 56 -8.50 4.38 4.30
CA VAL A 56 -7.96 5.34 3.33
C VAL A 56 -8.70 5.23 1.98
N GLN A 57 -9.30 6.33 1.54
CA GLN A 57 -10.01 6.37 0.25
C GLN A 57 -9.11 6.88 -0.87
N PHE A 58 -8.98 6.10 -1.94
CA PHE A 58 -8.09 6.43 -3.06
C PHE A 58 -8.83 7.16 -4.20
N ASN A 59 -10.11 7.46 -3.99
CA ASN A 59 -10.95 8.10 -5.03
C ASN A 59 -10.78 9.63 -5.03
N THR A 60 -9.54 10.10 -4.79
CA THR A 60 -9.25 11.54 -4.73
C THR A 60 -7.90 11.87 -5.36
N ASP A 61 -7.71 13.13 -5.73
CA ASP A 61 -6.43 13.58 -6.31
C ASP A 61 -5.33 13.59 -5.24
N ARG A 62 -5.71 13.80 -3.98
CA ARG A 62 -4.74 13.82 -2.87
C ARG A 62 -4.18 12.41 -2.56
N ILE A 63 -4.98 11.38 -2.76
CA ILE A 63 -4.56 10.01 -2.44
C ILE A 63 -4.69 9.08 -3.66
N SER A 64 -3.60 8.44 -4.04
CA SER A 64 -3.60 7.50 -5.16
C SER A 64 -2.67 6.31 -4.93
N LEU A 65 -3.20 5.10 -5.09
CA LEU A 65 -2.44 3.87 -4.90
C LEU A 65 -2.30 3.10 -6.22
N TYR A 66 -1.10 2.63 -6.54
CA TYR A 66 -0.91 1.80 -7.73
C TYR A 66 0.11 0.68 -7.48
N GLN A 67 -0.18 -0.50 -8.03
CA GLN A 67 0.72 -1.65 -7.92
C GLN A 67 1.18 -2.07 -9.33
N ASP A 68 2.49 -2.13 -9.52
CA ASP A 68 3.07 -2.38 -10.85
C ASP A 68 3.23 -3.89 -11.11
N ASN A 69 3.31 -4.25 -12.40
CA ASN A 69 3.45 -5.65 -12.83
C ASN A 69 4.71 -6.31 -12.22
N THR A 70 5.72 -5.50 -11.92
CA THR A 70 6.98 -6.00 -11.34
C THR A 70 6.85 -6.35 -9.85
N GLY A 71 5.64 -6.20 -9.31
CA GLY A 71 5.38 -6.55 -7.92
C GLY A 71 5.67 -5.41 -6.93
N ARG A 72 5.72 -4.18 -7.43
CA ARG A 72 5.97 -3.02 -6.56
C ARG A 72 4.69 -2.22 -6.30
N VAL A 73 4.33 -2.09 -5.03
CA VAL A 73 3.18 -1.27 -4.62
C VAL A 73 3.65 0.14 -4.21
N THR A 74 2.93 1.17 -4.63
CA THR A 74 3.29 2.56 -4.30
C THR A 74 2.06 3.41 -3.92
N LEU A 75 2.13 4.03 -2.75
CA LEU A 75 1.09 4.96 -2.30
C LEU A 75 1.59 6.42 -2.37
N LEU A 76 0.83 7.27 -3.07
CA LEU A 76 1.18 8.69 -3.20
C LEU A 76 0.19 9.57 -2.41
N ILE A 77 0.72 10.40 -1.52
CA ILE A 77 -0.10 11.29 -0.68
C ILE A 77 0.25 12.77 -0.93
N LYS A 78 -0.75 13.57 -1.33
CA LYS A 78 -0.55 14.99 -1.65
C LYS A 78 -1.26 15.90 -0.65
N ASP A 79 -0.78 17.14 -0.52
CA ASP A 79 -1.50 18.21 0.20
C ASP A 79 -1.85 17.80 1.64
N VAL A 80 -1.00 16.97 2.24
CA VAL A 80 -1.23 16.41 3.57
C VAL A 80 -0.84 17.39 4.69
N ASN A 81 -1.66 17.48 5.74
CA ASN A 81 -1.34 18.31 6.92
C ASN A 81 -1.35 17.48 8.22
N LYS A 82 -1.09 18.13 9.36
CA LYS A 82 -0.99 17.44 10.67
C LYS A 82 -2.16 16.46 10.90
N LYS A 83 -3.38 16.94 10.67
CA LYS A 83 -4.59 16.14 10.90
C LYS A 83 -4.62 14.83 10.07
N ASP A 84 -3.82 14.79 9.01
CA ASP A 84 -3.80 13.61 8.11
C ASP A 84 -2.62 12.67 8.40
N ALA A 85 -1.79 13.00 9.39
CA ALA A 85 -0.63 12.14 9.73
C ALA A 85 -1.06 10.96 10.61
N GLY A 86 -0.44 9.80 10.40
CA GLY A 86 -0.79 8.62 11.19
C GLY A 86 -0.01 7.37 10.80
N TRP A 87 -0.39 6.24 11.39
CA TRP A 87 0.15 4.93 10.98
C TRP A 87 -0.72 4.30 9.88
N TYR A 88 -0.09 3.94 8.76
CA TYR A 88 -0.76 3.26 7.65
C TYR A 88 -0.52 1.75 7.71
N THR A 89 -1.59 0.99 7.90
CA THR A 89 -1.49 -0.48 7.94
C THR A 89 -1.88 -1.08 6.59
N VAL A 90 -0.92 -1.74 5.94
CA VAL A 90 -1.14 -2.35 4.62
C VAL A 90 -1.39 -3.86 4.74
N SER A 91 -2.53 -4.29 4.21
CA SER A 91 -2.92 -5.70 4.22
C SER A 91 -3.02 -6.25 2.79
N ALA A 92 -2.28 -7.32 2.51
CA ALA A 92 -2.32 -7.98 1.19
C ALA A 92 -2.90 -9.39 1.32
N VAL A 93 -4.07 -9.62 0.71
CA VAL A 93 -4.75 -10.92 0.81
C VAL A 93 -4.93 -11.60 -0.56
N ASN A 94 -4.31 -12.78 -0.71
CA ASN A 94 -4.49 -13.62 -1.90
C ASN A 94 -5.25 -14.90 -1.54
N GLU A 95 -5.76 -15.62 -2.53
CA GLU A 95 -6.45 -16.90 -2.27
C GLU A 95 -5.51 -17.93 -1.63
N ALA A 96 -4.25 -17.94 -2.06
CA ALA A 96 -3.24 -18.86 -1.52
C ALA A 96 -2.76 -18.49 -0.10
N GLY A 97 -3.10 -17.27 0.37
CA GLY A 97 -2.66 -16.84 1.70
C GLY A 97 -2.73 -15.32 1.92
N VAL A 98 -2.38 -14.86 3.12
CA VAL A 98 -2.48 -13.42 3.46
C VAL A 98 -1.27 -12.93 4.28
N THR A 99 -0.91 -11.65 4.11
CA THR A 99 0.19 -11.02 4.87
C THR A 99 -0.14 -9.54 5.21
N THR A 100 0.30 -9.08 6.38
CA THR A 100 0.01 -7.70 6.82
C THR A 100 1.27 -7.01 7.38
N CYS A 101 1.39 -5.70 7.12
CA CYS A 101 2.52 -4.90 7.64
C CYS A 101 2.06 -3.48 8.00
N ASN A 102 2.72 -2.87 8.99
CA ASN A 102 2.36 -1.52 9.43
C ASN A 102 3.40 -0.47 8.98
N THR A 103 2.92 0.75 8.73
CA THR A 103 3.78 1.85 8.24
C THR A 103 3.48 3.15 8.99
N ARG A 104 4.48 4.00 9.16
CA ARG A 104 4.31 5.28 9.84
C ARG A 104 4.54 6.47 8.88
N LEU A 105 3.72 7.52 9.01
CA LEU A 105 3.91 8.76 8.25
C LEU A 105 3.77 9.99 9.17
N ASP A 106 4.77 10.86 9.15
CA ASP A 106 4.76 12.08 9.97
C ASP A 106 4.57 13.34 9.12
N VAL A 107 3.82 14.30 9.65
CA VAL A 107 3.68 15.61 9.03
C VAL A 107 4.13 16.72 10.01
N THR A 108 4.75 17.76 9.47
CA THR A 108 5.30 18.86 10.27
C THR A 108 4.73 20.21 9.82
N ALA A 109 4.55 21.13 10.76
CA ALA A 109 3.97 22.43 10.45
C ALA A 109 4.97 23.35 9.73
N ARG A 110 4.54 23.98 8.65
CA ARG A 110 5.41 24.89 7.89
C ARG A 110 5.66 26.20 8.66
N PRO A 111 6.89 26.76 8.58
CA PRO A 111 7.20 28.05 9.20
C PRO A 111 6.37 29.19 8.57
N ASN A 112 5.83 28.92 7.38
CA ASN A 112 4.94 29.84 6.69
C ASN A 112 4.20 29.12 5.54
N GLN A 113 3.03 29.61 5.17
CA GLN A 113 2.25 29.02 4.08
C GLN A 113 1.56 30.10 3.23
N THR A 114 1.21 29.76 2.00
CA THR A 114 0.59 30.73 1.07
C THR A 114 -0.24 30.03 -0.02
N LEU A 115 -0.98 30.83 -0.78
CA LEU A 115 -1.79 30.32 -1.89
C LEU A 115 -1.57 31.20 -3.14
N PRO A 116 -1.10 30.59 -4.26
CA PRO A 116 -0.78 31.32 -5.52
C PRO A 116 -1.93 32.22 -6.03
N MET A 1 -23.88 -19.08 -22.56
CA MET A 1 -22.45 -19.04 -22.97
C MET A 1 -21.71 -20.32 -22.54
N GLY A 2 -21.26 -21.11 -23.51
CA GLY A 2 -20.47 -22.30 -23.22
C GLY A 2 -18.97 -22.02 -23.34
N HIS A 3 -18.42 -22.21 -24.55
CA HIS A 3 -17.02 -21.88 -24.89
C HIS A 3 -15.98 -22.80 -24.21
N HIS A 4 -15.97 -22.82 -22.87
CA HIS A 4 -14.99 -23.58 -22.09
C HIS A 4 -14.74 -25.00 -22.64
N HIS A 5 -13.49 -25.30 -22.99
CA HIS A 5 -13.11 -26.62 -23.51
C HIS A 5 -11.58 -26.74 -23.67
N HIS A 6 -11.05 -27.95 -23.48
CA HIS A 6 -9.62 -28.23 -23.69
C HIS A 6 -8.71 -27.41 -22.74
N HIS A 7 -9.26 -26.91 -21.64
CA HIS A 7 -8.48 -26.11 -20.68
C HIS A 7 -7.70 -27.01 -19.70
N HIS A 8 -6.39 -27.09 -19.90
CA HIS A 8 -5.50 -27.86 -19.01
C HIS A 8 -4.26 -27.04 -18.63
N SER A 9 -3.17 -27.74 -18.27
CA SER A 9 -1.93 -27.11 -17.77
C SER A 9 -2.16 -26.49 -16.37
N HIS A 10 -1.32 -26.85 -15.42
CA HIS A 10 -1.51 -26.41 -14.02
C HIS A 10 -1.23 -24.91 -13.85
N GLU A 11 -1.98 -24.29 -12.95
CA GLU A 11 -1.90 -22.85 -12.73
C GLU A 11 -1.23 -22.54 -11.37
N HIS A 12 -0.16 -21.74 -11.40
CA HIS A 12 0.67 -21.48 -10.21
C HIS A 12 0.00 -20.55 -9.18
N LYS A 13 0.04 -20.96 -7.90
CA LYS A 13 -0.37 -20.10 -6.79
C LYS A 13 0.82 -19.83 -5.84
N ARG A 14 1.00 -18.58 -5.45
CA ARG A 14 2.06 -18.18 -4.53
C ARG A 14 1.56 -17.17 -3.49
N ALA A 15 1.85 -17.44 -2.21
CA ALA A 15 1.46 -16.54 -1.12
C ALA A 15 2.26 -15.22 -1.15
N PRO A 16 1.64 -14.10 -0.75
CA PRO A 16 2.29 -12.77 -0.76
C PRO A 16 3.42 -12.63 0.27
N MET A 17 4.57 -12.16 -0.18
CA MET A 17 5.75 -11.96 0.68
C MET A 17 6.27 -10.52 0.63
N PHE A 18 6.41 -9.90 1.80
CA PHE A 18 7.03 -8.57 1.91
C PHE A 18 8.56 -8.67 1.79
N ILE A 19 9.10 -8.29 0.63
CA ILE A 19 10.55 -8.23 0.44
C ILE A 19 11.10 -6.94 1.08
N TYR A 20 10.29 -5.90 1.05
CA TYR A 20 10.59 -4.61 1.68
C TYR A 20 9.35 -4.10 2.42
N LYS A 21 9.54 -3.41 3.55
CA LYS A 21 8.44 -2.72 4.22
C LYS A 21 8.45 -1.23 3.86
N PRO A 22 7.27 -0.62 3.63
CA PRO A 22 7.19 0.84 3.44
C PRO A 22 7.72 1.60 4.67
N GLN A 23 8.73 2.44 4.46
CA GLN A 23 9.46 3.08 5.56
C GLN A 23 8.88 4.44 5.95
N SER A 24 8.93 4.75 7.24
CA SER A 24 8.37 5.98 7.80
C SER A 24 9.11 7.23 7.30
N LYS A 25 8.39 8.09 6.59
CA LYS A 25 8.94 9.35 6.08
C LYS A 25 8.23 10.56 6.70
N LYS A 26 8.88 11.72 6.71
CA LYS A 26 8.31 12.95 7.27
C LYS A 26 8.34 14.10 6.25
N VAL A 27 7.21 14.78 6.09
CA VAL A 27 7.08 15.89 5.13
C VAL A 27 6.46 17.14 5.79
N LEU A 28 6.34 18.21 5.02
CA LEU A 28 5.70 19.44 5.51
C LEU A 28 4.24 19.52 5.01
N GLU A 29 3.41 20.29 5.71
CA GLU A 29 2.00 20.47 5.31
C GLU A 29 1.89 21.05 3.89
N GLY A 30 1.18 20.34 3.01
CA GLY A 30 1.01 20.81 1.64
C GLY A 30 1.79 19.98 0.60
N ASP A 31 2.79 19.23 1.06
CA ASP A 31 3.62 18.42 0.16
C ASP A 31 2.97 17.06 -0.16
N SER A 32 3.73 16.19 -0.81
CA SER A 32 3.27 14.84 -1.16
C SER A 32 4.33 13.78 -0.82
N VAL A 33 3.89 12.63 -0.33
CA VAL A 33 4.79 11.56 0.09
C VAL A 33 4.54 10.27 -0.70
N LYS A 34 5.62 9.55 -0.99
CA LYS A 34 5.54 8.25 -1.69
C LYS A 34 6.01 7.11 -0.77
N LEU A 35 5.10 6.17 -0.49
CA LEU A 35 5.42 5.00 0.35
C LEU A 35 5.25 3.71 -0.45
N GLU A 36 6.35 3.00 -0.72
CA GLU A 36 6.29 1.83 -1.59
C GLU A 36 7.14 0.65 -1.08
N CYS A 37 6.79 -0.54 -1.55
CA CYS A 37 7.45 -1.78 -1.14
C CYS A 37 7.29 -2.86 -2.22
N GLN A 38 7.95 -4.01 -2.03
CA GLN A 38 7.83 -5.14 -2.97
C GLN A 38 7.11 -6.34 -2.32
N ILE A 39 5.90 -6.62 -2.76
CA ILE A 39 5.14 -7.80 -2.32
C ILE A 39 5.08 -8.85 -3.43
N SER A 40 5.70 -10.00 -3.23
CA SER A 40 5.73 -11.05 -4.27
C SER A 40 4.59 -12.05 -4.05
N ALA A 41 3.53 -11.94 -4.86
CA ALA A 41 2.39 -12.86 -4.80
C ALA A 41 1.97 -13.33 -6.20
N ILE A 42 1.33 -14.50 -6.28
CA ILE A 42 0.79 -15.02 -7.54
C ILE A 42 -0.60 -15.67 -7.32
N PRO A 43 -1.71 -15.04 -7.80
CA PRO A 43 -1.67 -13.75 -8.52
C PRO A 43 -1.58 -12.53 -7.56
N PRO A 44 -1.42 -11.31 -8.11
CA PRO A 44 -1.42 -10.07 -7.30
C PRO A 44 -2.63 -9.98 -6.35
N PRO A 45 -2.41 -9.68 -5.05
CA PRO A 45 -3.48 -9.66 -4.04
C PRO A 45 -4.21 -8.31 -3.92
N LYS A 46 -5.31 -8.31 -3.17
CA LYS A 46 -6.03 -7.07 -2.85
C LYS A 46 -5.34 -6.33 -1.70
N LEU A 47 -5.02 -5.07 -1.93
CA LEU A 47 -4.26 -4.27 -0.97
C LEU A 47 -5.16 -3.32 -0.17
N PHE A 48 -5.18 -3.50 1.15
CA PHE A 48 -5.94 -2.62 2.04
C PHE A 48 -5.01 -1.70 2.86
N TRP A 49 -5.18 -0.40 2.69
CA TRP A 49 -4.41 0.59 3.45
C TRP A 49 -5.29 1.32 4.47
N LYS A 50 -4.90 1.25 5.75
CA LYS A 50 -5.67 1.88 6.82
C LYS A 50 -4.83 2.93 7.57
N ARG A 51 -5.36 4.15 7.69
CA ARG A 51 -4.66 5.25 8.36
C ARG A 51 -5.28 5.57 9.72
N ASN A 52 -4.53 5.36 10.80
CA ASN A 52 -4.98 5.70 12.16
C ASN A 52 -6.40 5.13 12.43
N ASN A 53 -6.51 3.80 12.34
CA ASN A 53 -7.76 3.07 12.62
C ASN A 53 -8.85 3.29 11.54
N GLU A 54 -8.60 4.14 10.55
CA GLU A 54 -9.59 4.43 9.48
C GLU A 54 -9.00 4.20 8.08
N MET A 55 -9.71 3.47 7.23
CA MET A 55 -9.24 3.14 5.87
C MET A 55 -9.07 4.39 4.99
N VAL A 56 -8.06 4.37 4.12
CA VAL A 56 -7.78 5.47 3.20
C VAL A 56 -8.65 5.36 1.93
N GLN A 57 -9.43 6.41 1.64
CA GLN A 57 -10.29 6.41 0.44
C GLN A 57 -9.56 6.97 -0.79
N PHE A 58 -9.38 6.12 -1.79
CA PHE A 58 -8.71 6.51 -3.05
C PHE A 58 -9.71 7.04 -4.07
N ASN A 59 -10.06 8.32 -3.96
CA ASN A 59 -11.05 8.95 -4.85
C ASN A 59 -10.44 10.11 -5.68
N THR A 60 -9.58 10.90 -5.05
CA THR A 60 -9.03 12.12 -5.66
C THR A 60 -7.57 11.94 -6.10
N ASP A 61 -7.03 12.93 -6.82
CA ASP A 61 -5.63 12.91 -7.24
C ASP A 61 -4.70 13.09 -6.02
N ARG A 62 -5.27 13.59 -4.93
CA ARG A 62 -4.52 13.75 -3.67
C ARG A 62 -4.18 12.39 -3.05
N ILE A 63 -5.05 11.40 -3.27
CA ILE A 63 -4.85 10.06 -2.72
C ILE A 63 -4.87 9.00 -3.84
N SER A 64 -3.81 8.21 -3.94
CA SER A 64 -3.71 7.22 -5.03
C SER A 64 -2.90 5.99 -4.61
N LEU A 65 -3.19 4.85 -5.23
CA LEU A 65 -2.47 3.60 -4.99
C LEU A 65 -2.30 2.81 -6.29
N TYR A 66 -1.09 2.37 -6.60
CA TYR A 66 -0.86 1.52 -7.77
C TYR A 66 0.13 0.38 -7.46
N GLN A 67 -0.12 -0.78 -8.04
CA GLN A 67 0.73 -1.96 -7.82
C GLN A 67 1.21 -2.53 -9.16
N ASP A 68 2.51 -2.79 -9.27
CA ASP A 68 3.10 -3.32 -10.51
C ASP A 68 3.14 -4.86 -10.49
N ASN A 69 3.45 -5.46 -11.64
CA ASN A 69 3.41 -6.92 -11.80
C ASN A 69 4.47 -7.65 -10.94
N THR A 70 5.66 -7.07 -10.76
CA THR A 70 6.71 -7.72 -9.96
C THR A 70 6.52 -7.46 -8.45
N GLY A 71 5.49 -6.69 -8.10
CA GLY A 71 5.07 -6.56 -6.71
C GLY A 71 5.30 -5.18 -6.08
N ARG A 72 5.72 -4.20 -6.87
CA ARG A 72 5.95 -2.85 -6.32
C ARG A 72 4.63 -2.13 -6.05
N VAL A 73 4.33 -1.94 -4.77
CA VAL A 73 3.11 -1.25 -4.32
C VAL A 73 3.43 0.16 -3.83
N THR A 74 2.97 1.18 -4.57
CA THR A 74 3.27 2.58 -4.22
C THR A 74 2.01 3.34 -3.76
N LEU A 75 2.06 3.89 -2.56
CA LEU A 75 1.01 4.76 -2.03
C LEU A 75 1.37 6.24 -2.24
N LEU A 76 0.42 7.03 -2.71
CA LEU A 76 0.64 8.46 -2.97
C LEU A 76 -0.31 9.35 -2.16
N ILE A 77 0.26 10.20 -1.32
CA ILE A 77 -0.53 11.13 -0.49
C ILE A 77 -0.09 12.59 -0.72
N LYS A 78 -0.97 13.40 -1.27
CA LYS A 78 -0.66 14.80 -1.62
C LYS A 78 -1.43 15.80 -0.75
N ASP A 79 -0.85 16.99 -0.56
CA ASP A 79 -1.52 18.11 0.12
C ASP A 79 -1.86 17.74 1.59
N VAL A 80 -1.07 16.82 2.13
CA VAL A 80 -1.28 16.29 3.48
C VAL A 80 -0.94 17.32 4.58
N ASN A 81 -1.71 17.33 5.68
CA ASN A 81 -1.43 18.23 6.80
C ASN A 81 -1.27 17.45 8.12
N LYS A 82 -0.95 18.17 9.22
CA LYS A 82 -0.77 17.56 10.55
C LYS A 82 -1.87 16.53 10.88
N LYS A 83 -3.12 16.96 10.76
CA LYS A 83 -4.27 16.11 11.11
C LYS A 83 -4.37 14.85 10.24
N ASP A 84 -3.58 14.77 9.18
CA ASP A 84 -3.59 13.62 8.28
C ASP A 84 -2.47 12.62 8.58
N ALA A 85 -1.62 12.93 9.56
CA ALA A 85 -0.51 12.05 9.91
C ALA A 85 -0.96 10.92 10.86
N GLY A 86 -0.36 9.73 10.70
CA GLY A 86 -0.73 8.59 11.52
C GLY A 86 0.04 7.31 11.17
N TRP A 87 -0.36 6.20 11.78
CA TRP A 87 0.19 4.88 11.42
C TRP A 87 -0.70 4.18 10.38
N TYR A 88 -0.07 3.75 9.30
CA TYR A 88 -0.76 3.04 8.22
C TYR A 88 -0.57 1.52 8.32
N THR A 89 -1.67 0.78 8.40
CA THR A 89 -1.62 -0.69 8.37
C THR A 89 -1.92 -1.20 6.96
N VAL A 90 -0.96 -1.88 6.35
CA VAL A 90 -1.15 -2.45 5.00
C VAL A 90 -1.40 -3.96 5.06
N SER A 91 -2.49 -4.40 4.44
CA SER A 91 -2.86 -5.82 4.42
C SER A 91 -3.04 -6.32 2.98
N ALA A 92 -2.28 -7.35 2.61
CA ALA A 92 -2.38 -7.96 1.28
C ALA A 92 -3.01 -9.36 1.36
N VAL A 93 -4.19 -9.53 0.77
CA VAL A 93 -4.92 -10.80 0.84
C VAL A 93 -4.97 -11.53 -0.51
N ASN A 94 -4.28 -12.67 -0.58
CA ASN A 94 -4.34 -13.56 -1.75
C ASN A 94 -5.03 -14.88 -1.35
N GLU A 95 -5.64 -15.57 -2.31
CA GLU A 95 -6.24 -16.88 -2.03
C GLU A 95 -5.19 -17.86 -1.48
N ALA A 96 -3.97 -17.74 -2.00
CA ALA A 96 -2.83 -18.57 -1.55
C ALA A 96 -2.33 -18.18 -0.15
N GLY A 97 -2.80 -17.05 0.39
CA GLY A 97 -2.37 -16.61 1.72
C GLY A 97 -2.49 -15.10 1.95
N VAL A 98 -2.48 -14.67 3.21
CA VAL A 98 -2.58 -13.24 3.56
C VAL A 98 -1.34 -12.77 4.36
N THR A 99 -0.96 -11.50 4.19
CA THR A 99 0.17 -10.91 4.94
C THR A 99 -0.10 -9.44 5.31
N THR A 100 0.37 -9.03 6.50
CA THR A 100 0.13 -7.65 6.99
C THR A 100 1.43 -7.01 7.52
N CYS A 101 1.56 -5.70 7.31
CA CYS A 101 2.70 -4.92 7.82
C CYS A 101 2.24 -3.51 8.27
N ASN A 102 3.11 -2.77 8.95
CA ASN A 102 2.76 -1.43 9.44
C ASN A 102 3.73 -0.35 8.94
N THR A 103 3.21 0.88 8.85
CA THR A 103 3.97 2.02 8.33
C THR A 103 3.64 3.29 9.13
N ARG A 104 4.60 4.21 9.24
CA ARG A 104 4.37 5.48 9.93
C ARG A 104 4.58 6.67 8.99
N LEU A 105 3.77 7.72 9.14
CA LEU A 105 3.93 8.94 8.36
C LEU A 105 3.87 10.19 9.26
N ASP A 106 4.93 11.00 9.19
CA ASP A 106 5.02 12.21 10.02
C ASP A 106 4.87 13.49 9.17
N VAL A 107 4.06 14.42 9.64
CA VAL A 107 3.88 15.72 8.96
C VAL A 107 4.27 16.87 9.89
N THR A 108 4.92 17.89 9.34
CA THR A 108 5.36 19.06 10.11
C THR A 108 4.73 20.35 9.59
N ALA A 109 4.43 21.27 10.50
CA ALA A 109 3.75 22.51 10.15
C ALA A 109 4.71 23.50 9.48
N ARG A 110 4.29 24.09 8.36
CA ARG A 110 5.12 25.04 7.63
C ARG A 110 5.43 26.30 8.47
N PRO A 111 6.72 26.65 8.60
CA PRO A 111 7.14 27.85 9.35
C PRO A 111 6.62 29.15 8.71
N ASN A 112 6.34 29.07 7.41
CA ASN A 112 5.79 30.22 6.66
C ASN A 112 4.98 29.74 5.46
N GLN A 113 3.70 30.12 5.41
CA GLN A 113 2.79 29.72 4.33
C GLN A 113 2.98 30.60 3.08
N THR A 114 3.41 31.85 3.29
CA THR A 114 3.70 32.75 2.17
C THR A 114 5.17 32.62 1.72
N LEU A 115 5.48 31.49 1.09
CA LEU A 115 6.85 31.15 0.65
C LEU A 115 7.82 31.05 1.85
N PRO A 116 8.25 29.82 2.22
CA PRO A 116 9.04 29.55 3.43
C PRO A 116 10.18 30.57 3.69
N MET A 1 2.36 -44.44 -8.67
CA MET A 1 3.58 -45.20 -8.31
C MET A 1 4.82 -44.30 -8.30
N GLY A 2 5.68 -44.48 -7.30
CA GLY A 2 6.91 -43.69 -7.22
C GLY A 2 6.86 -42.59 -6.15
N HIS A 3 8.01 -42.30 -5.55
CA HIS A 3 8.11 -41.32 -4.47
C HIS A 3 7.70 -39.90 -4.91
N HIS A 4 7.58 -39.68 -6.22
CA HIS A 4 7.22 -38.36 -6.76
C HIS A 4 5.74 -38.00 -6.46
N HIS A 5 5.04 -38.87 -5.72
CA HIS A 5 3.66 -38.58 -5.30
C HIS A 5 3.53 -37.25 -4.54
N HIS A 6 3.15 -36.21 -5.26
CA HIS A 6 2.91 -34.87 -4.67
C HIS A 6 1.67 -34.23 -5.30
N HIS A 7 0.92 -33.47 -4.51
CA HIS A 7 -0.26 -32.76 -5.01
C HIS A 7 0.17 -31.63 -5.98
N HIS A 8 0.48 -32.02 -7.21
CA HIS A 8 1.03 -31.08 -8.20
C HIS A 8 0.07 -30.88 -9.38
N SER A 9 -0.18 -29.61 -9.71
CA SER A 9 -1.02 -29.25 -10.86
C SER A 9 -0.25 -28.34 -11.82
N HIS A 10 -0.93 -27.85 -12.85
CA HIS A 10 -0.32 -26.92 -13.83
C HIS A 10 -0.39 -25.46 -13.34
N GLU A 11 -1.27 -25.19 -12.38
CA GLU A 11 -1.53 -23.83 -11.90
C GLU A 11 -0.77 -23.56 -10.59
N HIS A 12 -0.20 -22.35 -10.47
CA HIS A 12 0.71 -22.02 -9.36
C HIS A 12 0.04 -21.06 -8.34
N LYS A 13 -0.16 -21.54 -7.12
CA LYS A 13 -0.68 -20.70 -6.02
C LYS A 13 0.43 -20.33 -5.03
N ARG A 14 0.61 -19.02 -4.81
CA ARG A 14 1.68 -18.51 -3.94
C ARG A 14 1.18 -17.39 -3.02
N ALA A 15 1.29 -17.61 -1.71
CA ALA A 15 0.88 -16.59 -0.73
C ALA A 15 1.81 -15.36 -0.77
N PRO A 16 1.24 -14.14 -0.61
CA PRO A 16 2.01 -12.89 -0.69
C PRO A 16 3.10 -12.76 0.38
N MET A 17 4.27 -12.28 -0.03
CA MET A 17 5.42 -12.11 0.87
C MET A 17 6.03 -10.71 0.74
N PHE A 18 6.08 -9.96 1.84
CA PHE A 18 6.72 -8.64 1.86
C PHE A 18 8.26 -8.78 1.83
N ILE A 19 8.85 -8.48 0.67
CA ILE A 19 10.31 -8.47 0.52
C ILE A 19 10.91 -7.23 1.21
N TYR A 20 10.19 -6.12 1.11
CA TYR A 20 10.58 -4.86 1.77
C TYR A 20 9.40 -4.25 2.51
N LYS A 21 9.69 -3.54 3.60
CA LYS A 21 8.68 -2.77 4.31
C LYS A 21 8.72 -1.28 3.91
N PRO A 22 7.57 -0.58 3.92
CA PRO A 22 7.52 0.85 3.61
C PRO A 22 8.00 1.70 4.80
N GLN A 23 9.00 2.54 4.55
CA GLN A 23 9.64 3.33 5.62
C GLN A 23 8.98 4.70 5.79
N SER A 24 8.96 5.18 7.03
CA SER A 24 8.34 6.48 7.36
C SER A 24 9.14 7.68 6.82
N LYS A 25 8.42 8.64 6.23
CA LYS A 25 9.00 9.93 5.81
C LYS A 25 8.26 11.09 6.50
N LYS A 26 8.85 12.28 6.49
CA LYS A 26 8.17 13.46 7.04
C LYS A 26 8.23 14.65 6.07
N VAL A 27 7.08 15.29 5.85
CA VAL A 27 6.99 16.44 4.92
C VAL A 27 6.24 17.62 5.57
N LEU A 28 6.14 18.75 4.86
CA LEU A 28 5.41 19.92 5.37
C LEU A 28 3.94 19.89 4.92
N GLU A 29 3.11 20.72 5.55
CA GLU A 29 1.67 20.73 5.24
C GLU A 29 1.40 21.35 3.86
N GLY A 30 1.03 20.49 2.91
CA GLY A 30 0.83 20.94 1.53
C GLY A 30 1.79 20.31 0.54
N ASP A 31 2.63 19.38 1.01
CA ASP A 31 3.58 18.68 0.14
C ASP A 31 3.18 17.22 -0.11
N SER A 32 4.07 16.46 -0.73
CA SER A 32 3.78 15.07 -1.12
C SER A 32 4.83 14.08 -0.57
N VAL A 33 4.44 12.81 -0.48
CA VAL A 33 5.33 11.74 -0.01
C VAL A 33 5.03 10.42 -0.74
N LYS A 34 6.03 9.54 -0.82
CA LYS A 34 5.85 8.23 -1.47
C LYS A 34 6.27 7.08 -0.52
N LEU A 35 5.39 6.09 -0.39
CA LEU A 35 5.65 4.89 0.42
C LEU A 35 5.69 3.64 -0.47
N GLU A 36 6.86 3.01 -0.59
CA GLU A 36 7.04 1.90 -1.55
C GLU A 36 7.55 0.61 -0.89
N CYS A 37 7.11 -0.53 -1.40
CA CYS A 37 7.54 -1.85 -0.91
C CYS A 37 7.39 -2.93 -1.99
N GLN A 38 8.11 -4.05 -1.84
CA GLN A 38 8.03 -5.16 -2.81
C GLN A 38 7.29 -6.37 -2.21
N ILE A 39 6.30 -6.88 -2.94
CA ILE A 39 5.53 -8.07 -2.51
C ILE A 39 5.62 -9.19 -3.56
N SER A 40 5.88 -10.42 -3.10
CA SER A 40 5.89 -11.60 -3.98
C SER A 40 4.62 -12.44 -3.80
N ALA A 41 3.68 -12.31 -4.72
CA ALA A 41 2.44 -13.10 -4.71
C ALA A 41 2.10 -13.66 -6.11
N ILE A 42 1.49 -14.84 -6.16
CA ILE A 42 1.04 -15.44 -7.43
C ILE A 42 -0.32 -16.13 -7.26
N PRO A 43 -1.42 -15.59 -7.83
CA PRO A 43 -1.43 -14.31 -8.58
C PRO A 43 -1.36 -13.05 -7.67
N PRO A 44 -1.25 -11.84 -8.25
CA PRO A 44 -1.24 -10.58 -7.47
C PRO A 44 -2.44 -10.46 -6.49
N PRO A 45 -2.21 -9.95 -5.27
CA PRO A 45 -3.24 -9.85 -4.23
C PRO A 45 -3.97 -8.49 -4.21
N LYS A 46 -5.04 -8.42 -3.42
CA LYS A 46 -5.78 -7.15 -3.21
C LYS A 46 -5.15 -6.37 -2.05
N LEU A 47 -5.05 -5.06 -2.20
CA LEU A 47 -4.39 -4.20 -1.20
C LEU A 47 -5.40 -3.41 -0.37
N PHE A 48 -5.18 -3.38 0.95
CA PHE A 48 -6.01 -2.58 1.87
C PHE A 48 -5.14 -1.71 2.79
N TRP A 49 -5.30 -0.38 2.68
CA TRP A 49 -4.55 0.56 3.51
C TRP A 49 -5.46 1.22 4.56
N LYS A 50 -5.08 1.11 5.82
CA LYS A 50 -5.83 1.73 6.92
C LYS A 50 -4.92 2.65 7.75
N ARG A 51 -5.35 3.89 7.97
CA ARG A 51 -4.56 4.87 8.71
C ARG A 51 -5.16 5.14 10.10
N ASN A 52 -4.44 4.74 11.15
CA ASN A 52 -4.88 5.04 12.53
C ASN A 52 -6.32 4.51 12.76
N ASN A 53 -6.59 3.31 12.23
CA ASN A 53 -7.93 2.66 12.33
C ASN A 53 -8.96 3.30 11.36
N GLU A 54 -8.51 4.26 10.54
CA GLU A 54 -9.37 4.90 9.54
C GLU A 54 -9.17 4.26 8.16
N MET A 55 -10.27 4.08 7.42
CA MET A 55 -10.19 3.53 6.06
C MET A 55 -9.70 4.58 5.06
N VAL A 56 -8.50 4.38 4.51
CA VAL A 56 -7.91 5.34 3.57
C VAL A 56 -8.72 5.43 2.26
N GLN A 57 -9.26 6.61 1.97
CA GLN A 57 -10.07 6.83 0.78
C GLN A 57 -9.22 7.29 -0.41
N PHE A 58 -9.16 6.48 -1.47
CA PHE A 58 -8.34 6.78 -2.65
C PHE A 58 -9.13 7.52 -3.74
N ASN A 59 -10.27 8.08 -3.36
CA ASN A 59 -11.15 8.80 -4.30
C ASN A 59 -10.89 10.32 -4.30
N THR A 60 -9.64 10.70 -4.05
CA THR A 60 -9.28 12.14 -3.98
C THR A 60 -7.93 12.42 -4.66
N ASP A 61 -7.69 13.69 -4.97
CA ASP A 61 -6.43 14.12 -5.57
C ASP A 61 -5.29 14.06 -4.53
N ARG A 62 -5.65 14.19 -3.25
CA ARG A 62 -4.65 14.17 -2.17
C ARG A 62 -4.16 12.75 -1.86
N ILE A 63 -4.93 11.72 -2.24
CA ILE A 63 -4.54 10.32 -1.97
C ILE A 63 -4.63 9.47 -3.24
N SER A 64 -3.53 8.80 -3.58
CA SER A 64 -3.49 7.94 -4.78
C SER A 64 -2.59 6.71 -4.54
N LEU A 65 -2.99 5.57 -5.10
CA LEU A 65 -2.26 4.31 -4.89
C LEU A 65 -2.08 3.54 -6.21
N TYR A 66 -0.91 2.94 -6.40
CA TYR A 66 -0.69 2.04 -7.55
C TYR A 66 0.21 0.86 -7.17
N GLN A 67 0.02 -0.27 -7.84
CA GLN A 67 0.87 -1.45 -7.64
C GLN A 67 1.43 -1.93 -8.99
N ASP A 68 2.75 -2.02 -9.08
CA ASP A 68 3.43 -2.38 -10.33
C ASP A 68 3.40 -3.90 -10.58
N ASN A 69 3.55 -4.30 -11.84
CA ASN A 69 3.50 -5.73 -12.22
C ASN A 69 4.65 -6.53 -11.60
N THR A 70 5.78 -5.85 -11.32
CA THR A 70 6.94 -6.47 -10.66
C THR A 70 6.63 -6.81 -9.19
N GLY A 71 5.56 -6.22 -8.66
CA GLY A 71 5.16 -6.45 -7.28
C GLY A 71 5.45 -5.27 -6.36
N ARG A 72 5.80 -4.11 -6.95
CA ARG A 72 6.08 -2.91 -6.14
C ARG A 72 4.79 -2.17 -5.80
N VAL A 73 4.45 -2.13 -4.51
CA VAL A 73 3.29 -1.36 -4.04
C VAL A 73 3.74 0.03 -3.59
N THR A 74 3.13 1.08 -4.14
CA THR A 74 3.56 2.45 -3.85
C THR A 74 2.37 3.38 -3.58
N LEU A 75 2.32 3.94 -2.37
CA LEU A 75 1.29 4.89 -1.98
C LEU A 75 1.78 6.35 -2.15
N LEU A 76 1.04 7.14 -2.92
CA LEU A 76 1.39 8.54 -3.17
C LEU A 76 0.42 9.50 -2.45
N ILE A 77 0.92 10.21 -1.46
CA ILE A 77 0.10 11.15 -0.69
C ILE A 77 0.47 12.61 -1.01
N LYS A 78 -0.49 13.35 -1.53
CA LYS A 78 -0.26 14.74 -1.98
C LYS A 78 -1.02 15.76 -1.11
N ASP A 79 -0.45 16.96 -0.99
CA ASP A 79 -1.13 18.11 -0.36
C ASP A 79 -1.64 17.77 1.06
N VAL A 80 -0.87 16.92 1.75
CA VAL A 80 -1.28 16.39 3.06
C VAL A 80 -1.04 17.40 4.20
N ASN A 81 -1.83 17.28 5.27
CA ASN A 81 -1.65 18.10 6.49
C ASN A 81 -1.48 17.23 7.75
N LYS A 82 -1.30 17.88 8.91
CA LYS A 82 -1.02 17.19 10.19
C LYS A 82 -1.98 16.03 10.49
N LYS A 83 -3.29 16.31 10.45
CA LYS A 83 -4.32 15.31 10.81
C LYS A 83 -4.16 13.98 10.04
N ASP A 84 -3.62 14.05 8.82
CA ASP A 84 -3.50 12.87 7.97
C ASP A 84 -2.25 12.03 8.27
N ALA A 85 -1.45 12.44 9.25
CA ALA A 85 -0.30 11.63 9.66
C ALA A 85 -0.75 10.51 10.63
N GLY A 86 -0.16 9.33 10.49
CA GLY A 86 -0.56 8.21 11.32
C GLY A 86 0.19 6.92 10.99
N TRP A 87 -0.24 5.82 11.58
CA TRP A 87 0.25 4.49 11.23
C TRP A 87 -0.67 3.83 10.19
N TYR A 88 -0.12 3.51 9.03
CA TYR A 88 -0.86 2.83 7.96
C TYR A 88 -0.65 1.31 8.03
N THR A 89 -1.72 0.56 8.22
CA THR A 89 -1.66 -0.89 8.21
C THR A 89 -2.08 -1.44 6.84
N VAL A 90 -1.12 -2.01 6.11
CA VAL A 90 -1.38 -2.52 4.76
C VAL A 90 -1.56 -4.04 4.74
N SER A 91 -2.71 -4.50 4.26
CA SER A 91 -2.99 -5.93 4.14
C SER A 91 -3.11 -6.35 2.66
N ALA A 92 -2.34 -7.36 2.27
CA ALA A 92 -2.42 -7.92 0.93
C ALA A 92 -3.04 -9.32 0.96
N VAL A 93 -4.23 -9.47 0.36
CA VAL A 93 -4.96 -10.75 0.41
C VAL A 93 -4.95 -11.48 -0.95
N ASN A 94 -4.39 -12.68 -0.95
CA ASN A 94 -4.38 -13.57 -2.11
C ASN A 94 -5.25 -14.81 -1.84
N GLU A 95 -5.72 -15.47 -2.90
CA GLU A 95 -6.54 -16.69 -2.75
C GLU A 95 -5.79 -17.80 -1.98
N ALA A 96 -4.48 -17.89 -2.22
CA ALA A 96 -3.63 -18.85 -1.52
C ALA A 96 -3.41 -18.47 -0.04
N GLY A 97 -3.24 -17.17 0.23
CA GLY A 97 -2.98 -16.71 1.61
C GLY A 97 -2.94 -15.19 1.74
N VAL A 98 -2.72 -14.70 2.96
CA VAL A 98 -2.73 -13.25 3.23
C VAL A 98 -1.53 -12.81 4.10
N THR A 99 -1.07 -11.57 3.92
CA THR A 99 0.01 -11.00 4.74
C THR A 99 -0.24 -9.50 5.03
N THR A 100 0.11 -9.07 6.24
CA THR A 100 -0.13 -7.67 6.65
C THR A 100 1.15 -7.03 7.23
N CYS A 101 1.33 -5.73 6.97
CA CYS A 101 2.48 -4.98 7.48
C CYS A 101 2.06 -3.58 7.98
N ASN A 102 2.93 -2.93 8.76
CA ASN A 102 2.63 -1.60 9.32
C ASN A 102 3.62 -0.53 8.82
N THR A 103 3.09 0.67 8.60
CA THR A 103 3.86 1.81 8.07
C THR A 103 3.54 3.08 8.87
N ARG A 104 4.50 3.98 8.99
CA ARG A 104 4.27 5.26 9.69
C ARG A 104 4.46 6.46 8.76
N LEU A 105 3.67 7.51 8.97
CA LEU A 105 3.84 8.77 8.25
C LEU A 105 3.83 9.98 9.21
N ASP A 106 4.71 10.94 8.97
CA ASP A 106 4.79 12.14 9.79
C ASP A 106 4.64 13.42 8.96
N VAL A 107 3.88 14.38 9.46
CA VAL A 107 3.72 15.68 8.81
C VAL A 107 4.17 16.82 9.74
N THR A 108 4.74 17.85 9.14
CA THR A 108 5.27 19.01 9.88
C THR A 108 4.61 20.31 9.39
N ALA A 109 4.44 21.27 10.29
CA ALA A 109 3.78 22.53 9.94
C ALA A 109 4.70 23.42 9.10
N ARG A 110 4.15 23.97 8.01
CA ARG A 110 4.93 24.83 7.12
C ARG A 110 5.01 26.27 7.69
N PRO A 111 6.23 26.84 7.79
CA PRO A 111 6.45 28.16 8.41
C PRO A 111 5.60 29.29 7.79
N ASN A 112 5.28 29.16 6.50
CA ASN A 112 4.48 30.16 5.79
C ASN A 112 3.83 29.55 4.54
N GLN A 113 2.65 30.05 4.17
CA GLN A 113 1.99 29.61 2.94
C GLN A 113 2.17 30.65 1.82
N THR A 114 3.11 30.39 0.93
CA THR A 114 3.36 31.29 -0.22
C THR A 114 2.65 30.78 -1.49
N LEU A 115 2.70 31.59 -2.55
CA LEU A 115 2.18 31.17 -3.85
C LEU A 115 3.29 30.47 -4.66
N PRO A 116 2.97 29.34 -5.33
CA PRO A 116 3.96 28.58 -6.12
C PRO A 116 4.50 29.35 -7.35
N MET A 1 -21.59 -37.48 -19.25
CA MET A 1 -22.55 -37.27 -20.37
C MET A 1 -21.85 -37.12 -21.74
N GLY A 2 -20.69 -36.45 -21.76
CA GLY A 2 -19.97 -36.21 -23.01
C GLY A 2 -18.78 -37.14 -23.22
N HIS A 3 -18.03 -36.94 -24.30
CA HIS A 3 -16.85 -37.76 -24.60
C HIS A 3 -15.54 -36.93 -24.58
N HIS A 4 -15.65 -35.62 -24.33
CA HIS A 4 -14.45 -34.76 -24.26
C HIS A 4 -14.64 -33.60 -23.27
N HIS A 5 -13.56 -33.24 -22.58
CA HIS A 5 -13.57 -32.13 -21.62
C HIS A 5 -12.21 -31.40 -21.63
N HIS A 6 -12.24 -30.08 -21.75
CA HIS A 6 -11.02 -29.27 -21.83
C HIS A 6 -10.10 -29.47 -20.62
N HIS A 7 -8.96 -30.11 -20.85
CA HIS A 7 -7.95 -30.31 -19.82
C HIS A 7 -7.36 -28.99 -19.32
N HIS A 8 -7.43 -28.77 -18.02
CA HIS A 8 -6.84 -27.58 -17.39
C HIS A 8 -5.39 -27.85 -16.93
N SER A 9 -4.75 -26.84 -16.35
CA SER A 9 -3.38 -26.97 -15.87
C SER A 9 -3.30 -26.83 -14.34
N HIS A 10 -2.23 -27.36 -13.75
CA HIS A 10 -2.00 -27.20 -12.32
C HIS A 10 -1.36 -25.83 -12.03
N GLU A 11 -2.14 -24.91 -11.48
CA GLU A 11 -1.70 -23.52 -11.30
C GLU A 11 -1.08 -23.29 -9.93
N HIS A 12 -0.05 -22.45 -9.89
CA HIS A 12 0.76 -22.23 -8.69
C HIS A 12 0.13 -21.16 -7.77
N LYS A 13 0.04 -21.46 -6.48
CA LYS A 13 -0.49 -20.50 -5.50
C LYS A 13 0.61 -20.05 -4.51
N ARG A 14 0.86 -18.75 -4.48
CA ARG A 14 1.88 -18.17 -3.59
C ARG A 14 1.25 -17.13 -2.66
N ALA A 15 1.56 -17.22 -1.36
CA ALA A 15 1.09 -16.21 -0.40
C ALA A 15 1.90 -14.91 -0.55
N PRO A 16 1.25 -13.74 -0.42
CA PRO A 16 1.93 -12.44 -0.58
C PRO A 16 3.10 -12.27 0.40
N MET A 17 4.27 -11.94 -0.14
CA MET A 17 5.50 -11.80 0.66
C MET A 17 6.12 -10.40 0.52
N PHE A 18 6.28 -9.70 1.64
CA PHE A 18 6.96 -8.39 1.64
C PHE A 18 8.47 -8.57 1.43
N ILE A 19 8.95 -8.25 0.23
CA ILE A 19 10.38 -8.39 -0.10
C ILE A 19 11.21 -7.26 0.55
N TYR A 20 10.64 -6.06 0.58
CA TYR A 20 11.29 -4.90 1.19
C TYR A 20 10.33 -4.15 2.12
N LYS A 21 10.82 -3.75 3.28
CA LYS A 21 10.01 -3.03 4.26
C LYS A 21 9.70 -1.60 3.80
N PRO A 22 8.52 -1.06 4.15
CA PRO A 22 8.15 0.33 3.88
C PRO A 22 8.77 1.29 4.91
N GLN A 23 9.49 2.30 4.42
CA GLN A 23 10.21 3.22 5.31
C GLN A 23 9.35 4.44 5.68
N SER A 24 9.26 4.72 6.99
CA SER A 24 8.46 5.85 7.49
C SER A 24 9.04 7.20 7.06
N LYS A 25 8.18 8.09 6.59
CA LYS A 25 8.60 9.41 6.07
C LYS A 25 7.92 10.55 6.84
N LYS A 26 8.61 11.69 6.94
CA LYS A 26 8.05 12.90 7.57
C LYS A 26 8.24 14.15 6.67
N VAL A 27 7.12 14.77 6.28
CA VAL A 27 7.13 15.92 5.37
C VAL A 27 6.43 17.15 5.97
N LEU A 28 6.42 18.27 5.24
CA LEU A 28 5.72 19.49 5.69
C LEU A 28 4.29 19.56 5.11
N GLU A 29 3.49 20.48 5.66
CA GLU A 29 2.10 20.65 5.20
C GLU A 29 2.04 21.21 3.76
N GLY A 30 1.50 20.42 2.85
CA GLY A 30 1.41 20.84 1.45
C GLY A 30 2.35 20.07 0.53
N ASP A 31 3.31 19.36 1.12
CA ASP A 31 4.24 18.54 0.34
C ASP A 31 3.64 17.19 -0.03
N SER A 32 4.44 16.34 -0.68
CA SER A 32 3.99 15.02 -1.13
C SER A 32 4.92 13.91 -0.64
N VAL A 33 4.41 12.69 -0.57
CA VAL A 33 5.19 11.53 -0.13
C VAL A 33 4.76 10.27 -0.90
N LYS A 34 5.64 9.29 -0.97
CA LYS A 34 5.32 8.00 -1.58
C LYS A 34 5.86 6.83 -0.76
N LEU A 35 4.96 5.98 -0.27
CA LEU A 35 5.33 4.77 0.46
C LEU A 35 5.42 3.59 -0.51
N GLU A 36 6.61 3.08 -0.73
CA GLU A 36 6.85 2.08 -1.79
C GLU A 36 7.49 0.80 -1.24
N CYS A 37 7.02 -0.36 -1.73
CA CYS A 37 7.54 -1.67 -1.32
C CYS A 37 7.32 -2.73 -2.41
N GLN A 38 7.95 -3.89 -2.25
CA GLN A 38 7.79 -5.00 -3.19
C GLN A 38 7.06 -6.20 -2.53
N ILE A 39 6.02 -6.69 -3.17
CA ILE A 39 5.27 -7.85 -2.67
C ILE A 39 5.22 -8.97 -3.72
N SER A 40 5.79 -10.13 -3.40
CA SER A 40 5.76 -11.28 -4.30
C SER A 40 4.58 -12.21 -3.99
N ALA A 41 3.54 -12.14 -4.82
CA ALA A 41 2.36 -13.02 -4.69
C ALA A 41 1.97 -13.63 -6.04
N ILE A 42 1.34 -14.81 -5.99
CA ILE A 42 0.86 -15.48 -7.21
C ILE A 42 -0.53 -16.13 -6.96
N PRO A 43 -1.61 -15.59 -7.56
CA PRO A 43 -1.57 -14.38 -8.40
C PRO A 43 -1.53 -13.07 -7.57
N PRO A 44 -1.39 -11.89 -8.23
CA PRO A 44 -1.43 -10.59 -7.55
C PRO A 44 -2.62 -10.44 -6.58
N PRO A 45 -2.35 -9.98 -5.34
CA PRO A 45 -3.37 -9.91 -4.29
C PRO A 45 -4.11 -8.57 -4.22
N LYS A 46 -5.19 -8.52 -3.44
CA LYS A 46 -5.94 -7.29 -3.21
C LYS A 46 -5.28 -6.46 -2.09
N LEU A 47 -5.07 -5.16 -2.34
CA LEU A 47 -4.35 -4.30 -1.40
C LEU A 47 -5.31 -3.38 -0.61
N PHE A 48 -5.22 -3.43 0.71
CA PHE A 48 -6.01 -2.54 1.59
C PHE A 48 -5.08 -1.68 2.47
N TRP A 49 -5.35 -0.38 2.53
CA TRP A 49 -4.59 0.53 3.40
C TRP A 49 -5.47 1.15 4.50
N LYS A 50 -4.99 1.07 5.73
CA LYS A 50 -5.72 1.59 6.90
C LYS A 50 -4.91 2.66 7.64
N ARG A 51 -5.51 3.83 7.88
CA ARG A 51 -4.87 4.92 8.62
C ARG A 51 -5.56 5.16 9.97
N ASN A 52 -4.83 4.96 11.08
CA ASN A 52 -5.39 5.16 12.41
C ASN A 52 -6.69 4.38 12.60
N ASN A 53 -6.74 3.18 12.02
CA ASN A 53 -7.91 2.28 12.09
C ASN A 53 -9.04 2.72 11.15
N GLU A 54 -8.82 3.80 10.39
CA GLU A 54 -9.77 4.24 9.34
C GLU A 54 -9.38 3.62 7.98
N MET A 55 -10.39 3.29 7.18
CA MET A 55 -10.15 2.75 5.83
C MET A 55 -9.80 3.88 4.84
N VAL A 56 -8.59 3.83 4.27
CA VAL A 56 -8.12 4.90 3.38
C VAL A 56 -8.80 4.85 2.00
N GLN A 57 -9.58 5.88 1.69
CA GLN A 57 -10.26 5.98 0.40
C GLN A 57 -9.37 6.68 -0.65
N PHE A 58 -8.99 5.95 -1.70
CA PHE A 58 -8.14 6.48 -2.77
C PHE A 58 -8.96 7.26 -3.82
N ASN A 59 -10.13 7.74 -3.39
CA ASN A 59 -11.08 8.39 -4.29
C ASN A 59 -10.76 9.88 -4.59
N THR A 60 -9.76 10.44 -3.91
CA THR A 60 -9.51 11.90 -4.01
C THR A 60 -8.19 12.22 -4.74
N ASP A 61 -7.98 13.52 -4.98
CA ASP A 61 -6.80 14.00 -5.73
C ASP A 61 -5.50 13.82 -4.91
N ARG A 62 -5.62 13.91 -3.59
CA ARG A 62 -4.45 13.80 -2.69
C ARG A 62 -3.97 12.35 -2.53
N ILE A 63 -4.89 11.40 -2.61
CA ILE A 63 -4.58 9.99 -2.29
C ILE A 63 -4.72 9.09 -3.53
N SER A 64 -3.66 8.35 -3.83
CA SER A 64 -3.66 7.40 -4.96
C SER A 64 -2.82 6.16 -4.64
N LEU A 65 -3.24 5.01 -5.18
CA LEU A 65 -2.51 3.75 -4.98
C LEU A 65 -2.38 2.97 -6.28
N TYR A 66 -1.18 2.45 -6.56
CA TYR A 66 -0.98 1.60 -7.72
C TYR A 66 -0.01 0.45 -7.41
N GLN A 67 -0.13 -0.63 -8.16
CA GLN A 67 0.84 -1.74 -8.08
C GLN A 67 1.46 -1.99 -9.47
N ASP A 68 2.79 -1.93 -9.52
CA ASP A 68 3.52 -2.12 -10.79
C ASP A 68 3.65 -3.60 -11.14
N ASN A 69 3.89 -3.90 -12.42
CA ASN A 69 4.01 -5.29 -12.89
C ASN A 69 5.15 -6.05 -12.18
N THR A 70 6.13 -5.32 -11.66
CA THR A 70 7.24 -5.92 -10.90
C THR A 70 6.82 -6.25 -9.45
N GLY A 71 5.55 -5.99 -9.12
CA GLY A 71 5.06 -6.25 -7.77
C GLY A 71 5.34 -5.11 -6.81
N ARG A 72 5.48 -3.89 -7.33
CA ARG A 72 5.77 -2.72 -6.49
C ARG A 72 4.48 -2.02 -6.04
N VAL A 73 4.22 -2.06 -4.73
CA VAL A 73 3.06 -1.37 -4.16
C VAL A 73 3.45 0.02 -3.64
N THR A 74 2.93 1.06 -4.28
CA THR A 74 3.29 2.44 -3.95
C THR A 74 2.05 3.29 -3.56
N LEU A 75 2.03 3.77 -2.32
CA LEU A 75 0.98 4.68 -1.85
C LEU A 75 1.41 6.15 -2.03
N LEU A 76 0.63 6.90 -2.82
CA LEU A 76 0.93 8.31 -3.10
C LEU A 76 0.03 9.24 -2.28
N ILE A 77 0.66 10.13 -1.50
CA ILE A 77 -0.07 11.11 -0.68
C ILE A 77 0.43 12.54 -0.92
N LYS A 78 -0.42 13.38 -1.51
CA LYS A 78 -0.07 14.77 -1.85
C LYS A 78 -0.84 15.79 -0.99
N ASP A 79 -0.28 16.99 -0.87
CA ASP A 79 -0.97 18.13 -0.25
C ASP A 79 -1.42 17.81 1.19
N VAL A 80 -0.68 16.92 1.84
CA VAL A 80 -1.01 16.44 3.19
C VAL A 80 -0.66 17.48 4.27
N ASN A 81 -1.49 17.57 5.32
CA ASN A 81 -1.21 18.49 6.44
C ASN A 81 -1.16 17.75 7.79
N LYS A 82 -0.86 18.49 8.86
CA LYS A 82 -0.68 17.93 10.22
C LYS A 82 -1.82 16.97 10.62
N LYS A 83 -3.04 17.29 10.20
CA LYS A 83 -4.22 16.49 10.57
C LYS A 83 -4.20 15.07 9.97
N ASP A 84 -3.47 14.88 8.87
CA ASP A 84 -3.51 13.62 8.13
C ASP A 84 -2.39 12.64 8.53
N ALA A 85 -1.54 13.01 9.48
CA ALA A 85 -0.43 12.13 9.86
C ALA A 85 -0.91 11.02 10.81
N GLY A 86 -0.34 9.82 10.67
CA GLY A 86 -0.80 8.68 11.46
C GLY A 86 -0.05 7.39 11.17
N TRP A 87 -0.55 6.28 11.72
CA TRP A 87 -0.02 4.95 11.45
C TRP A 87 -0.87 4.24 10.39
N TYR A 88 -0.23 3.88 9.27
CA TYR A 88 -0.89 3.16 8.19
C TYR A 88 -0.68 1.64 8.31
N THR A 89 -1.63 0.89 7.78
CA THR A 89 -1.56 -0.59 7.79
C THR A 89 -1.89 -1.16 6.41
N VAL A 90 -0.95 -1.87 5.81
CA VAL A 90 -1.15 -2.46 4.48
C VAL A 90 -1.45 -3.97 4.59
N SER A 91 -2.58 -4.38 4.02
CA SER A 91 -2.98 -5.79 3.99
C SER A 91 -3.13 -6.30 2.56
N ALA A 92 -2.33 -7.30 2.19
CA ALA A 92 -2.41 -7.92 0.87
C ALA A 92 -3.03 -9.32 0.97
N VAL A 93 -4.21 -9.51 0.37
CA VAL A 93 -4.91 -10.80 0.47
C VAL A 93 -5.01 -11.52 -0.88
N ASN A 94 -4.36 -12.68 -0.95
CA ASN A 94 -4.47 -13.59 -2.11
C ASN A 94 -5.22 -14.87 -1.69
N GLU A 95 -5.83 -15.60 -2.63
CA GLU A 95 -6.55 -16.84 -2.29
C GLU A 95 -5.63 -17.85 -1.59
N ALA A 96 -4.34 -17.79 -1.89
CA ALA A 96 -3.34 -18.65 -1.25
C ALA A 96 -3.09 -18.29 0.22
N GLY A 97 -3.22 -17.00 0.55
CA GLY A 97 -2.96 -16.53 1.91
C GLY A 97 -2.93 -15.00 2.01
N VAL A 98 -2.76 -14.48 3.22
CA VAL A 98 -2.78 -13.03 3.46
C VAL A 98 -1.56 -12.56 4.28
N THR A 99 -1.16 -11.30 4.08
CA THR A 99 -0.06 -10.70 4.85
C THR A 99 -0.39 -9.24 5.22
N THR A 100 0.02 -8.82 6.41
CA THR A 100 -0.30 -7.47 6.92
C THR A 100 0.92 -6.81 7.58
N CYS A 101 1.17 -5.54 7.25
CA CYS A 101 2.30 -4.79 7.82
C CYS A 101 1.88 -3.36 8.23
N ASN A 102 2.73 -2.69 8.99
CA ASN A 102 2.45 -1.33 9.48
C ASN A 102 3.51 -0.32 9.00
N THR A 103 3.07 0.89 8.69
CA THR A 103 3.96 1.94 8.17
C THR A 103 3.56 3.32 8.72
N ARG A 104 4.51 4.01 9.34
CA ARG A 104 4.23 5.32 9.96
C ARG A 104 4.46 6.49 8.98
N LEU A 105 3.60 7.50 9.06
CA LEU A 105 3.73 8.72 8.25
C LEU A 105 3.56 9.97 9.11
N ASP A 106 4.57 10.83 9.13
CA ASP A 106 4.55 12.06 9.93
C ASP A 106 4.46 13.32 9.05
N VAL A 107 3.77 14.34 9.57
CA VAL A 107 3.71 15.65 8.91
C VAL A 107 4.10 16.76 9.89
N THR A 108 4.73 17.81 9.37
CA THR A 108 5.18 18.94 10.20
C THR A 108 4.66 20.26 9.61
N ALA A 109 4.38 21.24 10.46
CA ALA A 109 3.75 22.49 10.04
C ALA A 109 4.74 23.43 9.31
N ARG A 110 4.27 24.08 8.25
CA ARG A 110 5.05 25.13 7.58
C ARG A 110 4.98 26.44 8.39
N PRO A 111 6.12 26.97 8.84
CA PRO A 111 6.16 28.15 9.72
C PRO A 111 5.66 29.44 9.05
N ASN A 112 5.84 29.53 7.73
CA ASN A 112 5.42 30.71 6.96
C ASN A 112 4.66 30.28 5.69
N GLN A 113 3.74 31.12 5.24
CA GLN A 113 2.89 30.80 4.08
C GLN A 113 3.66 30.92 2.75
N THR A 114 3.21 30.17 1.75
CA THR A 114 3.72 30.34 0.38
C THR A 114 3.19 31.65 -0.21
N LEU A 115 1.95 31.99 0.13
CA LEU A 115 1.33 33.28 -0.20
C LEU A 115 1.24 33.53 -1.72
N PRO A 116 0.05 33.32 -2.32
CA PRO A 116 -0.18 33.63 -3.74
C PRO A 116 -0.31 35.16 -3.99
N MET A 1 -12.43 -22.65 -19.74
CA MET A 1 -12.56 -23.51 -18.53
C MET A 1 -14.03 -23.71 -18.13
N GLY A 2 -14.24 -24.49 -17.07
CA GLY A 2 -15.60 -24.77 -16.59
C GLY A 2 -15.70 -26.10 -15.83
N HIS A 3 -16.61 -26.96 -16.24
CA HIS A 3 -16.77 -28.28 -15.60
C HIS A 3 -16.59 -29.43 -16.61
N HIS A 4 -16.89 -29.19 -17.88
CA HIS A 4 -16.75 -30.22 -18.92
C HIS A 4 -15.31 -30.77 -19.00
N HIS A 5 -15.14 -32.00 -18.52
CA HIS A 5 -13.83 -32.69 -18.52
C HIS A 5 -12.79 -31.96 -17.65
N HIS A 6 -13.26 -31.03 -16.82
CA HIS A 6 -12.38 -30.28 -15.91
C HIS A 6 -12.17 -31.03 -14.58
N HIS A 7 -11.15 -31.88 -14.54
CA HIS A 7 -10.83 -32.64 -13.32
C HIS A 7 -9.68 -32.00 -12.51
N HIS A 8 -8.63 -31.54 -13.19
CA HIS A 8 -7.52 -30.82 -12.53
C HIS A 8 -6.44 -30.37 -13.52
N SER A 9 -5.89 -29.19 -13.28
CA SER A 9 -4.77 -28.65 -14.07
C SER A 9 -3.48 -28.56 -13.22
N HIS A 10 -2.44 -27.94 -13.77
CA HIS A 10 -1.18 -27.73 -13.03
C HIS A 10 -0.71 -26.28 -13.16
N GLU A 11 -1.19 -25.40 -12.29
CA GLU A 11 -0.85 -23.97 -12.34
C GLU A 11 -0.18 -23.49 -11.06
N HIS A 12 0.48 -22.32 -11.13
CA HIS A 12 1.28 -21.81 -10.02
C HIS A 12 0.58 -20.68 -9.26
N LYS A 13 0.29 -20.91 -7.98
CA LYS A 13 -0.23 -19.84 -7.09
C LYS A 13 0.78 -19.58 -5.95
N ARG A 14 1.24 -18.33 -5.85
CA ARG A 14 2.29 -17.97 -4.87
C ARG A 14 1.72 -17.05 -3.77
N ALA A 15 1.79 -17.49 -2.52
CA ALA A 15 1.32 -16.68 -1.39
C ALA A 15 2.15 -15.39 -1.22
N PRO A 16 1.49 -14.25 -0.89
CA PRO A 16 2.16 -12.94 -0.82
C PRO A 16 3.20 -12.84 0.32
N MET A 17 4.28 -12.12 0.05
CA MET A 17 5.37 -11.96 1.03
C MET A 17 6.02 -10.58 0.91
N PHE A 18 6.08 -9.84 2.02
CA PHE A 18 6.77 -8.54 2.06
C PHE A 18 8.29 -8.74 2.09
N ILE A 19 8.94 -8.49 0.96
CA ILE A 19 10.40 -8.61 0.85
C ILE A 19 11.10 -7.44 1.54
N TYR A 20 10.51 -6.26 1.45
CA TYR A 20 11.04 -5.05 2.09
C TYR A 20 9.92 -4.31 2.84
N LYS A 21 10.16 -3.98 4.10
CA LYS A 21 9.18 -3.21 4.87
C LYS A 21 9.19 -1.73 4.47
N PRO A 22 8.00 -1.08 4.36
CA PRO A 22 7.87 0.30 3.87
C PRO A 22 8.65 1.34 4.70
N GLN A 23 8.91 2.50 4.09
CA GLN A 23 9.68 3.56 4.75
C GLN A 23 8.77 4.56 5.50
N SER A 24 9.25 5.08 6.62
CA SER A 24 8.52 6.11 7.38
C SER A 24 9.18 7.49 7.19
N LYS A 25 8.41 8.45 6.69
CA LYS A 25 8.93 9.78 6.37
C LYS A 25 8.12 10.91 7.01
N LYS A 26 8.74 12.08 7.17
CA LYS A 26 8.05 13.28 7.65
C LYS A 26 8.13 14.43 6.61
N VAL A 27 6.98 14.87 6.13
CA VAL A 27 6.92 15.92 5.10
C VAL A 27 6.28 17.21 5.64
N LEU A 28 6.26 18.27 4.84
CA LEU A 28 5.67 19.56 5.25
C LEU A 28 4.19 19.67 4.85
N GLU A 29 3.48 20.57 5.52
CA GLU A 29 2.06 20.83 5.24
C GLU A 29 1.81 21.22 3.76
N GLY A 30 1.25 20.30 2.99
CA GLY A 30 0.90 20.58 1.60
C GLY A 30 1.73 19.81 0.58
N ASP A 31 2.77 19.13 1.06
CA ASP A 31 3.64 18.34 0.19
C ASP A 31 3.07 16.94 -0.12
N SER A 32 3.85 16.14 -0.85
CA SER A 32 3.44 14.77 -1.20
C SER A 32 4.52 13.74 -0.82
N VAL A 33 4.08 12.55 -0.43
CA VAL A 33 4.99 11.47 -0.03
C VAL A 33 4.64 10.15 -0.74
N LYS A 34 5.62 9.26 -0.91
CA LYS A 34 5.38 7.96 -1.54
C LYS A 34 5.91 6.81 -0.67
N LEU A 35 4.98 5.94 -0.23
CA LEU A 35 5.31 4.79 0.62
C LEU A 35 5.25 3.49 -0.20
N GLU A 36 6.38 2.82 -0.36
CA GLU A 36 6.46 1.67 -1.27
C GLU A 36 7.11 0.42 -0.63
N CYS A 37 6.76 -0.74 -1.17
CA CYS A 37 7.32 -2.03 -0.72
C CYS A 37 7.24 -3.09 -1.82
N GLN A 38 7.99 -4.18 -1.67
CA GLN A 38 7.98 -5.28 -2.66
C GLN A 38 7.28 -6.52 -2.09
N ILE A 39 6.28 -7.03 -2.82
CA ILE A 39 5.55 -8.24 -2.44
C ILE A 39 5.64 -9.31 -3.55
N SER A 40 6.03 -10.52 -3.19
CA SER A 40 6.03 -11.63 -4.16
C SER A 40 4.73 -12.44 -4.05
N ALA A 41 3.80 -12.19 -4.96
CA ALA A 41 2.53 -12.92 -5.00
C ALA A 41 2.14 -13.35 -6.42
N ILE A 42 1.46 -14.48 -6.55
CA ILE A 42 0.92 -14.95 -7.83
C ILE A 42 -0.46 -15.60 -7.63
N PRO A 43 -1.56 -14.99 -8.12
CA PRO A 43 -1.55 -13.69 -8.82
C PRO A 43 -1.43 -12.48 -7.86
N PRO A 44 -1.24 -11.25 -8.40
CA PRO A 44 -1.25 -10.02 -7.58
C PRO A 44 -2.47 -9.94 -6.63
N PRO A 45 -2.24 -9.67 -5.32
CA PRO A 45 -3.30 -9.66 -4.31
C PRO A 45 -4.00 -8.29 -4.17
N LYS A 46 -5.11 -8.26 -3.43
CA LYS A 46 -5.83 -7.01 -3.17
C LYS A 46 -5.22 -6.26 -1.98
N LEU A 47 -5.04 -4.95 -2.13
CA LEU A 47 -4.39 -4.12 -1.11
C LEU A 47 -5.40 -3.30 -0.31
N PHE A 48 -5.24 -3.31 1.01
CA PHE A 48 -6.09 -2.52 1.92
C PHE A 48 -5.22 -1.61 2.80
N TRP A 49 -5.45 -0.30 2.71
CA TRP A 49 -4.70 0.67 3.52
C TRP A 49 -5.58 1.33 4.60
N LYS A 50 -5.12 1.27 5.83
CA LYS A 50 -5.83 1.88 6.96
C LYS A 50 -4.96 2.97 7.63
N ARG A 51 -5.54 4.16 7.79
CA ARG A 51 -4.81 5.30 8.39
C ARG A 51 -5.30 5.56 9.81
N ASN A 52 -4.42 5.33 10.79
CA ASN A 52 -4.70 5.64 12.20
C ASN A 52 -6.12 5.20 12.61
N ASN A 53 -6.38 3.89 12.54
CA ASN A 53 -7.69 3.30 12.91
C ASN A 53 -8.81 3.61 11.89
N GLU A 54 -8.58 4.57 10.99
CA GLU A 54 -9.55 4.93 9.94
C GLU A 54 -9.17 4.29 8.60
N MET A 55 -10.12 4.13 7.69
CA MET A 55 -9.84 3.57 6.36
C MET A 55 -9.53 4.68 5.34
N VAL A 56 -8.49 4.46 4.53
CA VAL A 56 -8.02 5.47 3.57
C VAL A 56 -8.92 5.55 2.32
N GLN A 57 -9.25 6.77 1.89
CA GLN A 57 -10.07 6.98 0.70
C GLN A 57 -9.22 7.25 -0.55
N PHE A 58 -9.34 6.39 -1.57
CA PHE A 58 -8.56 6.52 -2.81
C PHE A 58 -9.33 7.26 -3.90
N ASN A 59 -10.55 7.72 -3.58
CA ASN A 59 -11.41 8.40 -4.56
C ASN A 59 -11.08 9.90 -4.67
N THR A 60 -10.06 10.35 -3.93
CA THR A 60 -9.63 11.75 -3.95
C THR A 60 -8.33 11.91 -4.75
N ASP A 61 -8.14 13.10 -5.32
CA ASP A 61 -6.93 13.37 -6.12
C ASP A 61 -5.68 13.43 -5.22
N ARG A 62 -5.90 13.65 -3.92
CA ARG A 62 -4.81 13.71 -2.95
C ARG A 62 -4.22 12.33 -2.67
N ILE A 63 -5.04 11.28 -2.76
CA ILE A 63 -4.59 9.92 -2.45
C ILE A 63 -4.64 9.02 -3.68
N SER A 64 -3.51 8.39 -4.01
CA SER A 64 -3.42 7.51 -5.18
C SER A 64 -2.64 6.23 -4.85
N LEU A 65 -3.19 5.08 -5.25
CA LEU A 65 -2.54 3.78 -5.00
C LEU A 65 -2.36 3.00 -6.31
N TYR A 66 -1.17 2.46 -6.51
CA TYR A 66 -0.91 1.60 -7.66
C TYR A 66 0.02 0.43 -7.29
N GLN A 67 -0.20 -0.72 -7.89
CA GLN A 67 0.65 -1.89 -7.65
C GLN A 67 1.19 -2.44 -8.99
N ASP A 68 2.50 -2.63 -9.04
CA ASP A 68 3.19 -2.99 -10.28
C ASP A 68 3.12 -4.50 -10.58
N ASN A 69 3.32 -4.87 -11.84
CA ASN A 69 3.30 -6.28 -12.26
C ASN A 69 4.34 -7.11 -11.51
N THR A 70 5.46 -6.49 -11.14
CA THR A 70 6.54 -7.18 -10.39
C THR A 70 6.19 -7.31 -8.90
N GLY A 71 5.01 -6.87 -8.51
CA GLY A 71 4.59 -6.93 -7.11
C GLY A 71 5.05 -5.73 -6.29
N ARG A 72 5.35 -4.61 -6.96
CA ARG A 72 5.79 -3.39 -6.28
C ARG A 72 4.59 -2.53 -5.87
N VAL A 73 4.34 -2.41 -4.57
CA VAL A 73 3.22 -1.64 -4.05
C VAL A 73 3.66 -0.22 -3.65
N THR A 74 2.95 0.80 -4.15
CA THR A 74 3.28 2.20 -3.83
C THR A 74 2.05 3.04 -3.53
N LEU A 75 2.02 3.67 -2.36
CA LEU A 75 0.95 4.61 -1.99
C LEU A 75 1.44 6.06 -2.11
N LEU A 76 0.62 6.89 -2.75
CA LEU A 76 0.96 8.31 -2.98
C LEU A 76 0.02 9.24 -2.19
N ILE A 77 0.58 9.98 -1.24
CA ILE A 77 -0.21 10.90 -0.42
C ILE A 77 0.16 12.36 -0.73
N LYS A 78 -0.77 13.10 -1.30
CA LYS A 78 -0.54 14.48 -1.76
C LYS A 78 -1.31 15.50 -0.91
N ASP A 79 -0.79 16.72 -0.82
CA ASP A 79 -1.48 17.83 -0.15
C ASP A 79 -1.79 17.50 1.33
N VAL A 80 -0.91 16.70 1.93
CA VAL A 80 -1.10 16.22 3.30
C VAL A 80 -0.66 17.29 4.33
N ASN A 81 -1.49 17.54 5.36
CA ASN A 81 -1.12 18.48 6.42
C ASN A 81 -1.16 17.81 7.80
N LYS A 82 -0.92 18.59 8.85
CA LYS A 82 -0.82 18.07 10.23
C LYS A 82 -2.05 17.21 10.64
N LYS A 83 -3.18 17.42 9.98
CA LYS A 83 -4.41 16.66 10.27
C LYS A 83 -4.34 15.19 9.79
N ASP A 84 -3.59 14.96 8.72
CA ASP A 84 -3.64 13.69 7.99
C ASP A 84 -2.56 12.68 8.42
N ALA A 85 -1.71 13.03 9.38
CA ALA A 85 -0.61 12.13 9.76
C ALA A 85 -1.09 11.00 10.69
N GLY A 86 -0.50 9.82 10.53
CA GLY A 86 -0.88 8.66 11.34
C GLY A 86 -0.11 7.40 10.97
N TRP A 87 -0.49 6.27 11.55
CA TRP A 87 0.08 4.96 11.17
C TRP A 87 -0.77 4.28 10.08
N TYR A 88 -0.16 4.01 8.93
CA TYR A 88 -0.85 3.38 7.79
C TYR A 88 -0.58 1.87 7.73
N THR A 89 -1.64 1.07 7.89
CA THR A 89 -1.54 -0.38 7.85
C THR A 89 -1.90 -0.93 6.46
N VAL A 90 -0.99 -1.70 5.87
CA VAL A 90 -1.22 -2.30 4.54
C VAL A 90 -1.47 -3.82 4.63
N SER A 91 -2.64 -4.24 4.19
CA SER A 91 -3.01 -5.67 4.16
C SER A 91 -3.10 -6.19 2.71
N ALA A 92 -2.31 -7.21 2.40
CA ALA A 92 -2.34 -7.83 1.07
C ALA A 92 -2.95 -9.25 1.13
N VAL A 93 -4.09 -9.45 0.48
CA VAL A 93 -4.81 -10.74 0.55
C VAL A 93 -4.90 -11.45 -0.82
N ASN A 94 -4.26 -12.62 -0.91
CA ASN A 94 -4.38 -13.51 -2.06
C ASN A 94 -5.12 -14.80 -1.64
N GLU A 95 -5.79 -15.47 -2.58
CA GLU A 95 -6.48 -16.72 -2.27
C GLU A 95 -5.49 -17.78 -1.75
N ALA A 96 -4.23 -17.66 -2.17
CA ALA A 96 -3.14 -18.53 -1.70
C ALA A 96 -2.75 -18.25 -0.24
N GLY A 97 -2.84 -16.97 0.16
CA GLY A 97 -2.44 -16.60 1.52
C GLY A 97 -2.58 -15.10 1.80
N VAL A 98 -2.39 -14.70 3.05
CA VAL A 98 -2.54 -13.28 3.45
C VAL A 98 -1.38 -12.79 4.33
N THR A 99 -0.93 -11.55 4.10
CA THR A 99 0.15 -10.93 4.88
C THR A 99 -0.12 -9.43 5.12
N THR A 100 0.25 -8.92 6.29
CA THR A 100 -0.01 -7.50 6.63
C THR A 100 1.20 -6.83 7.32
N CYS A 101 1.38 -5.54 7.04
CA CYS A 101 2.47 -4.75 7.65
C CYS A 101 2.01 -3.32 7.99
N ASN A 102 2.65 -2.71 8.98
CA ASN A 102 2.29 -1.34 9.40
C ASN A 102 3.36 -0.31 8.97
N THR A 103 2.89 0.89 8.63
CA THR A 103 3.76 1.98 8.15
C THR A 103 3.54 3.26 8.97
N ARG A 104 4.58 4.04 9.18
CA ARG A 104 4.46 5.32 9.90
C ARG A 104 4.63 6.52 8.96
N LEU A 105 3.76 7.52 9.12
CA LEU A 105 3.88 8.76 8.36
C LEU A 105 3.72 9.98 9.27
N ASP A 106 4.67 10.91 9.19
CA ASP A 106 4.62 12.14 9.97
C ASP A 106 4.50 13.38 9.08
N VAL A 107 3.86 14.43 9.59
CA VAL A 107 3.78 15.71 8.89
C VAL A 107 4.33 16.83 9.79
N THR A 108 4.93 17.84 9.17
CA THR A 108 5.56 18.94 9.90
C THR A 108 4.96 20.29 9.50
N ALA A 109 4.79 21.17 10.48
CA ALA A 109 4.18 22.47 10.24
C ALA A 109 5.14 23.43 9.52
N ARG A 110 4.62 24.19 8.58
CA ARG A 110 5.43 25.13 7.80
C ARG A 110 5.73 26.41 8.59
N PRO A 111 6.96 26.97 8.46
CA PRO A 111 7.33 28.24 9.11
C PRO A 111 6.56 29.43 8.50
N ASN A 112 6.11 29.26 7.26
CA ASN A 112 5.29 30.26 6.57
C ASN A 112 4.51 29.56 5.45
N GLN A 113 3.20 29.80 5.37
CA GLN A 113 2.34 29.11 4.40
C GLN A 113 2.16 29.90 3.10
N THR A 114 1.49 29.30 2.12
CA THR A 114 1.27 29.94 0.82
C THR A 114 0.33 31.14 0.94
N LEU A 115 0.75 32.29 0.42
CA LEU A 115 -0.02 33.54 0.48
C LEU A 115 -0.31 33.92 1.95
N PRO A 116 0.67 34.54 2.64
CA PRO A 116 0.49 35.04 4.01
C PRO A 116 -0.09 36.47 4.07
N MET A 1 -1.68 -43.20 -29.52
CA MET A 1 -2.15 -42.67 -28.22
C MET A 1 -2.20 -43.78 -27.16
N GLY A 2 -1.42 -43.61 -26.08
CA GLY A 2 -1.48 -44.53 -24.96
C GLY A 2 -2.53 -44.15 -23.94
N HIS A 3 -2.28 -44.42 -22.66
CA HIS A 3 -3.22 -44.05 -21.60
C HIS A 3 -3.05 -42.57 -21.21
N HIS A 4 -4.15 -41.93 -20.85
CA HIS A 4 -4.14 -40.50 -20.49
C HIS A 4 -4.25 -40.32 -18.97
N HIS A 5 -3.14 -39.93 -18.33
CA HIS A 5 -3.13 -39.68 -16.87
C HIS A 5 -3.74 -38.31 -16.52
N HIS A 6 -3.06 -37.23 -16.90
CA HIS A 6 -3.49 -35.87 -16.51
C HIS A 6 -3.52 -34.90 -17.71
N HIS A 7 -2.39 -34.23 -17.96
CA HIS A 7 -2.28 -33.23 -19.05
C HIS A 7 -3.34 -32.11 -18.96
N HIS A 8 -3.93 -31.93 -17.77
CA HIS A 8 -4.82 -30.80 -17.51
C HIS A 8 -4.03 -29.63 -16.90
N SER A 9 -4.30 -28.41 -17.35
CA SER A 9 -3.56 -27.21 -16.90
C SER A 9 -3.54 -27.09 -15.37
N HIS A 10 -2.44 -26.56 -14.85
CA HIS A 10 -2.23 -26.46 -13.39
C HIS A 10 -1.85 -25.03 -12.95
N GLU A 11 -2.21 -24.68 -11.72
CA GLU A 11 -2.04 -23.32 -11.20
C GLU A 11 -0.72 -23.15 -10.43
N HIS A 12 -0.12 -21.96 -10.52
CA HIS A 12 0.98 -21.58 -9.61
C HIS A 12 0.47 -20.55 -8.59
N LYS A 13 0.35 -20.95 -7.33
CA LYS A 13 -0.17 -20.04 -6.30
C LYS A 13 0.85 -19.78 -5.18
N ARG A 14 1.21 -18.51 -4.98
CA ARG A 14 2.21 -18.11 -3.99
C ARG A 14 1.64 -17.05 -3.03
N ALA A 15 1.65 -17.36 -1.73
CA ALA A 15 1.20 -16.42 -0.70
C ALA A 15 2.04 -15.14 -0.70
N PRO A 16 1.41 -13.97 -0.50
CA PRO A 16 2.11 -12.67 -0.56
C PRO A 16 3.20 -12.49 0.51
N MET A 17 4.34 -11.95 0.10
CA MET A 17 5.48 -11.71 1.00
C MET A 17 6.11 -10.32 0.75
N PHE A 18 6.24 -9.53 1.81
CA PHE A 18 6.92 -8.23 1.73
C PHE A 18 8.45 -8.41 1.64
N ILE A 19 9.00 -8.22 0.45
CA ILE A 19 10.45 -8.31 0.24
C ILE A 19 11.17 -7.10 0.87
N TYR A 20 10.51 -5.94 0.82
CA TYR A 20 11.02 -4.72 1.43
C TYR A 20 9.89 -3.99 2.17
N LYS A 21 10.17 -3.53 3.39
CA LYS A 21 9.21 -2.72 4.14
C LYS A 21 9.24 -1.26 3.67
N PRO A 22 8.10 -0.54 3.76
CA PRO A 22 8.07 0.90 3.51
C PRO A 22 8.72 1.67 4.67
N GLN A 23 9.26 2.85 4.40
CA GLN A 23 10.00 3.61 5.41
C GLN A 23 9.20 4.81 5.93
N SER A 24 9.22 5.01 7.25
CA SER A 24 8.49 6.12 7.88
C SER A 24 9.21 7.46 7.69
N LYS A 25 8.60 8.36 6.92
CA LYS A 25 9.19 9.67 6.63
C LYS A 25 8.32 10.81 7.19
N LYS A 26 8.91 11.99 7.36
CA LYS A 26 8.19 13.17 7.84
C LYS A 26 8.27 14.33 6.82
N VAL A 27 7.12 14.81 6.38
CA VAL A 27 7.03 15.92 5.41
C VAL A 27 6.44 17.17 6.06
N LEU A 28 6.33 18.27 5.30
CA LEU A 28 5.69 19.50 5.80
C LEU A 28 4.23 19.60 5.33
N GLU A 29 3.45 20.47 5.98
CA GLU A 29 2.04 20.64 5.62
C GLU A 29 1.88 21.23 4.20
N GLY A 30 1.24 20.46 3.31
CA GLY A 30 1.07 20.87 1.92
C GLY A 30 2.02 20.17 0.97
N ASP A 31 2.96 19.41 1.53
CA ASP A 31 3.94 18.66 0.74
C ASP A 31 3.41 17.26 0.38
N SER A 32 4.13 16.55 -0.49
CA SER A 32 3.70 15.23 -0.97
C SER A 32 4.70 14.12 -0.60
N VAL A 33 4.25 12.88 -0.68
CA VAL A 33 5.09 11.71 -0.37
C VAL A 33 4.58 10.47 -1.12
N LYS A 34 5.40 9.42 -1.16
CA LYS A 34 4.96 8.12 -1.69
C LYS A 34 5.59 6.96 -0.92
N LEU A 35 4.76 6.05 -0.45
CA LEU A 35 5.22 4.85 0.25
C LEU A 35 5.16 3.63 -0.67
N GLU A 36 6.31 3.10 -1.04
CA GLU A 36 6.38 1.97 -1.99
C GLU A 36 7.14 0.77 -1.42
N CYS A 37 6.74 -0.43 -1.83
CA CYS A 37 7.36 -1.67 -1.36
C CYS A 37 7.19 -2.81 -2.39
N GLN A 38 7.93 -3.89 -2.20
CA GLN A 38 7.84 -5.05 -3.10
C GLN A 38 7.15 -6.25 -2.40
N ILE A 39 6.08 -6.74 -3.02
CA ILE A 39 5.34 -7.90 -2.50
C ILE A 39 5.32 -9.03 -3.54
N SER A 40 5.81 -10.21 -3.18
CA SER A 40 5.79 -11.36 -4.09
C SER A 40 4.53 -12.21 -3.85
N ALA A 41 3.53 -12.03 -4.70
CA ALA A 41 2.28 -12.80 -4.63
C ALA A 41 1.84 -13.29 -6.02
N ILE A 42 1.39 -14.54 -6.11
CA ILE A 42 0.86 -15.10 -7.36
C ILE A 42 -0.46 -15.84 -7.12
N PRO A 43 -1.61 -15.34 -7.65
CA PRO A 43 -1.69 -14.08 -8.42
C PRO A 43 -1.70 -12.82 -7.53
N PRO A 44 -1.56 -11.61 -8.12
CA PRO A 44 -1.61 -10.33 -7.36
C PRO A 44 -2.79 -10.25 -6.38
N PRO A 45 -2.52 -9.83 -5.12
CA PRO A 45 -3.53 -9.81 -4.06
C PRO A 45 -4.31 -8.49 -3.96
N LYS A 46 -5.36 -8.48 -3.14
CA LYS A 46 -6.15 -7.26 -2.91
C LYS A 46 -5.50 -6.42 -1.80
N LEU A 47 -5.31 -5.12 -2.06
CA LEU A 47 -4.59 -4.24 -1.14
C LEU A 47 -5.55 -3.38 -0.28
N PHE A 48 -5.38 -3.45 1.05
CA PHE A 48 -6.16 -2.64 1.98
C PHE A 48 -5.27 -1.74 2.84
N TRP A 49 -5.43 -0.42 2.70
CA TRP A 49 -4.68 0.55 3.51
C TRP A 49 -5.58 1.19 4.57
N LYS A 50 -5.07 1.33 5.80
CA LYS A 50 -5.84 1.93 6.90
C LYS A 50 -4.95 2.82 7.79
N ARG A 51 -5.39 4.05 8.02
CA ARG A 51 -4.68 5.00 8.89
C ARG A 51 -5.51 5.31 10.15
N ASN A 52 -5.00 4.93 11.32
CA ASN A 52 -5.69 5.23 12.59
C ASN A 52 -7.19 4.85 12.54
N ASN A 53 -7.46 3.61 12.15
CA ASN A 53 -8.84 3.08 12.04
C ASN A 53 -9.61 3.62 10.81
N GLU A 54 -9.08 4.66 10.15
CA GLU A 54 -9.71 5.18 8.92
C GLU A 54 -9.21 4.41 7.69
N MET A 55 -10.13 3.80 6.94
CA MET A 55 -9.74 3.08 5.72
C MET A 55 -9.40 4.07 4.59
N VAL A 56 -8.16 4.00 4.11
CA VAL A 56 -7.66 4.95 3.11
C VAL A 56 -8.31 4.71 1.73
N GLN A 57 -9.18 5.63 1.32
CA GLN A 57 -9.82 5.58 0.00
C GLN A 57 -9.03 6.41 -1.02
N PHE A 58 -8.81 5.84 -2.20
CA PHE A 58 -7.91 6.43 -3.20
C PHE A 58 -8.70 7.19 -4.30
N ASN A 59 -9.92 7.60 -3.98
CA ASN A 59 -10.80 8.25 -4.96
C ASN A 59 -10.63 9.79 -4.95
N THR A 60 -9.47 10.27 -4.55
CA THR A 60 -9.22 11.72 -4.44
C THR A 60 -7.87 12.12 -5.04
N ASP A 61 -7.72 13.40 -5.36
CA ASP A 61 -6.49 13.91 -6.01
C ASP A 61 -5.28 13.87 -5.05
N ARG A 62 -5.55 13.86 -3.75
CA ARG A 62 -4.49 13.75 -2.74
C ARG A 62 -3.97 12.30 -2.63
N ILE A 63 -4.87 11.32 -2.74
CA ILE A 63 -4.53 9.92 -2.43
C ILE A 63 -4.73 9.01 -3.66
N SER A 64 -3.70 8.24 -3.99
CA SER A 64 -3.77 7.29 -5.11
C SER A 64 -2.92 6.03 -4.82
N LEU A 65 -3.34 4.89 -5.37
CA LEU A 65 -2.61 3.63 -5.18
C LEU A 65 -2.53 2.82 -6.49
N TYR A 66 -1.35 2.31 -6.81
CA TYR A 66 -1.19 1.42 -7.96
C TYR A 66 -0.18 0.30 -7.66
N GLN A 67 -0.28 -0.81 -8.40
CA GLN A 67 0.59 -1.97 -8.19
C GLN A 67 1.14 -2.48 -9.54
N ASP A 68 2.46 -2.57 -9.65
CA ASP A 68 3.12 -2.91 -10.91
C ASP A 68 3.34 -4.43 -11.07
N ASN A 69 3.53 -4.86 -12.33
CA ASN A 69 3.68 -6.28 -12.68
C ASN A 69 4.89 -6.94 -12.00
N THR A 70 5.88 -6.14 -11.59
CA THR A 70 7.08 -6.69 -10.91
C THR A 70 6.82 -6.93 -9.42
N GLY A 71 5.59 -6.68 -8.97
CA GLY A 71 5.25 -6.82 -7.56
C GLY A 71 5.53 -5.55 -6.76
N ARG A 72 5.51 -4.40 -7.43
CA ARG A 72 5.78 -3.12 -6.79
C ARG A 72 4.50 -2.38 -6.42
N VAL A 73 4.24 -2.25 -5.11
CA VAL A 73 3.08 -1.49 -4.63
C VAL A 73 3.50 -0.06 -4.27
N THR A 74 2.73 0.94 -4.71
CA THR A 74 3.08 2.35 -4.47
C THR A 74 1.88 3.20 -4.05
N LEU A 75 1.94 3.76 -2.84
CA LEU A 75 0.90 4.67 -2.34
C LEU A 75 1.34 6.14 -2.45
N LEU A 76 0.48 6.98 -3.03
CA LEU A 76 0.78 8.42 -3.21
C LEU A 76 -0.09 9.29 -2.29
N ILE A 77 0.55 10.21 -1.55
CA ILE A 77 -0.16 11.14 -0.66
C ILE A 77 0.31 12.58 -0.89
N LYS A 78 -0.57 13.42 -1.41
CA LYS A 78 -0.26 14.83 -1.70
C LYS A 78 -1.04 15.79 -0.80
N ASP A 79 -0.55 17.04 -0.68
CA ASP A 79 -1.29 18.13 -0.02
C ASP A 79 -1.68 17.75 1.42
N VAL A 80 -0.84 16.95 2.07
CA VAL A 80 -1.16 16.41 3.40
C VAL A 80 -0.78 17.38 4.53
N ASN A 81 -1.59 17.42 5.59
CA ASN A 81 -1.34 18.29 6.76
C ASN A 81 -1.27 17.47 8.08
N LYS A 82 -0.96 18.15 9.20
CA LYS A 82 -0.84 17.49 10.52
C LYS A 82 -1.97 16.50 10.81
N LYS A 83 -3.21 16.93 10.60
CA LYS A 83 -4.39 16.10 10.88
C LYS A 83 -4.33 14.73 10.18
N ASP A 84 -3.67 14.68 9.03
CA ASP A 84 -3.63 13.45 8.21
C ASP A 84 -2.42 12.56 8.52
N ALA A 85 -1.54 12.96 9.45
CA ALA A 85 -0.39 12.12 9.81
C ALA A 85 -0.81 11.05 10.82
N GLY A 86 -0.24 9.85 10.69
CA GLY A 86 -0.62 8.74 11.56
C GLY A 86 0.08 7.44 11.24
N TRP A 87 -0.35 6.37 11.91
CA TRP A 87 0.10 5.02 11.59
C TRP A 87 -0.77 4.39 10.49
N TYR A 88 -0.14 4.09 9.37
CA TYR A 88 -0.81 3.39 8.25
C TYR A 88 -0.59 1.87 8.33
N THR A 89 -1.53 1.11 7.82
CA THR A 89 -1.42 -0.35 7.80
C THR A 89 -1.82 -0.92 6.43
N VAL A 90 -0.97 -1.78 5.87
CA VAL A 90 -1.25 -2.40 4.57
C VAL A 90 -1.53 -3.91 4.70
N SER A 91 -2.66 -4.34 4.16
CA SER A 91 -3.04 -5.76 4.17
C SER A 91 -3.19 -6.30 2.74
N ALA A 92 -2.38 -7.29 2.39
CA ALA A 92 -2.45 -7.92 1.07
C ALA A 92 -3.03 -9.34 1.17
N VAL A 93 -4.21 -9.56 0.58
CA VAL A 93 -4.89 -10.86 0.69
C VAL A 93 -4.95 -11.62 -0.67
N ASN A 94 -4.31 -12.78 -0.70
CA ASN A 94 -4.38 -13.71 -1.82
C ASN A 94 -5.13 -14.99 -1.38
N GLU A 95 -5.73 -15.71 -2.32
CA GLU A 95 -6.41 -16.98 -1.99
C GLU A 95 -5.41 -17.98 -1.35
N ALA A 96 -4.14 -17.87 -1.74
CA ALA A 96 -3.07 -18.71 -1.18
C ALA A 96 -2.72 -18.32 0.27
N GLY A 97 -2.93 -17.05 0.62
CA GLY A 97 -2.58 -16.57 1.96
C GLY A 97 -2.63 -15.05 2.10
N VAL A 98 -2.39 -14.53 3.29
CA VAL A 98 -2.47 -13.08 3.55
C VAL A 98 -1.23 -12.57 4.30
N THR A 99 -0.88 -11.28 4.09
CA THR A 99 0.24 -10.66 4.81
C THR A 99 -0.09 -9.22 5.19
N THR A 100 0.38 -8.79 6.36
CA THR A 100 0.09 -7.44 6.87
C THR A 100 1.37 -6.74 7.35
N CYS A 101 1.44 -5.42 7.15
CA CYS A 101 2.59 -4.62 7.61
C CYS A 101 2.17 -3.21 8.04
N ASN A 102 2.76 -2.72 9.12
CA ASN A 102 2.45 -1.38 9.63
C ASN A 102 3.54 -0.36 9.24
N THR A 103 3.12 0.77 8.68
CA THR A 103 4.05 1.82 8.25
C THR A 103 3.58 3.19 8.76
N ARG A 104 4.50 3.98 9.30
CA ARG A 104 4.13 5.28 9.89
C ARG A 104 4.46 6.45 8.94
N LEU A 105 3.62 7.48 8.99
CA LEU A 105 3.87 8.72 8.22
C LEU A 105 3.67 9.94 9.11
N ASP A 106 4.68 10.80 9.19
CA ASP A 106 4.62 12.00 10.04
C ASP A 106 4.57 13.29 9.21
N VAL A 107 3.95 14.32 9.80
CA VAL A 107 3.88 15.64 9.17
C VAL A 107 4.32 16.74 10.16
N THR A 108 5.03 17.73 9.64
CA THR A 108 5.54 18.85 10.44
C THR A 108 4.93 20.16 9.96
N ALA A 109 4.74 21.11 10.87
CA ALA A 109 4.07 22.37 10.54
C ALA A 109 4.99 23.26 9.68
N ARG A 110 4.58 23.49 8.44
CA ARG A 110 5.37 24.30 7.51
C ARG A 110 5.48 25.75 8.01
N PRO A 111 6.72 26.28 8.12
CA PRO A 111 6.98 27.62 8.68
C PRO A 111 6.20 28.73 7.96
N ASN A 112 6.11 28.65 6.63
CA ASN A 112 5.36 29.63 5.86
C ASN A 112 4.17 28.97 5.15
N GLN A 113 2.96 29.22 5.65
CA GLN A 113 1.73 28.60 5.13
C GLN A 113 0.88 29.62 4.35
N THR A 114 0.57 29.30 3.09
CA THR A 114 -0.20 30.21 2.21
C THR A 114 -1.44 29.54 1.61
N LEU A 115 -1.22 28.41 0.93
CA LEU A 115 -2.29 27.67 0.22
C LEU A 115 -2.95 28.54 -0.85
N PRO A 116 -2.36 28.59 -2.07
CA PRO A 116 -2.89 29.39 -3.19
C PRO A 116 -3.85 28.61 -4.11
N MET A 1 -12.17 -39.60 -24.41
CA MET A 1 -13.37 -39.21 -23.62
C MET A 1 -13.80 -40.34 -22.69
N GLY A 2 -14.51 -39.99 -21.62
CA GLY A 2 -15.02 -40.99 -20.67
C GLY A 2 -14.41 -40.86 -19.28
N HIS A 3 -14.22 -41.99 -18.60
CA HIS A 3 -13.67 -41.99 -17.24
C HIS A 3 -12.12 -42.03 -17.25
N HIS A 4 -11.52 -41.14 -18.03
CA HIS A 4 -10.06 -41.00 -18.07
C HIS A 4 -9.60 -39.85 -17.16
N HIS A 5 -8.43 -40.01 -16.54
CA HIS A 5 -7.88 -38.97 -15.66
C HIS A 5 -7.10 -37.93 -16.49
N HIS A 6 -7.81 -36.95 -17.00
CA HIS A 6 -7.21 -35.91 -17.85
C HIS A 6 -6.26 -35.00 -17.03
N HIS A 7 -4.98 -34.96 -17.42
CA HIS A 7 -3.98 -34.16 -16.70
C HIS A 7 -3.08 -33.33 -17.64
N HIS A 8 -3.49 -32.10 -17.93
CA HIS A 8 -2.63 -31.12 -18.60
C HIS A 8 -2.94 -29.70 -18.13
N SER A 9 -3.20 -29.56 -16.83
CA SER A 9 -3.57 -28.27 -16.23
C SER A 9 -2.88 -28.04 -14.87
N HIS A 10 -2.10 -26.95 -14.78
CA HIS A 10 -1.45 -26.56 -13.52
C HIS A 10 -1.44 -25.03 -13.37
N GLU A 11 -2.08 -24.52 -12.33
CA GLU A 11 -2.13 -23.07 -12.08
C GLU A 11 -1.17 -22.67 -10.95
N HIS A 12 -0.48 -21.55 -11.13
CA HIS A 12 0.54 -21.10 -10.18
C HIS A 12 -0.07 -20.29 -9.03
N LYS A 13 -0.02 -20.85 -7.82
CA LYS A 13 -0.48 -20.15 -6.63
C LYS A 13 0.69 -19.91 -5.66
N ARG A 14 0.95 -18.64 -5.35
CA ARG A 14 2.07 -18.23 -4.51
C ARG A 14 1.62 -17.19 -3.46
N ALA A 15 1.78 -17.53 -2.19
CA ALA A 15 1.37 -16.64 -1.10
C ALA A 15 2.20 -15.35 -1.07
N PRO A 16 1.55 -14.18 -0.83
CA PRO A 16 2.24 -12.88 -0.84
C PRO A 16 3.32 -12.75 0.24
N MET A 17 4.54 -12.38 -0.19
CA MET A 17 5.68 -12.19 0.72
C MET A 17 6.21 -10.74 0.65
N PHE A 18 6.27 -10.06 1.80
CA PHE A 18 6.88 -8.73 1.89
C PHE A 18 8.42 -8.84 1.90
N ILE A 19 9.04 -8.50 0.78
CA ILE A 19 10.51 -8.49 0.69
C ILE A 19 11.09 -7.24 1.38
N TYR A 20 10.34 -6.14 1.33
CA TYR A 20 10.71 -4.88 1.98
C TYR A 20 9.50 -4.26 2.70
N LYS A 21 9.75 -3.58 3.81
CA LYS A 21 8.70 -2.82 4.49
C LYS A 21 8.79 -1.32 4.14
N PRO A 22 7.65 -0.61 4.07
CA PRO A 22 7.65 0.84 3.83
C PRO A 22 8.07 1.60 5.09
N GLN A 23 9.10 2.43 4.98
CA GLN A 23 9.69 3.09 6.15
C GLN A 23 9.06 4.47 6.41
N SER A 24 8.95 4.83 7.68
CA SER A 24 8.30 6.08 8.10
C SER A 24 9.07 7.32 7.63
N LYS A 25 8.35 8.21 6.95
CA LYS A 25 8.92 9.48 6.46
C LYS A 25 8.23 10.68 7.14
N LYS A 26 8.86 11.85 7.07
CA LYS A 26 8.28 13.08 7.62
C LYS A 26 8.32 14.22 6.59
N VAL A 27 7.21 14.97 6.48
CA VAL A 27 7.11 16.06 5.50
C VAL A 27 6.42 17.30 6.09
N LEU A 28 6.37 18.38 5.32
CA LEU A 28 5.67 19.61 5.72
C LEU A 28 4.28 19.67 5.07
N GLU A 29 3.40 20.48 5.65
CA GLU A 29 2.04 20.66 5.12
C GLU A 29 2.08 21.16 3.65
N GLY A 30 1.69 20.30 2.73
CA GLY A 30 1.68 20.65 1.31
C GLY A 30 2.60 19.77 0.46
N ASP A 31 3.57 19.12 1.09
CA ASP A 31 4.47 18.22 0.37
C ASP A 31 3.78 16.91 -0.03
N SER A 32 4.48 16.11 -0.81
CA SER A 32 3.98 14.80 -1.26
C SER A 32 4.99 13.69 -0.90
N VAL A 33 4.46 12.52 -0.56
CA VAL A 33 5.31 11.38 -0.14
C VAL A 33 4.95 10.11 -0.91
N LYS A 34 5.95 9.26 -1.14
CA LYS A 34 5.74 7.98 -1.81
C LYS A 34 6.23 6.82 -0.94
N LEU A 35 5.30 5.95 -0.55
CA LEU A 35 5.61 4.78 0.28
C LEU A 35 5.47 3.49 -0.55
N GLU A 36 6.60 2.81 -0.78
CA GLU A 36 6.59 1.63 -1.66
C GLU A 36 7.27 0.40 -1.01
N CYS A 37 6.85 -0.78 -1.45
CA CYS A 37 7.42 -2.04 -0.97
C CYS A 37 7.31 -3.13 -2.06
N GLN A 38 8.03 -4.22 -1.88
CA GLN A 38 8.01 -5.34 -2.84
C GLN A 38 7.25 -6.55 -2.27
N ILE A 39 6.09 -6.86 -2.86
CA ILE A 39 5.30 -8.02 -2.45
C ILE A 39 5.25 -9.07 -3.56
N SER A 40 5.77 -10.26 -3.28
CA SER A 40 5.76 -11.35 -4.27
C SER A 40 4.54 -12.26 -4.07
N ALA A 41 3.52 -12.08 -4.93
CA ALA A 41 2.31 -12.91 -4.90
C ALA A 41 1.90 -13.37 -6.31
N ILE A 42 1.31 -14.56 -6.39
CA ILE A 42 0.76 -15.07 -7.67
C ILE A 42 -0.57 -15.82 -7.44
N PRO A 43 -1.71 -15.30 -7.93
CA PRO A 43 -1.80 -14.01 -8.65
C PRO A 43 -1.71 -12.78 -7.70
N PRO A 44 -1.58 -11.55 -8.26
CA PRO A 44 -1.57 -10.30 -7.46
C PRO A 44 -2.71 -10.22 -6.42
N PRO A 45 -2.40 -9.78 -5.19
CA PRO A 45 -3.37 -9.75 -4.08
C PRO A 45 -4.17 -8.45 -3.99
N LYS A 46 -5.24 -8.47 -3.19
CA LYS A 46 -6.04 -7.27 -2.90
C LYS A 46 -5.36 -6.44 -1.80
N LEU A 47 -5.04 -5.19 -2.11
CA LEU A 47 -4.34 -4.30 -1.17
C LEU A 47 -5.32 -3.45 -0.35
N PHE A 48 -5.22 -3.52 0.97
CA PHE A 48 -6.01 -2.68 1.89
C PHE A 48 -5.10 -1.76 2.72
N TRP A 49 -5.58 -0.55 3.01
CA TRP A 49 -4.82 0.42 3.82
C TRP A 49 -5.68 1.02 4.94
N LYS A 50 -5.21 0.90 6.17
CA LYS A 50 -5.86 1.56 7.31
C LYS A 50 -4.91 2.54 8.00
N ARG A 51 -5.37 3.77 8.21
CA ARG A 51 -4.59 4.80 8.91
C ARG A 51 -5.21 5.13 10.28
N ASN A 52 -4.50 4.79 11.36
CA ASN A 52 -4.90 5.24 12.70
C ASN A 52 -6.37 4.85 13.02
N ASN A 53 -6.71 3.58 12.75
CA ASN A 53 -8.07 3.04 12.94
C ASN A 53 -9.07 3.53 11.86
N GLU A 54 -8.60 4.35 10.92
CA GLU A 54 -9.45 4.87 9.84
C GLU A 54 -9.23 4.12 8.52
N MET A 55 -10.30 3.87 7.78
CA MET A 55 -10.21 3.26 6.45
C MET A 55 -9.74 4.31 5.42
N VAL A 56 -8.57 4.09 4.81
CA VAL A 56 -8.01 5.06 3.85
C VAL A 56 -8.88 5.16 2.58
N GLN A 57 -9.44 6.34 2.36
CA GLN A 57 -10.27 6.58 1.17
C GLN A 57 -9.42 7.04 -0.03
N PHE A 58 -9.63 6.39 -1.18
CA PHE A 58 -8.84 6.68 -2.39
C PHE A 58 -9.66 7.47 -3.42
N ASN A 59 -10.89 7.83 -3.06
CA ASN A 59 -11.79 8.59 -3.97
C ASN A 59 -11.40 10.07 -4.12
N THR A 60 -10.10 10.38 -4.09
CA THR A 60 -9.64 11.78 -4.13
C THR A 60 -8.33 11.94 -4.92
N ASP A 61 -8.07 13.18 -5.33
CA ASP A 61 -6.85 13.52 -6.06
C ASP A 61 -5.62 13.53 -5.13
N ARG A 62 -5.87 13.78 -3.85
CA ARG A 62 -4.79 13.88 -2.85
C ARG A 62 -4.22 12.49 -2.46
N ILE A 63 -4.95 11.42 -2.78
CA ILE A 63 -4.51 10.06 -2.43
C ILE A 63 -4.58 9.12 -3.66
N SER A 64 -3.48 8.43 -3.94
CA SER A 64 -3.42 7.48 -5.08
C SER A 64 -2.65 6.20 -4.69
N LEU A 65 -3.04 5.07 -5.28
CA LEU A 65 -2.39 3.77 -4.99
C LEU A 65 -2.29 2.90 -6.26
N TYR A 66 -1.10 2.36 -6.52
CA TYR A 66 -0.91 1.45 -7.67
C TYR A 66 0.08 0.31 -7.34
N GLN A 67 -0.04 -0.80 -8.09
CA GLN A 67 0.91 -1.91 -7.97
C GLN A 67 1.43 -2.31 -9.36
N ASP A 68 2.63 -2.91 -9.40
CA ASP A 68 3.25 -3.30 -10.67
C ASP A 68 3.39 -4.83 -10.78
N ASN A 69 3.50 -5.33 -12.01
CA ASN A 69 3.66 -6.77 -12.28
C ASN A 69 4.98 -7.32 -11.73
N THR A 70 5.90 -6.42 -11.39
CA THR A 70 7.18 -6.79 -10.76
C THR A 70 7.03 -6.95 -9.23
N GLY A 71 5.80 -6.78 -8.74
CA GLY A 71 5.54 -6.91 -7.32
C GLY A 71 5.81 -5.62 -6.53
N ARG A 72 5.85 -4.49 -7.24
CA ARG A 72 6.12 -3.19 -6.61
C ARG A 72 4.80 -2.46 -6.25
N VAL A 73 4.52 -2.34 -4.97
CA VAL A 73 3.36 -1.59 -4.48
C VAL A 73 3.76 -0.18 -4.04
N THR A 74 3.03 0.84 -4.48
CA THR A 74 3.39 2.24 -4.14
C THR A 74 2.15 3.07 -3.76
N LEU A 75 2.18 3.64 -2.56
CA LEU A 75 1.15 4.58 -2.10
C LEU A 75 1.62 6.03 -2.28
N LEU A 76 0.82 6.85 -2.94
CA LEU A 76 1.17 8.26 -3.21
C LEU A 76 0.26 9.22 -2.43
N ILE A 77 0.85 9.98 -1.51
CA ILE A 77 0.10 10.96 -0.72
C ILE A 77 0.49 12.40 -1.12
N LYS A 78 -0.50 13.16 -1.56
CA LYS A 78 -0.28 14.51 -2.12
C LYS A 78 -0.86 15.62 -1.23
N ASP A 79 -0.15 16.76 -1.16
CA ASP A 79 -0.70 17.98 -0.55
C ASP A 79 -1.16 17.72 0.91
N VAL A 80 -0.43 16.87 1.61
CA VAL A 80 -0.82 16.40 2.95
C VAL A 80 -0.57 17.46 4.04
N ASN A 81 -1.48 17.55 5.00
CA ASN A 81 -1.33 18.47 6.14
C ASN A 81 -1.36 17.72 7.50
N LYS A 82 -1.22 18.47 8.59
CA LYS A 82 -1.08 17.88 9.95
C LYS A 82 -2.19 16.85 10.27
N LYS A 83 -3.44 17.21 10.00
CA LYS A 83 -4.59 16.35 10.30
C LYS A 83 -4.63 15.07 9.44
N ASP A 84 -3.78 14.97 8.42
CA ASP A 84 -3.75 13.80 7.56
C ASP A 84 -2.68 12.79 7.99
N ALA A 85 -1.88 13.14 9.01
CA ALA A 85 -0.80 12.26 9.47
C ALA A 85 -1.29 11.20 10.47
N GLY A 86 -0.71 10.00 10.39
CA GLY A 86 -1.06 8.91 11.30
C GLY A 86 -0.29 7.63 11.00
N TRP A 87 -0.61 6.55 11.71
CA TRP A 87 -0.04 5.23 11.42
C TRP A 87 -0.82 4.49 10.33
N TYR A 88 -0.15 4.15 9.24
CA TYR A 88 -0.76 3.38 8.15
C TYR A 88 -0.47 1.88 8.30
N THR A 89 -1.37 1.06 7.77
CA THR A 89 -1.19 -0.41 7.78
C THR A 89 -1.62 -1.02 6.45
N VAL A 90 -0.70 -1.70 5.79
CA VAL A 90 -0.96 -2.33 4.50
C VAL A 90 -1.22 -3.84 4.63
N SER A 91 -2.41 -4.27 4.22
CA SER A 91 -2.78 -5.69 4.24
C SER A 91 -3.02 -6.22 2.83
N ALA A 92 -2.16 -7.12 2.37
CA ALA A 92 -2.31 -7.74 1.05
C ALA A 92 -2.89 -9.16 1.18
N VAL A 93 -4.10 -9.36 0.65
CA VAL A 93 -4.76 -10.67 0.74
C VAL A 93 -4.91 -11.34 -0.64
N ASN A 94 -4.25 -12.49 -0.77
CA ASN A 94 -4.32 -13.32 -1.98
C ASN A 94 -5.08 -14.62 -1.70
N GLU A 95 -5.68 -15.20 -2.74
CA GLU A 95 -6.47 -16.44 -2.59
C GLU A 95 -5.67 -17.57 -1.89
N ALA A 96 -4.37 -17.65 -2.19
CA ALA A 96 -3.48 -18.62 -1.55
C ALA A 96 -3.16 -18.26 -0.09
N GLY A 97 -2.97 -16.96 0.19
CA GLY A 97 -2.60 -16.53 1.54
C GLY A 97 -2.63 -15.01 1.73
N VAL A 98 -2.39 -14.55 2.96
CA VAL A 98 -2.47 -13.12 3.30
C VAL A 98 -1.24 -12.64 4.10
N THR A 99 -0.85 -11.37 3.91
CA THR A 99 0.27 -10.77 4.65
C THR A 99 0.01 -9.29 4.97
N THR A 100 0.47 -8.84 6.15
CA THR A 100 0.23 -7.46 6.61
C THR A 100 1.51 -6.79 7.15
N CYS A 101 1.65 -5.49 6.93
CA CYS A 101 2.82 -4.73 7.43
C CYS A 101 2.42 -3.33 7.91
N ASN A 102 3.22 -2.74 8.80
CA ASN A 102 2.93 -1.41 9.36
C ASN A 102 3.82 -0.31 8.75
N THR A 103 3.25 0.90 8.63
CA THR A 103 3.96 2.07 8.09
C THR A 103 3.52 3.35 8.83
N ARG A 104 4.42 4.32 8.97
CA ARG A 104 4.07 5.58 9.66
C ARG A 104 4.36 6.80 8.80
N LEU A 105 3.51 7.83 8.91
CA LEU A 105 3.73 9.11 8.23
C LEU A 105 3.66 10.29 9.20
N ASP A 106 4.70 11.10 9.23
CA ASP A 106 4.76 12.29 10.08
C ASP A 106 4.67 13.58 9.25
N VAL A 107 3.93 14.56 9.77
CA VAL A 107 3.79 15.87 9.10
C VAL A 107 4.02 17.02 10.08
N THR A 108 4.77 18.02 9.66
CA THR A 108 5.05 19.21 10.47
C THR A 108 4.36 20.45 9.88
N ALA A 109 3.95 21.37 10.74
CA ALA A 109 3.21 22.56 10.31
C ALA A 109 4.13 23.55 9.59
N ARG A 110 3.66 24.09 8.49
CA ARG A 110 4.48 24.97 7.64
C ARG A 110 4.68 26.35 8.31
N PRO A 111 5.93 26.87 8.34
CA PRO A 111 6.24 28.15 8.99
C PRO A 111 5.81 29.38 8.16
N ASN A 112 5.68 29.21 6.85
CA ASN A 112 5.28 30.30 5.95
C ASN A 112 4.29 29.81 4.88
N GLN A 113 3.37 30.68 4.47
CA GLN A 113 2.35 30.31 3.47
C GLN A 113 2.88 30.51 2.03
N THR A 114 2.20 29.89 1.07
CA THR A 114 2.55 30.05 -0.35
C THR A 114 2.05 31.40 -0.88
N LEU A 115 2.97 32.36 -1.02
CA LEU A 115 2.61 33.73 -1.41
C LEU A 115 3.06 34.03 -2.85
N PRO A 116 2.12 33.94 -3.82
CA PRO A 116 2.37 34.31 -5.22
C PRO A 116 2.02 35.78 -5.51
N MET A 1 -18.37 -19.65 -18.71
CA MET A 1 -19.71 -19.42 -18.11
C MET A 1 -20.08 -20.58 -17.16
N GLY A 2 -21.19 -20.45 -16.44
CA GLY A 2 -21.58 -21.43 -15.43
C GLY A 2 -22.19 -22.72 -15.98
N HIS A 3 -21.67 -23.23 -17.10
CA HIS A 3 -22.07 -24.54 -17.65
C HIS A 3 -20.83 -25.41 -17.89
N HIS A 4 -20.93 -26.69 -17.55
CA HIS A 4 -19.79 -27.63 -17.66
C HIS A 4 -18.59 -27.14 -16.83
N HIS A 5 -18.86 -26.28 -15.85
CA HIS A 5 -17.82 -25.66 -15.02
C HIS A 5 -17.18 -26.68 -14.06
N HIS A 6 -15.91 -27.00 -14.29
CA HIS A 6 -15.16 -27.92 -13.44
C HIS A 6 -13.80 -27.32 -13.06
N HIS A 7 -13.24 -27.76 -11.94
CA HIS A 7 -11.93 -27.30 -11.49
C HIS A 7 -10.85 -27.57 -12.54
N HIS A 8 -10.07 -26.55 -12.87
CA HIS A 8 -8.99 -26.67 -13.86
C HIS A 8 -7.64 -26.92 -13.16
N SER A 9 -6.59 -27.09 -13.95
CA SER A 9 -5.26 -27.38 -13.39
C SER A 9 -4.15 -26.61 -14.12
N HIS A 10 -2.89 -26.91 -13.76
CA HIS A 10 -1.70 -26.25 -14.35
C HIS A 10 -1.54 -24.78 -13.91
N GLU A 11 -2.37 -24.34 -12.95
CA GLU A 11 -2.28 -22.96 -12.45
C GLU A 11 -1.41 -22.88 -11.18
N HIS A 12 -0.57 -21.84 -11.11
CA HIS A 12 0.40 -21.69 -10.01
C HIS A 12 -0.07 -20.61 -9.02
N LYS A 13 -0.21 -20.98 -7.75
CA LYS A 13 -0.59 -20.02 -6.70
C LYS A 13 0.51 -19.84 -5.63
N ARG A 14 0.70 -18.60 -5.20
CA ARG A 14 1.70 -18.26 -4.17
C ARG A 14 1.13 -17.26 -3.16
N ALA A 15 1.31 -17.55 -1.87
CA ALA A 15 0.89 -16.65 -0.80
C ALA A 15 1.76 -15.39 -0.75
N PRO A 16 1.16 -14.21 -0.51
CA PRO A 16 1.88 -12.91 -0.54
C PRO A 16 2.95 -12.79 0.55
N MET A 17 4.06 -12.15 0.21
CA MET A 17 5.17 -11.93 1.16
C MET A 17 5.82 -10.55 0.95
N PHE A 18 5.95 -9.78 2.04
CA PHE A 18 6.65 -8.49 1.99
C PHE A 18 8.17 -8.69 1.95
N ILE A 19 8.76 -8.48 0.78
CA ILE A 19 10.21 -8.63 0.61
C ILE A 19 10.95 -7.43 1.21
N TYR A 20 10.33 -6.26 1.13
CA TYR A 20 10.88 -5.03 1.71
C TYR A 20 9.76 -4.18 2.31
N LYS A 21 10.03 -3.49 3.42
CA LYS A 21 9.05 -2.57 4.02
C LYS A 21 9.34 -1.12 3.62
N PRO A 22 8.31 -0.26 3.54
CA PRO A 22 8.50 1.16 3.22
C PRO A 22 9.17 1.92 4.37
N GLN A 23 9.89 2.99 4.03
CA GLN A 23 10.60 3.76 5.05
C GLN A 23 9.75 4.93 5.57
N SER A 24 9.67 5.06 6.89
CA SER A 24 8.90 6.13 7.53
C SER A 24 9.55 7.51 7.31
N LYS A 25 8.81 8.41 6.66
CA LYS A 25 9.33 9.76 6.32
C LYS A 25 8.38 10.84 6.84
N LYS A 26 8.87 12.09 6.92
CA LYS A 26 8.04 13.22 7.35
C LYS A 26 8.00 14.34 6.31
N VAL A 27 6.85 15.02 6.22
CA VAL A 27 6.67 16.15 5.29
C VAL A 27 5.92 17.32 5.97
N LEU A 28 5.75 18.42 5.24
CA LEU A 28 4.99 19.59 5.74
C LEU A 28 3.56 19.59 5.19
N GLU A 29 2.68 20.36 5.85
CA GLU A 29 1.28 20.47 5.43
C GLU A 29 1.13 21.04 4.01
N GLY A 30 0.83 20.18 3.05
CA GLY A 30 0.69 20.62 1.66
C GLY A 30 1.71 19.99 0.73
N ASP A 31 2.73 19.34 1.30
CA ASP A 31 3.75 18.64 0.51
C ASP A 31 3.30 17.23 0.10
N SER A 32 4.18 16.53 -0.60
CA SER A 32 3.89 15.17 -1.09
C SER A 32 4.98 14.16 -0.68
N VAL A 33 4.57 12.91 -0.50
CA VAL A 33 5.49 11.84 -0.12
C VAL A 33 5.20 10.55 -0.92
N LYS A 34 6.20 9.66 -1.04
CA LYS A 34 6.02 8.38 -1.72
C LYS A 34 6.51 7.20 -0.85
N LEU A 35 5.69 6.15 -0.76
CA LEU A 35 6.03 4.94 -0.02
C LEU A 35 5.83 3.69 -0.89
N GLU A 36 6.92 2.99 -1.22
CA GLU A 36 6.84 1.80 -2.07
C GLU A 36 7.56 0.60 -1.45
N CYS A 37 7.01 -0.60 -1.70
CA CYS A 37 7.58 -1.86 -1.19
C CYS A 37 7.36 -3.01 -2.18
N GLN A 38 8.01 -4.14 -1.94
CA GLN A 38 7.90 -5.32 -2.81
C GLN A 38 7.11 -6.45 -2.15
N ILE A 39 6.07 -6.93 -2.84
CA ILE A 39 5.29 -8.08 -2.38
C ILE A 39 5.31 -9.20 -3.43
N SER A 40 5.61 -10.42 -3.02
CA SER A 40 5.60 -11.57 -3.93
C SER A 40 4.34 -12.42 -3.73
N ALA A 41 3.36 -12.25 -4.62
CA ALA A 41 2.14 -13.07 -4.62
C ALA A 41 1.78 -13.55 -6.03
N ILE A 42 1.13 -14.70 -6.14
CA ILE A 42 0.67 -15.21 -7.44
C ILE A 42 -0.72 -15.86 -7.32
N PRO A 43 -1.79 -15.24 -7.85
CA PRO A 43 -1.74 -13.89 -8.47
C PRO A 43 -1.69 -12.76 -7.42
N PRO A 44 -1.51 -11.48 -7.85
CA PRO A 44 -1.49 -10.32 -6.94
C PRO A 44 -2.73 -10.27 -6.01
N PRO A 45 -2.53 -9.93 -4.71
CA PRO A 45 -3.59 -9.94 -3.71
C PRO A 45 -4.35 -8.61 -3.62
N LYS A 46 -5.45 -8.57 -2.88
CA LYS A 46 -6.20 -7.34 -2.69
C LYS A 46 -5.54 -6.46 -1.60
N LEU A 47 -5.15 -5.24 -1.98
CA LEU A 47 -4.41 -4.35 -1.10
C LEU A 47 -5.33 -3.42 -0.29
N PHE A 48 -5.20 -3.45 1.03
CA PHE A 48 -5.95 -2.54 1.91
C PHE A 48 -4.99 -1.63 2.69
N TRP A 49 -5.10 -0.32 2.49
CA TRP A 49 -4.32 0.65 3.26
C TRP A 49 -5.17 1.34 4.33
N LYS A 50 -4.75 1.24 5.58
CA LYS A 50 -5.45 1.90 6.68
C LYS A 50 -4.54 2.93 7.37
N ARG A 51 -5.04 4.15 7.52
CA ARG A 51 -4.28 5.26 8.10
C ARG A 51 -4.80 5.62 9.50
N ASN A 52 -3.99 5.42 10.53
CA ASN A 52 -4.36 5.81 11.91
C ASN A 52 -5.71 5.20 12.32
N ASN A 53 -5.92 3.92 11.97
CA ASN A 53 -7.20 3.21 12.23
C ASN A 53 -8.36 3.79 11.39
N GLU A 54 -8.03 4.50 10.33
CA GLU A 54 -9.02 5.06 9.40
C GLU A 54 -8.82 4.48 7.99
N MET A 55 -9.92 4.12 7.32
CA MET A 55 -9.84 3.58 5.96
C MET A 55 -9.45 4.68 4.95
N VAL A 56 -8.45 4.41 4.11
CA VAL A 56 -7.97 5.41 3.14
C VAL A 56 -8.81 5.40 1.84
N GLN A 57 -9.20 6.59 1.37
CA GLN A 57 -9.95 6.73 0.12
C GLN A 57 -9.04 7.19 -1.04
N PHE A 58 -9.06 6.43 -2.13
CA PHE A 58 -8.17 6.70 -3.28
C PHE A 58 -8.89 7.44 -4.41
N ASN A 59 -9.97 8.15 -4.09
CA ASN A 59 -10.77 8.88 -5.10
C ASN A 59 -10.39 10.37 -5.17
N THR A 60 -9.42 10.79 -4.37
CA THR A 60 -8.99 12.20 -4.34
C THR A 60 -7.64 12.41 -5.03
N ASP A 61 -7.34 13.65 -5.38
CA ASP A 61 -6.05 14.02 -5.98
C ASP A 61 -4.92 13.89 -4.95
N ARG A 62 -5.30 14.01 -3.67
CA ARG A 62 -4.34 13.92 -2.56
C ARG A 62 -3.85 12.49 -2.33
N ILE A 63 -4.63 11.49 -2.74
CA ILE A 63 -4.27 10.09 -2.51
C ILE A 63 -4.32 9.28 -3.81
N SER A 64 -3.21 8.63 -4.14
CA SER A 64 -3.13 7.80 -5.35
C SER A 64 -2.29 6.54 -5.10
N LEU A 65 -2.86 5.38 -5.43
CA LEU A 65 -2.20 4.09 -5.21
C LEU A 65 -2.09 3.28 -6.52
N TYR A 66 -0.88 2.82 -6.84
CA TYR A 66 -0.67 1.95 -8.00
C TYR A 66 0.30 0.81 -7.65
N GLN A 67 0.23 -0.29 -8.39
CA GLN A 67 1.11 -1.43 -8.16
C GLN A 67 1.70 -1.96 -9.47
N ASP A 68 2.99 -2.26 -9.46
CA ASP A 68 3.69 -2.76 -10.63
C ASP A 68 3.40 -4.25 -10.87
N ASN A 69 3.57 -4.71 -12.10
CA ASN A 69 3.30 -6.10 -12.46
C ASN A 69 4.33 -7.07 -11.82
N THR A 70 5.44 -6.52 -11.32
CA THR A 70 6.42 -7.31 -10.57
C THR A 70 5.92 -7.63 -9.15
N GLY A 71 4.98 -6.82 -8.67
CA GLY A 71 4.47 -6.98 -7.30
C GLY A 71 4.85 -5.82 -6.38
N ARG A 72 5.21 -4.68 -6.97
CA ARG A 72 5.61 -3.51 -6.19
C ARG A 72 4.39 -2.63 -5.85
N VAL A 73 4.16 -2.40 -4.57
CA VAL A 73 3.07 -1.51 -4.13
C VAL A 73 3.62 -0.10 -3.88
N THR A 74 2.97 0.91 -4.45
CA THR A 74 3.45 2.30 -4.32
C THR A 74 2.31 3.28 -4.00
N LEU A 75 2.37 3.87 -2.80
CA LEU A 75 1.36 4.85 -2.36
C LEU A 75 1.91 6.28 -2.44
N LEU A 76 1.18 7.16 -3.13
CA LEU A 76 1.57 8.57 -3.30
C LEU A 76 0.59 9.50 -2.55
N ILE A 77 1.10 10.24 -1.58
CA ILE A 77 0.26 11.13 -0.76
C ILE A 77 0.64 12.61 -0.97
N LYS A 78 -0.30 13.39 -1.49
CA LYS A 78 -0.09 14.82 -1.78
C LYS A 78 -0.95 15.73 -0.89
N ASP A 79 -0.45 16.94 -0.62
CA ASP A 79 -1.21 17.98 0.11
C ASP A 79 -1.73 17.46 1.47
N VAL A 80 -0.94 16.62 2.11
CA VAL A 80 -1.30 16.03 3.41
C VAL A 80 -1.04 17.03 4.56
N ASN A 81 -1.92 17.06 5.57
CA ASN A 81 -1.75 17.97 6.71
C ASN A 81 -1.72 17.20 8.05
N LYS A 82 -1.65 17.93 9.17
CA LYS A 82 -1.56 17.31 10.50
C LYS A 82 -2.72 16.34 10.78
N LYS A 83 -3.87 16.59 10.16
CA LYS A 83 -5.07 15.73 10.35
C LYS A 83 -4.83 14.32 9.82
N ASP A 84 -4.00 14.21 8.79
CA ASP A 84 -3.81 12.96 8.05
C ASP A 84 -2.58 12.15 8.51
N ALA A 85 -1.85 12.63 9.51
CA ALA A 85 -0.64 11.90 9.94
C ALA A 85 -1.01 10.72 10.86
N GLY A 86 -0.30 9.60 10.69
CA GLY A 86 -0.62 8.40 11.46
C GLY A 86 0.24 7.20 11.08
N TRP A 87 -0.10 6.03 11.62
CA TRP A 87 0.50 4.77 11.19
C TRP A 87 -0.35 4.09 10.10
N TYR A 88 0.29 3.78 8.97
CA TYR A 88 -0.38 3.12 7.84
C TYR A 88 -0.19 1.60 7.91
N THR A 89 -1.30 0.87 8.04
CA THR A 89 -1.28 -0.59 8.02
C THR A 89 -1.70 -1.12 6.65
N VAL A 90 -0.79 -1.82 5.97
CA VAL A 90 -1.07 -2.40 4.65
C VAL A 90 -1.38 -3.90 4.74
N SER A 91 -2.58 -4.27 4.31
CA SER A 91 -3.03 -5.68 4.34
C SER A 91 -3.10 -6.26 2.92
N ALA A 92 -2.46 -7.41 2.70
CA ALA A 92 -2.50 -8.09 1.40
C ALA A 92 -3.09 -9.50 1.53
N VAL A 93 -4.25 -9.73 0.89
CA VAL A 93 -4.95 -11.01 1.03
C VAL A 93 -5.14 -11.72 -0.34
N ASN A 94 -4.57 -12.93 -0.43
CA ASN A 94 -4.78 -13.83 -1.58
C ASN A 94 -5.57 -15.07 -1.11
N GLU A 95 -6.00 -15.93 -2.05
CA GLU A 95 -6.65 -17.19 -1.68
C GLU A 95 -5.62 -18.20 -1.15
N ALA A 96 -4.38 -18.05 -1.58
CA ALA A 96 -3.27 -18.88 -1.11
C ALA A 96 -2.85 -18.53 0.34
N GLY A 97 -2.99 -17.25 0.70
CA GLY A 97 -2.61 -16.81 2.04
C GLY A 97 -2.75 -15.30 2.24
N VAL A 98 -2.41 -14.83 3.45
CA VAL A 98 -2.56 -13.41 3.79
C VAL A 98 -1.37 -12.89 4.63
N THR A 99 -0.98 -11.63 4.37
CA THR A 99 0.11 -10.98 5.13
C THR A 99 -0.19 -9.49 5.36
N THR A 100 0.18 -8.97 6.53
CA THR A 100 -0.08 -7.57 6.89
C THR A 100 1.12 -6.91 7.57
N CYS A 101 1.49 -5.71 7.11
CA CYS A 101 2.62 -4.96 7.69
C CYS A 101 2.25 -3.51 7.99
N ASN A 102 3.02 -2.87 8.87
CA ASN A 102 2.76 -1.48 9.29
C ASN A 102 3.85 -0.51 8.79
N THR A 103 3.48 0.75 8.61
CA THR A 103 4.40 1.82 8.17
C THR A 103 4.04 3.14 8.86
N ARG A 104 5.03 3.99 9.12
CA ARG A 104 4.79 5.27 9.80
C ARG A 104 4.95 6.47 8.85
N LEU A 105 4.07 7.46 8.97
CA LEU A 105 4.19 8.71 8.21
C LEU A 105 3.94 9.93 9.12
N ASP A 106 4.88 10.87 9.13
CA ASP A 106 4.78 12.07 9.97
C ASP A 106 4.53 13.34 9.14
N VAL A 107 3.71 14.25 9.68
CA VAL A 107 3.46 15.54 9.03
C VAL A 107 3.72 16.68 10.03
N THR A 108 4.32 17.78 9.54
CA THR A 108 4.67 18.92 10.39
C THR A 108 3.94 20.18 9.90
N ALA A 109 3.55 21.05 10.84
CA ALA A 109 2.78 22.25 10.51
C ALA A 109 3.67 23.34 9.89
N ARG A 110 3.24 23.88 8.74
CA ARG A 110 4.01 24.91 8.03
C ARG A 110 4.03 26.23 8.81
N PRO A 111 5.18 26.95 8.81
CA PRO A 111 5.30 28.28 9.43
C PRO A 111 4.38 29.31 8.76
N ASN A 112 4.07 29.08 7.49
CA ASN A 112 3.14 29.92 6.73
C ASN A 112 2.39 29.08 5.68
N GLN A 113 1.06 29.15 5.71
CA GLN A 113 0.22 28.34 4.81
C GLN A 113 0.10 28.96 3.41
N THR A 114 -0.06 28.12 2.40
CA THR A 114 -0.18 28.57 1.00
C THR A 114 -1.64 28.93 0.64
N LEU A 115 -2.58 28.59 1.51
CA LEU A 115 -4.00 28.90 1.30
C LEU A 115 -4.43 30.12 2.15
N PRO A 116 -4.63 31.30 1.51
CA PRO A 116 -5.06 32.53 2.21
C PRO A 116 -6.45 32.40 2.86
N MET A 1 2.88 -44.82 -16.08
CA MET A 1 2.20 -44.36 -14.85
C MET A 1 0.67 -44.49 -14.96
N GLY A 2 0.18 -45.02 -16.09
CA GLY A 2 -1.25 -45.10 -16.32
C GLY A 2 -1.86 -46.45 -15.95
N HIS A 3 -1.85 -46.80 -14.66
CA HIS A 3 -2.50 -48.03 -14.20
C HIS A 3 -3.93 -47.72 -13.69
N HIS A 4 -4.12 -46.49 -13.19
CA HIS A 4 -5.46 -46.01 -12.81
C HIS A 4 -5.64 -44.54 -13.24
N HIS A 5 -6.87 -44.18 -13.63
CA HIS A 5 -7.14 -42.87 -14.25
C HIS A 5 -7.49 -41.77 -13.25
N HIS A 6 -7.19 -40.52 -13.62
CA HIS A 6 -7.61 -39.33 -12.86
C HIS A 6 -7.23 -38.03 -13.60
N HIS A 7 -8.18 -37.12 -13.74
CA HIS A 7 -7.92 -35.84 -14.42
C HIS A 7 -7.38 -34.78 -13.45
N HIS A 8 -6.50 -33.91 -13.94
CA HIS A 8 -5.97 -32.80 -13.13
C HIS A 8 -5.35 -31.70 -14.00
N SER A 9 -4.88 -30.65 -13.35
CA SER A 9 -4.19 -29.56 -14.04
C SER A 9 -2.74 -29.44 -13.55
N HIS A 10 -2.02 -28.41 -14.01
CA HIS A 10 -0.61 -28.22 -13.63
C HIS A 10 -0.34 -26.73 -13.31
N GLU A 11 -1.26 -26.11 -12.59
CA GLU A 11 -1.19 -24.67 -12.29
C GLU A 11 -0.49 -24.39 -10.94
N HIS A 12 0.38 -23.39 -10.93
CA HIS A 12 1.11 -23.00 -9.72
C HIS A 12 0.60 -21.66 -9.16
N LYS A 13 0.18 -21.66 -7.89
CA LYS A 13 -0.21 -20.42 -7.20
C LYS A 13 0.73 -20.13 -6.02
N ARG A 14 0.85 -18.86 -5.65
CA ARG A 14 1.81 -18.42 -4.62
C ARG A 14 1.20 -17.39 -3.65
N ALA A 15 1.38 -17.62 -2.35
CA ALA A 15 0.92 -16.70 -1.30
C ALA A 15 1.78 -15.41 -1.26
N PRO A 16 1.17 -14.26 -0.88
CA PRO A 16 1.88 -12.96 -0.84
C PRO A 16 2.92 -12.84 0.28
N MET A 17 4.08 -12.28 -0.06
CA MET A 17 5.17 -12.07 0.90
C MET A 17 5.80 -10.67 0.76
N PHE A 18 5.84 -9.92 1.86
CA PHE A 18 6.50 -8.61 1.88
C PHE A 18 8.04 -8.77 1.85
N ILE A 19 8.63 -8.47 0.70
CA ILE A 19 10.10 -8.49 0.57
C ILE A 19 10.70 -7.25 1.24
N TYR A 20 9.99 -6.12 1.13
CA TYR A 20 10.35 -4.88 1.81
C TYR A 20 9.12 -4.27 2.48
N LYS A 21 9.30 -3.70 3.67
CA LYS A 21 8.24 -2.92 4.31
C LYS A 21 8.43 -1.42 4.01
N PRO A 22 7.34 -0.68 3.71
CA PRO A 22 7.43 0.76 3.44
C PRO A 22 8.13 1.54 4.56
N GLN A 23 8.98 2.51 4.18
CA GLN A 23 9.81 3.24 5.15
C GLN A 23 9.10 4.51 5.66
N SER A 24 9.19 4.75 6.96
CA SER A 24 8.58 5.93 7.58
C SER A 24 9.32 7.21 7.19
N LYS A 25 8.57 8.22 6.73
CA LYS A 25 9.15 9.50 6.27
C LYS A 25 8.44 10.70 6.89
N LYS A 26 9.09 11.87 6.82
CA LYS A 26 8.54 13.11 7.37
C LYS A 26 8.46 14.21 6.29
N VAL A 27 7.33 14.93 6.25
CA VAL A 27 7.14 16.03 5.29
C VAL A 27 6.44 17.24 5.94
N LEU A 28 6.39 18.36 5.22
CA LEU A 28 5.63 19.53 5.66
C LEU A 28 4.21 19.50 5.09
N GLU A 29 3.32 20.27 5.70
CA GLU A 29 1.94 20.38 5.21
C GLU A 29 1.88 20.85 3.76
N GLY A 30 1.04 20.21 2.95
CA GLY A 30 0.90 20.59 1.55
C GLY A 30 1.82 19.80 0.61
N ASP A 31 2.91 19.26 1.16
CA ASP A 31 3.86 18.46 0.37
C ASP A 31 3.33 17.04 0.11
N SER A 32 4.05 16.30 -0.73
CA SER A 32 3.66 14.92 -1.10
C SER A 32 4.70 13.90 -0.65
N VAL A 33 4.23 12.71 -0.27
CA VAL A 33 5.11 11.60 0.11
C VAL A 33 4.76 10.35 -0.72
N LYS A 34 5.72 9.44 -0.86
CA LYS A 34 5.51 8.20 -1.61
C LYS A 34 6.07 6.99 -0.85
N LEU A 35 5.19 6.06 -0.50
CA LEU A 35 5.59 4.83 0.20
C LEU A 35 5.61 3.64 -0.75
N GLU A 36 6.79 3.11 -1.02
CA GLU A 36 6.95 2.01 -1.99
C GLU A 36 7.58 0.76 -1.35
N CYS A 37 7.11 -0.41 -1.79
CA CYS A 37 7.61 -1.70 -1.29
C CYS A 37 7.41 -2.83 -2.32
N GLN A 38 7.94 -4.02 -2.03
CA GLN A 38 7.81 -5.17 -2.94
C GLN A 38 7.09 -6.35 -2.26
N ILE A 39 6.06 -6.88 -2.92
CA ILE A 39 5.34 -8.06 -2.45
C ILE A 39 5.35 -9.16 -3.53
N SER A 40 5.88 -10.34 -3.19
CA SER A 40 5.90 -11.46 -4.15
C SER A 40 4.68 -12.36 -3.97
N ALA A 41 3.70 -12.21 -4.86
CA ALA A 41 2.50 -13.06 -4.86
C ALA A 41 2.15 -13.53 -6.28
N ILE A 42 1.46 -14.67 -6.39
CA ILE A 42 0.96 -15.16 -7.68
C ILE A 42 -0.45 -15.77 -7.51
N PRO A 43 -1.50 -15.08 -7.98
CA PRO A 43 -1.41 -13.76 -8.64
C PRO A 43 -1.27 -12.58 -7.63
N PRO A 44 -1.02 -11.36 -8.12
CA PRO A 44 -0.98 -10.15 -7.26
C PRO A 44 -2.22 -10.02 -6.34
N PRO A 45 -2.01 -9.69 -5.06
CA PRO A 45 -3.09 -9.66 -4.05
C PRO A 45 -3.83 -8.31 -3.96
N LYS A 46 -4.94 -8.30 -3.24
CA LYS A 46 -5.71 -7.07 -2.98
C LYS A 46 -5.08 -6.28 -1.83
N LEU A 47 -4.76 -5.01 -2.09
CA LEU A 47 -4.10 -4.15 -1.09
C LEU A 47 -5.11 -3.34 -0.25
N PHE A 48 -4.87 -3.28 1.06
CA PHE A 48 -5.69 -2.46 1.97
C PHE A 48 -4.80 -1.61 2.89
N TRP A 49 -4.95 -0.29 2.78
CA TRP A 49 -4.22 0.64 3.66
C TRP A 49 -5.17 1.32 4.67
N LYS A 50 -4.80 1.28 5.95
CA LYS A 50 -5.60 1.95 6.98
C LYS A 50 -4.74 2.99 7.74
N ARG A 51 -5.24 4.22 7.80
CA ARG A 51 -4.51 5.34 8.43
C ARG A 51 -5.14 5.76 9.76
N ASN A 52 -4.39 5.61 10.86
CA ASN A 52 -4.86 6.07 12.18
C ASN A 52 -6.18 5.39 12.55
N ASN A 53 -6.30 4.10 12.20
CA ASN A 53 -7.50 3.29 12.45
C ASN A 53 -8.67 3.66 11.52
N GLU A 54 -8.42 4.60 10.61
CA GLU A 54 -9.39 4.96 9.56
C GLU A 54 -8.86 4.57 8.18
N MET A 55 -9.59 3.72 7.45
CA MET A 55 -9.16 3.25 6.13
C MET A 55 -8.95 4.41 5.14
N VAL A 56 -7.87 4.33 4.36
CA VAL A 56 -7.49 5.41 3.44
C VAL A 56 -8.42 5.46 2.22
N GLN A 57 -9.03 6.62 1.99
CA GLN A 57 -9.95 6.83 0.87
C GLN A 57 -9.23 7.41 -0.36
N PHE A 58 -9.23 6.65 -1.46
CA PHE A 58 -8.51 7.03 -2.69
C PHE A 58 -9.42 7.78 -3.67
N ASN A 59 -10.49 8.37 -3.15
CA ASN A 59 -11.50 9.09 -3.94
C ASN A 59 -10.97 10.37 -4.66
N THR A 60 -9.67 10.63 -4.58
CA THR A 60 -9.10 11.88 -5.14
C THR A 60 -7.71 11.67 -5.73
N ASP A 61 -7.22 12.66 -6.49
CA ASP A 61 -5.86 12.62 -7.04
C ASP A 61 -4.82 12.80 -5.92
N ARG A 62 -5.20 13.51 -4.86
CA ARG A 62 -4.29 13.80 -3.77
C ARG A 62 -3.98 12.53 -2.93
N ILE A 63 -4.87 11.54 -3.00
CA ILE A 63 -4.62 10.24 -2.38
C ILE A 63 -4.71 9.13 -3.45
N SER A 64 -3.65 8.34 -3.60
CA SER A 64 -3.59 7.35 -4.68
C SER A 64 -2.80 6.09 -4.29
N LEU A 65 -3.19 4.97 -4.89
CA LEU A 65 -2.49 3.69 -4.68
C LEU A 65 -2.43 2.88 -5.99
N TYR A 66 -1.25 2.38 -6.34
CA TYR A 66 -1.10 1.50 -7.50
C TYR A 66 -0.05 0.41 -7.27
N GLN A 67 -0.25 -0.74 -7.91
CA GLN A 67 0.73 -1.84 -7.85
C GLN A 67 1.06 -2.37 -9.26
N ASP A 68 2.33 -2.63 -9.52
CA ASP A 68 2.76 -3.17 -10.82
C ASP A 68 2.92 -4.71 -10.75
N ASN A 69 2.86 -5.35 -11.92
CA ASN A 69 3.00 -6.82 -12.02
C ASN A 69 4.30 -7.34 -11.39
N THR A 70 5.32 -6.48 -11.34
CA THR A 70 6.61 -6.86 -10.73
C THR A 70 6.51 -6.97 -9.20
N GLY A 71 5.33 -6.67 -8.65
CA GLY A 71 5.12 -6.73 -7.21
C GLY A 71 5.46 -5.44 -6.49
N ARG A 72 5.53 -4.32 -7.23
CA ARG A 72 5.88 -3.04 -6.64
C ARG A 72 4.62 -2.27 -6.20
N VAL A 73 4.46 -2.09 -4.90
CA VAL A 73 3.35 -1.31 -4.33
C VAL A 73 3.79 0.14 -4.07
N THR A 74 2.96 1.11 -4.47
CA THR A 74 3.27 2.53 -4.24
C THR A 74 2.05 3.32 -3.75
N LEU A 75 2.17 3.90 -2.56
CA LEU A 75 1.14 4.78 -1.99
C LEU A 75 1.53 6.25 -2.15
N LEU A 76 0.69 7.02 -2.82
CA LEU A 76 0.95 8.45 -3.06
C LEU A 76 0.03 9.33 -2.19
N ILE A 77 0.64 10.14 -1.33
CA ILE A 77 -0.11 11.08 -0.48
C ILE A 77 0.32 12.54 -0.75
N LYS A 78 -0.60 13.33 -1.30
CA LYS A 78 -0.32 14.71 -1.69
C LYS A 78 -1.10 15.70 -0.80
N ASP A 79 -0.58 16.93 -0.68
CA ASP A 79 -1.30 18.02 0.00
C ASP A 79 -1.68 17.64 1.46
N VAL A 80 -0.94 16.71 2.05
CA VAL A 80 -1.22 16.21 3.39
C VAL A 80 -0.91 17.27 4.47
N ASN A 81 -1.73 17.32 5.51
CA ASN A 81 -1.51 18.27 6.62
C ASN A 81 -1.40 17.55 7.97
N LYS A 82 -1.17 18.33 9.05
CA LYS A 82 -0.93 17.77 10.39
C LYS A 82 -1.96 16.71 10.81
N LYS A 83 -3.25 17.03 10.68
CA LYS A 83 -4.33 16.12 11.09
C LYS A 83 -4.40 14.84 10.22
N ASP A 84 -3.69 14.84 9.09
CA ASP A 84 -3.70 13.68 8.18
C ASP A 84 -2.50 12.74 8.43
N ALA A 85 -1.65 13.08 9.40
CA ALA A 85 -0.51 12.21 9.74
C ALA A 85 -0.95 11.07 10.67
N GLY A 86 -0.36 9.89 10.50
CA GLY A 86 -0.73 8.74 11.32
C GLY A 86 0.05 7.47 10.98
N TRP A 87 -0.37 6.36 11.59
CA TRP A 87 0.18 5.04 11.26
C TRP A 87 -0.65 4.34 10.17
N TYR A 88 0.01 3.94 9.09
CA TYR A 88 -0.64 3.25 7.98
C TYR A 88 -0.40 1.73 8.06
N THR A 89 -1.47 0.98 8.33
CA THR A 89 -1.38 -0.48 8.41
C THR A 89 -1.86 -1.12 7.10
N VAL A 90 -0.94 -1.75 6.38
CA VAL A 90 -1.22 -2.33 5.06
C VAL A 90 -1.40 -3.87 5.13
N SER A 91 -2.40 -4.36 4.39
CA SER A 91 -2.66 -5.80 4.27
C SER A 91 -2.84 -6.22 2.80
N ALA A 92 -2.23 -7.33 2.42
CA ALA A 92 -2.37 -7.87 1.07
C ALA A 92 -3.00 -9.26 1.10
N VAL A 93 -4.20 -9.41 0.53
CA VAL A 93 -4.92 -10.69 0.57
C VAL A 93 -5.01 -11.37 -0.81
N ASN A 94 -4.39 -12.54 -0.91
CA ASN A 94 -4.44 -13.39 -2.10
C ASN A 94 -5.26 -14.66 -1.78
N GLU A 95 -5.91 -15.23 -2.79
CA GLU A 95 -6.68 -16.47 -2.62
C GLU A 95 -5.84 -17.58 -1.94
N ALA A 96 -4.53 -17.55 -2.16
CA ALA A 96 -3.59 -18.47 -1.52
C ALA A 96 -3.41 -18.16 -0.02
N GLY A 97 -3.36 -16.87 0.33
CA GLY A 97 -3.11 -16.48 1.72
C GLY A 97 -3.02 -14.96 1.91
N VAL A 98 -2.80 -14.50 3.14
CA VAL A 98 -2.77 -13.06 3.45
C VAL A 98 -1.50 -12.65 4.23
N THR A 99 -1.09 -11.39 4.08
CA THR A 99 0.07 -10.84 4.80
C THR A 99 -0.16 -9.37 5.22
N THR A 100 0.33 -8.98 6.39
CA THR A 100 0.10 -7.62 6.92
C THR A 100 1.41 -6.96 7.43
N CYS A 101 1.46 -5.62 7.37
CA CYS A 101 2.59 -4.85 7.90
C CYS A 101 2.16 -3.44 8.33
N ASN A 102 2.94 -2.80 9.20
CA ASN A 102 2.61 -1.44 9.69
C ASN A 102 3.60 -0.38 9.17
N THR A 103 3.11 0.84 9.01
CA THR A 103 3.92 1.95 8.47
C THR A 103 3.63 3.26 9.23
N ARG A 104 4.63 4.15 9.33
CA ARG A 104 4.43 5.45 9.99
C ARG A 104 4.70 6.61 9.03
N LEU A 105 3.93 7.70 9.17
CA LEU A 105 4.17 8.93 8.42
C LEU A 105 4.10 10.16 9.33
N ASP A 106 5.12 11.02 9.26
CA ASP A 106 5.19 12.23 10.08
C ASP A 106 5.00 13.50 9.24
N VAL A 107 4.12 14.39 9.71
CA VAL A 107 3.90 15.68 9.04
C VAL A 107 4.14 16.86 10.01
N THR A 108 4.83 17.89 9.54
CA THR A 108 5.14 19.07 10.35
C THR A 108 4.42 20.32 9.82
N ALA A 109 4.01 21.20 10.73
CA ALA A 109 3.21 22.37 10.38
C ALA A 109 4.04 23.44 9.69
N ARG A 110 3.49 24.04 8.63
CA ARG A 110 4.19 25.08 7.88
C ARG A 110 4.17 26.42 8.63
N PRO A 111 5.29 27.16 8.61
CA PRO A 111 5.34 28.51 9.20
C PRO A 111 4.54 29.53 8.36
N ASN A 112 4.67 29.42 7.04
CA ASN A 112 3.91 30.24 6.08
C ASN A 112 3.70 29.46 4.77
N GLN A 113 2.66 29.81 4.02
CA GLN A 113 2.45 29.21 2.71
C GLN A 113 3.50 29.70 1.69
N THR A 114 3.95 28.80 0.83
CA THR A 114 4.98 29.13 -0.17
C THR A 114 4.36 29.71 -1.44
N LEU A 115 5.21 30.20 -2.35
CA LEU A 115 4.74 30.82 -3.59
C LEU A 115 5.06 29.93 -4.81
N PRO A 116 4.02 29.52 -5.58
CA PRO A 116 4.19 28.70 -6.80
C PRO A 116 4.95 29.43 -7.92
#